data_3BFH
# 
_entry.id   3BFH 
# 
_audit_conform.dict_name       mmcif_pdbx.dic 
_audit_conform.dict_version    5.398 
_audit_conform.dict_location   http://mmcif.pdb.org/dictionaries/ascii/mmcif_pdbx.dic 
# 
loop_
_database_2.database_id 
_database_2.database_code 
_database_2.pdbx_database_accession 
_database_2.pdbx_DOI 
PDB   3BFH         pdb_00003bfh 10.2210/pdb3bfh/pdb 
RCSB  RCSB045454   ?            ?                   
WWPDB D_1000045454 ?            ?                   
# 
loop_
_pdbx_audit_revision_history.ordinal 
_pdbx_audit_revision_history.data_content_type 
_pdbx_audit_revision_history.major_revision 
_pdbx_audit_revision_history.minor_revision 
_pdbx_audit_revision_history.revision_date 
1 'Structure model' 1 0 2008-06-10 
2 'Structure model' 1 1 2011-07-13 
3 'Structure model' 1 2 2023-11-01 
4 'Structure model' 1 3 2024-11-06 
# 
_pdbx_audit_revision_details.ordinal             1 
_pdbx_audit_revision_details.revision_ordinal    1 
_pdbx_audit_revision_details.data_content_type   'Structure model' 
_pdbx_audit_revision_details.provider            repository 
_pdbx_audit_revision_details.type                'Initial release' 
_pdbx_audit_revision_details.description         ? 
_pdbx_audit_revision_details.details             ? 
# 
loop_
_pdbx_audit_revision_group.ordinal 
_pdbx_audit_revision_group.revision_ordinal 
_pdbx_audit_revision_group.data_content_type 
_pdbx_audit_revision_group.group 
1 2 'Structure model' Advisory                    
2 2 'Structure model' 'Version format compliance' 
3 3 'Structure model' 'Data collection'           
4 3 'Structure model' 'Database references'       
5 3 'Structure model' 'Derived calculations'      
6 3 'Structure model' 'Refinement description'    
7 4 'Structure model' 'Structure summary'         
# 
loop_
_pdbx_audit_revision_category.ordinal 
_pdbx_audit_revision_category.revision_ordinal 
_pdbx_audit_revision_category.data_content_type 
_pdbx_audit_revision_category.category 
1 3 'Structure model' chem_comp_atom                
2 3 'Structure model' chem_comp_bond                
3 3 'Structure model' database_2                    
4 3 'Structure model' pdbx_initial_refinement_model 
5 3 'Structure model' struct_site                   
6 4 'Structure model' pdbx_entry_details            
7 4 'Structure model' pdbx_modification_feature     
# 
loop_
_pdbx_audit_revision_item.ordinal 
_pdbx_audit_revision_item.revision_ordinal 
_pdbx_audit_revision_item.data_content_type 
_pdbx_audit_revision_item.item 
1 3 'Structure model' '_database_2.pdbx_DOI'                
2 3 'Structure model' '_database_2.pdbx_database_accession' 
3 3 'Structure model' '_struct_site.pdbx_auth_asym_id'      
4 3 'Structure model' '_struct_site.pdbx_auth_comp_id'      
5 3 'Structure model' '_struct_site.pdbx_auth_seq_id'       
# 
_pdbx_database_status.status_code                     REL 
_pdbx_database_status.entry_id                        3BFH 
_pdbx_database_status.recvd_initial_deposition_date   2007-11-21 
_pdbx_database_status.deposit_site                    RCSB 
_pdbx_database_status.process_site                    PDBJ 
_pdbx_database_status.status_code_sf                  REL 
_pdbx_database_status.status_code_mr                  ? 
_pdbx_database_status.SG_entry                        ? 
_pdbx_database_status.pdb_format_compatible           Y 
_pdbx_database_status.status_code_cs                  ? 
_pdbx_database_status.status_code_nmr_data            ? 
_pdbx_database_status.methods_development_category    ? 
# 
loop_
_pdbx_database_related.db_name 
_pdbx_database_related.db_id 
_pdbx_database_related.details 
_pdbx_database_related.content_type 
PDB 1R5R 'The same protein in complex with the n-butyl benzenesulfonamide' unspecified 
PDB 3BFA 'The same protein in complex with the queen mandibular pheromone' unspecified 
PDB 3BFB 'The same protein in complex with the 9-keto-2(E)-decenoic acid'  unspecified 
PDB 2H8V 'Uncomplexed form of the same protein'                            unspecified 
# 
loop_
_audit_author.name 
_audit_author.pdbx_ordinal 
'Pesenti, M.E.'   1 
'Spinelli, S.'    2 
'Bezirard, V.'    3 
'Briand, L.'      4 
'Pernollet, J.C.' 5 
'Tegoni, M.'      6 
'Cambillau, C.'   7 
# 
_citation.id                        primary 
_citation.title                     'Structural basis of the honey bee PBP pheromone and pH-induced conformational change' 
_citation.journal_abbrev            J.Mol.Biol. 
_citation.journal_volume            380 
_citation.page_first                158 
_citation.page_last                 169 
_citation.year                      2008 
_citation.journal_id_ASTM           JMOBAK 
_citation.country                   UK 
_citation.journal_id_ISSN           0022-2836 
_citation.journal_id_CSD            0070 
_citation.book_publisher            ? 
_citation.pdbx_database_id_PubMed   18508083 
_citation.pdbx_database_id_DOI      10.1016/j.jmb.2008.04.048 
# 
loop_
_citation_author.citation_id 
_citation_author.name 
_citation_author.ordinal 
_citation_author.identifier_ORCID 
primary 'Pesenti, M.E.'   1 ? 
primary 'Spinelli, S.'    2 ? 
primary 'Bezirard, V.'    3 ? 
primary 'Briand, L.'      4 ? 
primary 'Pernollet, J.C.' 5 ? 
primary 'Tegoni, M.'      6 ? 
primary 'Cambillau, C.'   7 ? 
# 
loop_
_entity.id 
_entity.type 
_entity.src_method 
_entity.pdbx_description 
_entity.formula_weight 
_entity.pdbx_number_of_molecules 
_entity.pdbx_ec 
_entity.pdbx_mutation 
_entity.pdbx_fragment 
_entity.details 
1 polymer     man 'Pheromone-binding protein ASP1' 13194.789 1  ? ? 'UNP residues 26-144' ? 
2 non-polymer syn 'CHLORIDE ION'                   35.453    1  ? ? ?                     ? 
3 non-polymer syn 'PALMITIC ACID'                  256.424   1  ? ? ?                     ? 
4 water       nat water                            18.015    82 ? ? ?                     ? 
# 
_entity_poly.entity_id                      1 
_entity_poly.type                           'polypeptide(L)' 
_entity_poly.nstd_linkage                   no 
_entity_poly.nstd_monomer                   no 
_entity_poly.pdbx_seq_one_letter_code       
;APDWVPPEVFDLVAEDKARCMSEHGTTQAQIDDVDKGNLVNEPSITCYMYCLLEAFSLVDDEANVDEDIMLGLLPDQLQE
RAQSVMGKCLPTSGSDNCNKIYNLAKCVQESAPDVWFVI
;
_entity_poly.pdbx_seq_one_letter_code_can   
;APDWVPPEVFDLVAEDKARCMSEHGTTQAQIDDVDKGNLVNEPSITCYMYCLLEAFSLVDDEANVDEDIMLGLLPDQLQE
RAQSVMGKCLPTSGSDNCNKIYNLAKCVQESAPDVWFVI
;
_entity_poly.pdbx_strand_id                 A 
_entity_poly.pdbx_target_identifier         ? 
# 
loop_
_pdbx_entity_nonpoly.entity_id 
_pdbx_entity_nonpoly.name 
_pdbx_entity_nonpoly.comp_id 
2 'CHLORIDE ION'  CL  
3 'PALMITIC ACID' PLM 
4 water           HOH 
# 
loop_
_entity_poly_seq.entity_id 
_entity_poly_seq.num 
_entity_poly_seq.mon_id 
_entity_poly_seq.hetero 
1 1   ALA n 
1 2   PRO n 
1 3   ASP n 
1 4   TRP n 
1 5   VAL n 
1 6   PRO n 
1 7   PRO n 
1 8   GLU n 
1 9   VAL n 
1 10  PHE n 
1 11  ASP n 
1 12  LEU n 
1 13  VAL n 
1 14  ALA n 
1 15  GLU n 
1 16  ASP n 
1 17  LYS n 
1 18  ALA n 
1 19  ARG n 
1 20  CYS n 
1 21  MET n 
1 22  SER n 
1 23  GLU n 
1 24  HIS n 
1 25  GLY n 
1 26  THR n 
1 27  THR n 
1 28  GLN n 
1 29  ALA n 
1 30  GLN n 
1 31  ILE n 
1 32  ASP n 
1 33  ASP n 
1 34  VAL n 
1 35  ASP n 
1 36  LYS n 
1 37  GLY n 
1 38  ASN n 
1 39  LEU n 
1 40  VAL n 
1 41  ASN n 
1 42  GLU n 
1 43  PRO n 
1 44  SER n 
1 45  ILE n 
1 46  THR n 
1 47  CYS n 
1 48  TYR n 
1 49  MET n 
1 50  TYR n 
1 51  CYS n 
1 52  LEU n 
1 53  LEU n 
1 54  GLU n 
1 55  ALA n 
1 56  PHE n 
1 57  SER n 
1 58  LEU n 
1 59  VAL n 
1 60  ASP n 
1 61  ASP n 
1 62  GLU n 
1 63  ALA n 
1 64  ASN n 
1 65  VAL n 
1 66  ASP n 
1 67  GLU n 
1 68  ASP n 
1 69  ILE n 
1 70  MET n 
1 71  LEU n 
1 72  GLY n 
1 73  LEU n 
1 74  LEU n 
1 75  PRO n 
1 76  ASP n 
1 77  GLN n 
1 78  LEU n 
1 79  GLN n 
1 80  GLU n 
1 81  ARG n 
1 82  ALA n 
1 83  GLN n 
1 84  SER n 
1 85  VAL n 
1 86  MET n 
1 87  GLY n 
1 88  LYS n 
1 89  CYS n 
1 90  LEU n 
1 91  PRO n 
1 92  THR n 
1 93  SER n 
1 94  GLY n 
1 95  SER n 
1 96  ASP n 
1 97  ASN n 
1 98  CYS n 
1 99  ASN n 
1 100 LYS n 
1 101 ILE n 
1 102 TYR n 
1 103 ASN n 
1 104 LEU n 
1 105 ALA n 
1 106 LYS n 
1 107 CYS n 
1 108 VAL n 
1 109 GLN n 
1 110 GLU n 
1 111 SER n 
1 112 ALA n 
1 113 PRO n 
1 114 ASP n 
1 115 VAL n 
1 116 TRP n 
1 117 PHE n 
1 118 VAL n 
1 119 ILE n 
# 
_entity_src_gen.entity_id                          1 
_entity_src_gen.pdbx_src_id                        1 
_entity_src_gen.pdbx_alt_source_flag               sample 
_entity_src_gen.pdbx_seq_type                      ? 
_entity_src_gen.pdbx_beg_seq_num                   ? 
_entity_src_gen.pdbx_end_seq_num                   ? 
_entity_src_gen.gene_src_common_name               Honeybee 
_entity_src_gen.gene_src_genus                     ? 
_entity_src_gen.pdbx_gene_src_gene                 ? 
_entity_src_gen.gene_src_species                   ? 
_entity_src_gen.gene_src_strain                    ? 
_entity_src_gen.gene_src_tissue                    ? 
_entity_src_gen.gene_src_tissue_fraction           ? 
_entity_src_gen.gene_src_details                   ? 
_entity_src_gen.pdbx_gene_src_fragment             ? 
_entity_src_gen.pdbx_gene_src_scientific_name      'Apis mellifera' 
_entity_src_gen.pdbx_gene_src_ncbi_taxonomy_id     ? 
_entity_src_gen.pdbx_gene_src_variant              ? 
_entity_src_gen.pdbx_gene_src_cell_line            ? 
_entity_src_gen.pdbx_gene_src_atcc                 ? 
_entity_src_gen.pdbx_gene_src_organ                ? 
_entity_src_gen.pdbx_gene_src_organelle            ? 
_entity_src_gen.pdbx_gene_src_cell                 ? 
_entity_src_gen.pdbx_gene_src_cellular_location    ? 
_entity_src_gen.host_org_common_name               ? 
_entity_src_gen.pdbx_host_org_scientific_name      'Pichia pastoris' 
_entity_src_gen.pdbx_host_org_ncbi_taxonomy_id     ? 
_entity_src_gen.host_org_genus                     ? 
_entity_src_gen.pdbx_host_org_gene                 ? 
_entity_src_gen.pdbx_host_org_organ                ? 
_entity_src_gen.host_org_species                   ? 
_entity_src_gen.pdbx_host_org_tissue               ? 
_entity_src_gen.pdbx_host_org_tissue_fraction      ? 
_entity_src_gen.pdbx_host_org_strain               ? 
_entity_src_gen.pdbx_host_org_variant              ? 
_entity_src_gen.pdbx_host_org_cell_line            ? 
_entity_src_gen.pdbx_host_org_atcc                 ? 
_entity_src_gen.pdbx_host_org_culture_collection   ? 
_entity_src_gen.pdbx_host_org_cell                 ? 
_entity_src_gen.pdbx_host_org_organelle            ? 
_entity_src_gen.pdbx_host_org_cellular_location    ? 
_entity_src_gen.pdbx_host_org_vector_type          Plasmid 
_entity_src_gen.pdbx_host_org_vector               ? 
_entity_src_gen.host_org_details                   ? 
_entity_src_gen.expression_system_id               ? 
_entity_src_gen.plasmid_name                       pHIL-D2 
_entity_src_gen.plasmid_details                    ? 
_entity_src_gen.pdbx_description                   ? 
# 
loop_
_chem_comp.id 
_chem_comp.type 
_chem_comp.mon_nstd_flag 
_chem_comp.name 
_chem_comp.pdbx_synonyms 
_chem_comp.formula 
_chem_comp.formula_weight 
ALA 'L-peptide linking' y ALANINE         ? 'C3 H7 N O2'     89.093  
ARG 'L-peptide linking' y ARGININE        ? 'C6 H15 N4 O2 1' 175.209 
ASN 'L-peptide linking' y ASPARAGINE      ? 'C4 H8 N2 O3'    132.118 
ASP 'L-peptide linking' y 'ASPARTIC ACID' ? 'C4 H7 N O4'     133.103 
CL  non-polymer         . 'CHLORIDE ION'  ? 'Cl -1'          35.453  
CYS 'L-peptide linking' y CYSTEINE        ? 'C3 H7 N O2 S'   121.158 
GLN 'L-peptide linking' y GLUTAMINE       ? 'C5 H10 N2 O3'   146.144 
GLU 'L-peptide linking' y 'GLUTAMIC ACID' ? 'C5 H9 N O4'     147.129 
GLY 'peptide linking'   y GLYCINE         ? 'C2 H5 N O2'     75.067  
HIS 'L-peptide linking' y HISTIDINE       ? 'C6 H10 N3 O2 1' 156.162 
HOH non-polymer         . WATER           ? 'H2 O'           18.015  
ILE 'L-peptide linking' y ISOLEUCINE      ? 'C6 H13 N O2'    131.173 
LEU 'L-peptide linking' y LEUCINE         ? 'C6 H13 N O2'    131.173 
LYS 'L-peptide linking' y LYSINE          ? 'C6 H15 N2 O2 1' 147.195 
MET 'L-peptide linking' y METHIONINE      ? 'C5 H11 N O2 S'  149.211 
PHE 'L-peptide linking' y PHENYLALANINE   ? 'C9 H11 N O2'    165.189 
PLM non-polymer         . 'PALMITIC ACID' ? 'C16 H32 O2'     256.424 
PRO 'L-peptide linking' y PROLINE         ? 'C5 H9 N O2'     115.130 
SER 'L-peptide linking' y SERINE          ? 'C3 H7 N O3'     105.093 
THR 'L-peptide linking' y THREONINE       ? 'C4 H9 N O3'     119.119 
TRP 'L-peptide linking' y TRYPTOPHAN      ? 'C11 H12 N2 O2'  204.225 
TYR 'L-peptide linking' y TYROSINE        ? 'C9 H11 N O3'    181.189 
VAL 'L-peptide linking' y VALINE          ? 'C5 H11 N O2'    117.146 
# 
loop_
_pdbx_poly_seq_scheme.asym_id 
_pdbx_poly_seq_scheme.entity_id 
_pdbx_poly_seq_scheme.seq_id 
_pdbx_poly_seq_scheme.mon_id 
_pdbx_poly_seq_scheme.ndb_seq_num 
_pdbx_poly_seq_scheme.pdb_seq_num 
_pdbx_poly_seq_scheme.auth_seq_num 
_pdbx_poly_seq_scheme.pdb_mon_id 
_pdbx_poly_seq_scheme.auth_mon_id 
_pdbx_poly_seq_scheme.pdb_strand_id 
_pdbx_poly_seq_scheme.pdb_ins_code 
_pdbx_poly_seq_scheme.hetero 
A 1 1   ALA 1   1   ?   ?   ?   A . n 
A 1 2   PRO 2   2   ?   ?   ?   A . n 
A 1 3   ASP 3   3   ?   ?   ?   A . n 
A 1 4   TRP 4   4   4   TRP TRP A . n 
A 1 5   VAL 5   5   5   VAL VAL A . n 
A 1 6   PRO 6   6   6   PRO PRO A . n 
A 1 7   PRO 7   7   7   PRO PRO A . n 
A 1 8   GLU 8   8   8   GLU GLU A . n 
A 1 9   VAL 9   9   9   VAL VAL A . n 
A 1 10  PHE 10  10  10  PHE PHE A . n 
A 1 11  ASP 11  11  11  ASP ASP A . n 
A 1 12  LEU 12  12  12  LEU LEU A . n 
A 1 13  VAL 13  13  13  VAL VAL A . n 
A 1 14  ALA 14  14  14  ALA ALA A . n 
A 1 15  GLU 15  15  15  GLU GLU A . n 
A 1 16  ASP 16  16  16  ASP ASP A . n 
A 1 17  LYS 17  17  17  LYS LYS A . n 
A 1 18  ALA 18  18  18  ALA ALA A . n 
A 1 19  ARG 19  19  19  ARG ARG A . n 
A 1 20  CYS 20  20  20  CYS CYS A . n 
A 1 21  MET 21  21  21  MET MET A . n 
A 1 22  SER 22  22  22  SER SER A . n 
A 1 23  GLU 23  23  23  GLU GLU A . n 
A 1 24  HIS 24  24  24  HIS HIS A . n 
A 1 25  GLY 25  25  25  GLY GLY A . n 
A 1 26  THR 26  26  26  THR THR A . n 
A 1 27  THR 27  27  27  THR THR A . n 
A 1 28  GLN 28  28  28  GLN GLN A . n 
A 1 29  ALA 29  29  29  ALA ALA A . n 
A 1 30  GLN 30  30  30  GLN GLN A . n 
A 1 31  ILE 31  31  31  ILE ILE A . n 
A 1 32  ASP 32  32  32  ASP ASP A . n 
A 1 33  ASP 33  33  33  ASP ASP A . n 
A 1 34  VAL 34  34  34  VAL VAL A . n 
A 1 35  ASP 35  35  35  ASP ASP A . n 
A 1 36  LYS 36  36  36  LYS LYS A . n 
A 1 37  GLY 37  37  37  GLY GLY A . n 
A 1 38  ASN 38  38  38  ASN ASN A . n 
A 1 39  LEU 39  39  39  LEU LEU A . n 
A 1 40  VAL 40  40  40  VAL VAL A . n 
A 1 41  ASN 41  41  41  ASN ASN A . n 
A 1 42  GLU 42  42  42  GLU GLU A . n 
A 1 43  PRO 43  43  43  PRO PRO A . n 
A 1 44  SER 44  44  44  SER SER A . n 
A 1 45  ILE 45  45  45  ILE ILE A . n 
A 1 46  THR 46  46  46  THR THR A . n 
A 1 47  CYS 47  47  47  CYS CYS A . n 
A 1 48  TYR 48  48  48  TYR TYR A . n 
A 1 49  MET 49  49  49  MET MET A . n 
A 1 50  TYR 50  50  50  TYR TYR A . n 
A 1 51  CYS 51  51  51  CYS CYS A . n 
A 1 52  LEU 52  52  52  LEU LEU A . n 
A 1 53  LEU 53  53  53  LEU LEU A . n 
A 1 54  GLU 54  54  54  GLU GLU A . n 
A 1 55  ALA 55  55  55  ALA ALA A . n 
A 1 56  PHE 56  56  56  PHE PHE A . n 
A 1 57  SER 57  57  57  SER SER A . n 
A 1 58  LEU 58  58  58  LEU LEU A . n 
A 1 59  VAL 59  59  59  VAL VAL A . n 
A 1 60  ASP 60  60  60  ASP ASP A . n 
A 1 61  ASP 61  61  61  ASP ASP A . n 
A 1 62  GLU 62  62  62  GLU GLU A . n 
A 1 63  ALA 63  63  63  ALA ALA A . n 
A 1 64  ASN 64  64  64  ASN ASN A . n 
A 1 65  VAL 65  65  65  VAL VAL A . n 
A 1 66  ASP 66  66  66  ASP ASP A . n 
A 1 67  GLU 67  67  67  GLU GLU A . n 
A 1 68  ASP 68  68  68  ASP ASP A . n 
A 1 69  ILE 69  69  69  ILE ILE A . n 
A 1 70  MET 70  70  70  MET MET A . n 
A 1 71  LEU 71  71  71  LEU LEU A . n 
A 1 72  GLY 72  72  72  GLY GLY A . n 
A 1 73  LEU 73  73  73  LEU LEU A . n 
A 1 74  LEU 74  74  74  LEU LEU A . n 
A 1 75  PRO 75  75  75  PRO PRO A . n 
A 1 76  ASP 76  76  76  ASP ASP A . n 
A 1 77  GLN 77  77  77  GLN GLN A . n 
A 1 78  LEU 78  78  78  LEU LEU A . n 
A 1 79  GLN 79  79  79  GLN GLN A . n 
A 1 80  GLU 80  80  80  GLU GLU A . n 
A 1 81  ARG 81  81  81  ARG ARG A . n 
A 1 82  ALA 82  82  82  ALA ALA A . n 
A 1 83  GLN 83  83  83  GLN GLN A . n 
A 1 84  SER 84  84  84  SER SER A . n 
A 1 85  VAL 85  85  85  VAL VAL A . n 
A 1 86  MET 86  86  86  MET MET A . n 
A 1 87  GLY 87  87  87  GLY GLY A . n 
A 1 88  LYS 88  88  88  LYS LYS A . n 
A 1 89  CYS 89  89  89  CYS CYS A . n 
A 1 90  LEU 90  90  90  LEU LEU A . n 
A 1 91  PRO 91  91  91  PRO PRO A . n 
A 1 92  THR 92  92  92  THR THR A . n 
A 1 93  SER 93  93  93  SER SER A . n 
A 1 94  GLY 94  94  94  GLY GLY A . n 
A 1 95  SER 95  95  95  SER SER A . n 
A 1 96  ASP 96  96  96  ASP ASP A . n 
A 1 97  ASN 97  97  97  ASN ASN A . n 
A 1 98  CYS 98  98  98  CYS CYS A . n 
A 1 99  ASN 99  99  99  ASN ASN A . n 
A 1 100 LYS 100 100 100 LYS LYS A . n 
A 1 101 ILE 101 101 101 ILE ILE A . n 
A 1 102 TYR 102 102 102 TYR TYR A . n 
A 1 103 ASN 103 103 103 ASN ASN A . n 
A 1 104 LEU 104 104 104 LEU LEU A . n 
A 1 105 ALA 105 105 105 ALA ALA A . n 
A 1 106 LYS 106 106 106 LYS LYS A . n 
A 1 107 CYS 107 107 107 CYS CYS A . n 
A 1 108 VAL 108 108 108 VAL VAL A . n 
A 1 109 GLN 109 109 109 GLN GLN A . n 
A 1 110 GLU 110 110 110 GLU GLU A . n 
A 1 111 SER 111 111 111 SER SER A . n 
A 1 112 ALA 112 112 112 ALA ALA A . n 
A 1 113 PRO 113 113 113 PRO PRO A . n 
A 1 114 ASP 114 114 114 ASP ASP A . n 
A 1 115 VAL 115 115 115 VAL VAL A . n 
A 1 116 TRP 116 116 116 TRP TRP A . n 
A 1 117 PHE 117 117 117 PHE PHE A . n 
A 1 118 VAL 118 118 118 VAL VAL A . n 
A 1 119 ILE 119 119 119 ILE ILE A . n 
# 
loop_
_pdbx_nonpoly_scheme.asym_id 
_pdbx_nonpoly_scheme.entity_id 
_pdbx_nonpoly_scheme.mon_id 
_pdbx_nonpoly_scheme.ndb_seq_num 
_pdbx_nonpoly_scheme.pdb_seq_num 
_pdbx_nonpoly_scheme.auth_seq_num 
_pdbx_nonpoly_scheme.pdb_mon_id 
_pdbx_nonpoly_scheme.auth_mon_id 
_pdbx_nonpoly_scheme.pdb_strand_id 
_pdbx_nonpoly_scheme.pdb_ins_code 
B 2 CL  1  120 1  CL  CL  A . 
C 3 PLM 1  121 1  PLM C16 A . 
D 4 HOH 1  122 1  HOH HOH A . 
D 4 HOH 2  123 2  HOH HOH A . 
D 4 HOH 3  124 3  HOH HOH A . 
D 4 HOH 4  125 4  HOH HOH A . 
D 4 HOH 5  126 5  HOH HOH A . 
D 4 HOH 6  127 6  HOH HOH A . 
D 4 HOH 7  128 7  HOH HOH A . 
D 4 HOH 8  129 8  HOH HOH A . 
D 4 HOH 9  130 9  HOH HOH A . 
D 4 HOH 10 131 10 HOH HOH A . 
D 4 HOH 11 132 11 HOH HOH A . 
D 4 HOH 12 133 12 HOH HOH A . 
D 4 HOH 13 134 13 HOH HOH A . 
D 4 HOH 14 135 14 HOH HOH A . 
D 4 HOH 15 136 15 HOH HOH A . 
D 4 HOH 16 137 16 HOH HOH A . 
D 4 HOH 17 138 17 HOH HOH A . 
D 4 HOH 18 139 18 HOH HOH A . 
D 4 HOH 19 140 19 HOH HOH A . 
D 4 HOH 20 141 20 HOH HOH A . 
D 4 HOH 21 142 21 HOH HOH A . 
D 4 HOH 22 143 22 HOH HOH A . 
D 4 HOH 23 144 23 HOH HOH A . 
D 4 HOH 24 145 24 HOH HOH A . 
D 4 HOH 25 146 25 HOH HOH A . 
D 4 HOH 26 147 26 HOH HOH A . 
D 4 HOH 27 148 27 HOH HOH A . 
D 4 HOH 28 149 28 HOH HOH A . 
D 4 HOH 29 150 29 HOH HOH A . 
D 4 HOH 30 151 30 HOH HOH A . 
D 4 HOH 31 152 31 HOH HOH A . 
D 4 HOH 32 153 32 HOH HOH A . 
D 4 HOH 33 154 33 HOH HOH A . 
D 4 HOH 34 155 34 HOH HOH A . 
D 4 HOH 35 156 35 HOH HOH A . 
D 4 HOH 36 157 36 HOH HOH A . 
D 4 HOH 37 158 37 HOH HOH A . 
D 4 HOH 38 159 38 HOH HOH A . 
D 4 HOH 39 160 39 HOH HOH A . 
D 4 HOH 40 161 40 HOH HOH A . 
D 4 HOH 41 162 41 HOH HOH A . 
D 4 HOH 42 163 42 HOH HOH A . 
D 4 HOH 43 164 43 HOH HOH A . 
D 4 HOH 44 165 44 HOH HOH A . 
D 4 HOH 45 166 45 HOH HOH A . 
D 4 HOH 46 167 46 HOH HOH A . 
D 4 HOH 47 168 47 HOH HOH A . 
D 4 HOH 48 169 48 HOH HOH A . 
D 4 HOH 49 170 49 HOH HOH A . 
D 4 HOH 50 171 50 HOH HOH A . 
D 4 HOH 51 172 51 HOH HOH A . 
D 4 HOH 52 173 52 HOH HOH A . 
D 4 HOH 53 174 53 HOH HOH A . 
D 4 HOH 54 175 54 HOH HOH A . 
D 4 HOH 55 176 55 HOH HOH A . 
D 4 HOH 56 177 56 HOH HOH A . 
D 4 HOH 57 178 57 HOH HOH A . 
D 4 HOH 58 179 58 HOH HOH A . 
D 4 HOH 59 180 59 HOH HOH A . 
D 4 HOH 60 181 60 HOH HOH A . 
D 4 HOH 61 182 61 HOH HOH A . 
D 4 HOH 62 183 62 HOH HOH A . 
D 4 HOH 63 184 63 HOH HOH A . 
D 4 HOH 64 185 64 HOH HOH A . 
D 4 HOH 65 186 65 HOH HOH A . 
D 4 HOH 66 187 66 HOH HOH A . 
D 4 HOH 67 188 68 HOH HOH A . 
D 4 HOH 68 189 69 HOH HOH A . 
D 4 HOH 69 190 70 HOH HOH A . 
D 4 HOH 70 191 71 HOH HOH A . 
D 4 HOH 71 192 72 HOH HOH A . 
D 4 HOH 72 193 73 HOH HOH A . 
D 4 HOH 73 194 74 HOH HOH A . 
D 4 HOH 74 195 75 HOH HOH A . 
D 4 HOH 75 196 77 HOH HOH A . 
D 4 HOH 76 197 81 HOH HOH A . 
D 4 HOH 77 198 82 HOH HOH A . 
D 4 HOH 78 199 85 HOH HOH A . 
D 4 HOH 79 200 88 HOH HOH A . 
D 4 HOH 80 201 89 HOH HOH A . 
D 4 HOH 81 202 91 HOH HOH A . 
D 4 HOH 82 203 92 HOH HOH A . 
# 
loop_
_software.name 
_software.classification 
_software.version 
_software.citation_id 
_software.pdbx_ordinal 
REFMAC refinement        5.2.0019 ? 1 
ADSC   'data collection' Quantum  ? 2 
MOSFLM 'data reduction'  .        ? 3 
SCALA  'data scaling'    .        ? 4 
REFMAC phasing           5.2.0019 ? 5 
# 
_cell.entry_id           3BFH 
_cell.length_a           80.260 
_cell.length_b           84.348 
_cell.length_c           47.666 
_cell.angle_alpha        90.00 
_cell.angle_beta         90.00 
_cell.angle_gamma        90.00 
_cell.Z_PDB              8 
_cell.pdbx_unique_axis   ? 
_cell.length_a_esd       ? 
_cell.length_b_esd       ? 
_cell.length_c_esd       ? 
_cell.angle_alpha_esd    ? 
_cell.angle_beta_esd     ? 
_cell.angle_gamma_esd    ? 
# 
_symmetry.entry_id                         3BFH 
_symmetry.space_group_name_H-M             'C 2 2 21' 
_symmetry.pdbx_full_space_group_name_H-M   ? 
_symmetry.cell_setting                     ? 
_symmetry.Int_Tables_number                20 
_symmetry.space_group_name_Hall            ? 
# 
_exptl.entry_id          3BFH 
_exptl.method            'X-RAY DIFFRACTION' 
_exptl.crystals_number   1 
# 
_exptl_crystal.id                    1 
_exptl_crystal.density_meas          ? 
_exptl_crystal.density_Matthews      3.06 
_exptl_crystal.density_percent_sol   59.76 
_exptl_crystal.description           ? 
_exptl_crystal.F_000                 ? 
_exptl_crystal.preparation           ? 
# 
_exptl_crystal_grow.crystal_id      1 
_exptl_crystal_grow.method          'VAPOR DIFFUSION, SITTING DROP' 
_exptl_crystal_grow.temp            293 
_exptl_crystal_grow.temp_details    ? 
_exptl_crystal_grow.pH              5.5 
_exptl_crystal_grow.pdbx_details    
'1.7M ammonium sulfate, 0.1M sodium citrate, pH5.5, VAPOR DIFFUSION, SITTING DROP, temperature 293K' 
_exptl_crystal_grow.pdbx_pH_range   . 
# 
_diffrn.id                     1 
_diffrn.ambient_temp           100 
_diffrn.ambient_temp_details   ? 
_diffrn.crystal_id             1 
# 
_diffrn_detector.diffrn_id              1 
_diffrn_detector.detector               CCD 
_diffrn_detector.type                   'ADSC QUANTUM 210' 
_diffrn_detector.pdbx_collection_date   2007-04-29 
_diffrn_detector.details                'toroidal mirror' 
# 
_diffrn_radiation.diffrn_id                        1 
_diffrn_radiation.wavelength_id                    1 
_diffrn_radiation.pdbx_monochromatic_or_laue_m_l   M 
_diffrn_radiation.monochromator                    'Si 111' 
_diffrn_radiation.pdbx_diffrn_protocol             'SINGLE WAVELENGTH' 
_diffrn_radiation.pdbx_scattering_type             x-ray 
# 
_diffrn_radiation_wavelength.id           1 
_diffrn_radiation_wavelength.wavelength   0.934 
_diffrn_radiation_wavelength.wt           1.0 
# 
_diffrn_source.diffrn_id                   1 
_diffrn_source.source                      SYNCHROTRON 
_diffrn_source.type                        'ESRF BEAMLINE ID14-1' 
_diffrn_source.pdbx_synchrotron_site       ESRF 
_diffrn_source.pdbx_synchrotron_beamline   ID14-1 
_diffrn_source.pdbx_wavelength             ? 
_diffrn_source.pdbx_wavelength_list        0.934 
# 
_reflns.entry_id                     3BFH 
_reflns.observed_criterion_sigma_F   ? 
_reflns.observed_criterion_sigma_I   0 
_reflns.d_resolution_high            2.00 
_reflns.d_resolution_low             58.72 
_reflns.number_all                   11157 
_reflns.number_obs                   11157 
_reflns.percent_possible_obs         99.1 
_reflns.pdbx_Rmerge_I_obs            0.062 
_reflns.pdbx_Rsym_value              0.062 
_reflns.pdbx_netI_over_sigmaI        15.2 
_reflns.B_iso_Wilson_estimate        32.73 
_reflns.pdbx_redundancy              5.0 
_reflns.R_free_details               ? 
_reflns.limit_h_max                  ? 
_reflns.limit_h_min                  ? 
_reflns.limit_k_max                  ? 
_reflns.limit_k_min                  ? 
_reflns.limit_l_max                  ? 
_reflns.limit_l_min                  ? 
_reflns.observed_criterion_F_max     ? 
_reflns.observed_criterion_F_min     ? 
_reflns.pdbx_chi_squared             ? 
_reflns.pdbx_scaling_rejects         ? 
_reflns.pdbx_ordinal                 1 
_reflns.pdbx_diffrn_id               1 
# 
_reflns_shell.d_res_high             2.00 
_reflns_shell.d_res_low              2.11 
_reflns_shell.percent_possible_all   99.5 
_reflns_shell.Rmerge_I_obs           0.459 
_reflns_shell.pdbx_Rsym_value        0.459 
_reflns_shell.meanI_over_sigI_obs    3.8 
_reflns_shell.pdbx_redundancy        5.1 
_reflns_shell.percent_possible_obs   ? 
_reflns_shell.number_unique_all      1604 
_reflns_shell.number_measured_all    ? 
_reflns_shell.number_measured_obs    ? 
_reflns_shell.number_unique_obs      ? 
_reflns_shell.pdbx_chi_squared       ? 
_reflns_shell.pdbx_ordinal           1 
_reflns_shell.pdbx_diffrn_id         1 
# 
_refine.entry_id                                 3BFH 
_refine.ls_number_reflns_obs                     10190 
_refine.ls_number_reflns_all                     10190 
_refine.pdbx_ls_sigma_I                          ? 
_refine.pdbx_ls_sigma_F                          0 
_refine.pdbx_data_cutoff_high_absF               ? 
_refine.pdbx_data_cutoff_low_absF                ? 
_refine.pdbx_data_cutoff_high_rms_absF           ? 
_refine.ls_d_res_low                             40.00 
_refine.ls_d_res_high                            2.00 
_refine.ls_percent_reflns_obs                    99.07 
_refine.ls_R_factor_obs                          0.17609 
_refine.ls_R_factor_all                          0.17609 
_refine.ls_R_factor_R_work                       0.1726 
_refine.ls_R_factor_R_free                       0.21032 
_refine.ls_R_factor_R_free_error                 ? 
_refine.ls_R_factor_R_free_error_details         ? 
_refine.ls_percent_reflns_R_free                 8.8 
_refine.ls_number_reflns_R_free                  984 
_refine.ls_number_parameters                     ? 
_refine.ls_number_restraints                     ? 
_refine.occupancy_min                            ? 
_refine.occupancy_max                            ? 
_refine.correlation_coeff_Fo_to_Fc               0.960 
_refine.correlation_coeff_Fo_to_Fc_free          0.942 
_refine.B_iso_mean                               41.526 
_refine.aniso_B[1][1]                            0.73 
_refine.aniso_B[2][2]                            0.39 
_refine.aniso_B[3][3]                            -1.11 
_refine.aniso_B[1][2]                            0.00 
_refine.aniso_B[1][3]                            0.00 
_refine.aniso_B[2][3]                            0.00 
_refine.solvent_model_details                    'BABINET MODEL WITH MASK' 
_refine.solvent_model_param_ksol                 ? 
_refine.solvent_model_param_bsol                 ? 
_refine.pdbx_solvent_vdw_probe_radii             1.20 
_refine.pdbx_solvent_ion_probe_radii             0.80 
_refine.pdbx_solvent_shrinkage_radii             0.80 
_refine.pdbx_ls_cross_valid_method               THROUGHOUT 
_refine.details                                  'HYDROGENS HAVE BEEN ADDED IN THE RIDING POSITIONS' 
_refine.pdbx_starting_model                      'PDB ENTRY 1R5R' 
_refine.pdbx_method_to_determine_struct          'FOURIER SYNTHESIS' 
_refine.pdbx_isotropic_thermal_model             ? 
_refine.pdbx_stereochemistry_target_values       'MAXIMUM LIKELIHOOD' 
_refine.pdbx_stereochem_target_val_spec_case     ? 
_refine.pdbx_R_Free_selection_details            RANDOM 
_refine.pdbx_overall_ESU_R                       0.147 
_refine.pdbx_overall_ESU_R_Free                  0.138 
_refine.overall_SU_ML                            0.100 
_refine.overall_SU_B                             6.913 
_refine.ls_redundancy_reflns_obs                 ? 
_refine.B_iso_min                                ? 
_refine.B_iso_max                                ? 
_refine.overall_SU_R_Cruickshank_DPI             ? 
_refine.overall_SU_R_free                        ? 
_refine.ls_wR_factor_R_free                      ? 
_refine.ls_wR_factor_R_work                      ? 
_refine.overall_FOM_free_R_set                   ? 
_refine.overall_FOM_work_R_set                   ? 
_refine.pdbx_overall_phase_error                 ? 
_refine.pdbx_refine_id                           'X-RAY DIFFRACTION' 
_refine.pdbx_TLS_residual_ADP_flag               'LIKELY RESIDUAL' 
_refine.pdbx_diffrn_id                           1 
_refine.pdbx_overall_SU_R_free_Cruickshank_DPI   ? 
_refine.pdbx_overall_SU_R_Blow_DPI               ? 
_refine.pdbx_overall_SU_R_free_Blow_DPI          ? 
# 
_refine_analyze.entry_id                        3BFH 
_refine_analyze.Luzzati_coordinate_error_obs    ? 
_refine_analyze.Luzzati_sigma_a_obs             ? 
_refine_analyze.Luzzati_d_res_low_obs           ? 
_refine_analyze.Luzzati_coordinate_error_free   0.138 
_refine_analyze.Luzzati_sigma_a_free            ? 
_refine_analyze.Luzzati_d_res_low_free          ? 
_refine_analyze.number_disordered_residues      ? 
_refine_analyze.occupancy_sum_non_hydrogen      ? 
_refine_analyze.occupancy_sum_hydrogen          ? 
_refine_analyze.pdbx_Luzzati_d_res_high_obs     ? 
_refine_analyze.pdbx_refine_id                  'X-RAY DIFFRACTION' 
# 
_refine_hist.pdbx_refine_id                   'X-RAY DIFFRACTION' 
_refine_hist.cycle_id                         LAST 
_refine_hist.pdbx_number_atoms_protein        899 
_refine_hist.pdbx_number_atoms_nucleic_acid   0 
_refine_hist.pdbx_number_atoms_ligand         19 
_refine_hist.number_atoms_solvent             82 
_refine_hist.number_atoms_total               1000 
_refine_hist.d_res_high                       2.00 
_refine_hist.d_res_low                        40.00 
# 
loop_
_refine_ls_restr.type 
_refine_ls_restr.dev_ideal 
_refine_ls_restr.dev_ideal_target 
_refine_ls_restr.weight 
_refine_ls_restr.number 
_refine_ls_restr.pdbx_refine_id 
_refine_ls_restr.pdbx_restraint_function 
r_bond_refined_d         0.013  0.022  ? 962  'X-RAY DIFFRACTION' ? 
r_bond_other_d           0.001  0.020  ? 648  'X-RAY DIFFRACTION' ? 
r_angle_refined_deg      1.410  1.985  ? 1305 'X-RAY DIFFRACTION' ? 
r_angle_other_deg        1.057  3.007  ? 1604 'X-RAY DIFFRACTION' ? 
r_dihedral_angle_1_deg   6.140  5.000  ? 115  'X-RAY DIFFRACTION' ? 
r_dihedral_angle_2_deg   33.753 27.234 ? 47   'X-RAY DIFFRACTION' ? 
r_dihedral_angle_3_deg   15.837 15.000 ? 170  'X-RAY DIFFRACTION' ? 
r_dihedral_angle_4_deg   10.319 15.000 ? 2    'X-RAY DIFFRACTION' ? 
r_chiral_restr           0.114  0.200  ? 148  'X-RAY DIFFRACTION' ? 
r_gen_planes_refined     0.005  0.020  ? 1044 'X-RAY DIFFRACTION' ? 
r_gen_planes_other       0.001  0.020  ? 156  'X-RAY DIFFRACTION' ? 
r_nbd_refined            0.222  0.200  ? 224  'X-RAY DIFFRACTION' ? 
r_nbd_other              0.182  0.200  ? 620  'X-RAY DIFFRACTION' ? 
r_nbtor_refined          0.179  0.200  ? 483  'X-RAY DIFFRACTION' ? 
r_nbtor_other            0.093  0.200  ? 461  'X-RAY DIFFRACTION' ? 
r_xyhbond_nbd_refined    0.232  0.200  ? 58   'X-RAY DIFFRACTION' ? 
r_symmetry_vdw_refined   0.217  0.200  ? 24   'X-RAY DIFFRACTION' ? 
r_symmetry_vdw_other     0.248  0.200  ? 26   'X-RAY DIFFRACTION' ? 
r_symmetry_hbond_refined 0.214  0.200  ? 13   'X-RAY DIFFRACTION' ? 
r_mcbond_it              0.696  1.500  ? 753  'X-RAY DIFFRACTION' ? 
r_mcbond_other           0.197  1.500  ? 231  'X-RAY DIFFRACTION' ? 
r_mcangle_it             0.952  2.000  ? 960  'X-RAY DIFFRACTION' ? 
r_scbond_it              1.546  3.000  ? 426  'X-RAY DIFFRACTION' ? 
r_scangle_it             2.265  4.500  ? 345  'X-RAY DIFFRACTION' ? 
# 
_refine_ls_shell.pdbx_total_number_of_bins_used   20 
_refine_ls_shell.d_res_high                       2.000 
_refine_ls_shell.d_res_low                        2.052 
_refine_ls_shell.number_reflns_R_work             737 
_refine_ls_shell.R_factor_R_work                  0.207 
_refine_ls_shell.percent_reflns_obs               99.88 
_refine_ls_shell.R_factor_R_free                  0.241 
_refine_ls_shell.R_factor_R_free_error            ? 
_refine_ls_shell.percent_reflns_R_free            ? 
_refine_ls_shell.number_reflns_R_free             73 
_refine_ls_shell.number_reflns_all                ? 
_refine_ls_shell.R_factor_all                     ? 
_refine_ls_shell.number_reflns_obs                737 
_refine_ls_shell.redundancy_reflns_obs            ? 
_refine_ls_shell.pdbx_refine_id                   'X-RAY DIFFRACTION' 
# 
_struct.entry_id                  3BFH 
_struct.title                     
'Crystal structure of a pheromone binding protein from Apis mellifera in complex with hexadecanoic acid' 
_struct.pdbx_model_details        ? 
_struct.pdbx_CASP_flag            N 
_struct.pdbx_model_type_details   ? 
# 
_struct_keywords.entry_id        3BFH 
_struct_keywords.pdbx_keywords   'PHEROMONE BINDING PROTEIN' 
_struct_keywords.text            
;Honeybee, Apis mellifera, pheromone binding protein, signal transduction, queen mandibular pheromone, hexadecanoic acid, PHEROMONE-BINDING PROTEIN
;
# 
loop_
_struct_asym.id 
_struct_asym.pdbx_blank_PDB_chainid_flag 
_struct_asym.pdbx_modified 
_struct_asym.entity_id 
_struct_asym.details 
A N N 1 ? 
B N N 2 ? 
C N N 3 ? 
D N N 4 ? 
# 
_struct_ref.id                         1 
_struct_ref.db_name                    UNP 
_struct_ref.db_code                    Q9U9J6_APIME 
_struct_ref.pdbx_db_accession          Q9U9J6 
_struct_ref.entity_id                  1 
_struct_ref.pdbx_seq_one_letter_code   
;APDWVPPEVFDLVAEDKARCMSEHGTTQAQIDDVDKGNLVNEPSITCYMYCLLEAFSLVDDEANVDEDIMLGLLPDQLQE
RAQSVMGKCLPTSGSDNCNKIYNLAKCVQESAPDVWFVI
;
_struct_ref.pdbx_align_begin           26 
_struct_ref.pdbx_db_isoform            ? 
# 
_struct_ref_seq.align_id                      1 
_struct_ref_seq.ref_id                        1 
_struct_ref_seq.pdbx_PDB_id_code              3BFH 
_struct_ref_seq.pdbx_strand_id                A 
_struct_ref_seq.seq_align_beg                 1 
_struct_ref_seq.pdbx_seq_align_beg_ins_code   ? 
_struct_ref_seq.seq_align_end                 119 
_struct_ref_seq.pdbx_seq_align_end_ins_code   ? 
_struct_ref_seq.pdbx_db_accession             Q9U9J6 
_struct_ref_seq.db_align_beg                  26 
_struct_ref_seq.pdbx_db_align_beg_ins_code    ? 
_struct_ref_seq.db_align_end                  144 
_struct_ref_seq.pdbx_db_align_end_ins_code    ? 
_struct_ref_seq.pdbx_auth_seq_align_beg       1 
_struct_ref_seq.pdbx_auth_seq_align_end       119 
# 
_pdbx_struct_assembly.id                   1 
_pdbx_struct_assembly.details              author_and_software_defined_assembly 
_pdbx_struct_assembly.method_details       PISA 
_pdbx_struct_assembly.oligomeric_details   monomeric 
_pdbx_struct_assembly.oligomeric_count     1 
# 
_pdbx_struct_assembly_gen.assembly_id       1 
_pdbx_struct_assembly_gen.oper_expression   1 
_pdbx_struct_assembly_gen.asym_id_list      A,B,C,D 
# 
_pdbx_struct_oper_list.id                   1 
_pdbx_struct_oper_list.type                 'identity operation' 
_pdbx_struct_oper_list.name                 1_555 
_pdbx_struct_oper_list.symmetry_operation   x,y,z 
_pdbx_struct_oper_list.matrix[1][1]         1.0000000000 
_pdbx_struct_oper_list.matrix[1][2]         0.0000000000 
_pdbx_struct_oper_list.matrix[1][3]         0.0000000000 
_pdbx_struct_oper_list.vector[1]            0.0000000000 
_pdbx_struct_oper_list.matrix[2][1]         0.0000000000 
_pdbx_struct_oper_list.matrix[2][2]         1.0000000000 
_pdbx_struct_oper_list.matrix[2][3]         0.0000000000 
_pdbx_struct_oper_list.vector[2]            0.0000000000 
_pdbx_struct_oper_list.matrix[3][1]         0.0000000000 
_pdbx_struct_oper_list.matrix[3][2]         0.0000000000 
_pdbx_struct_oper_list.matrix[3][3]         1.0000000000 
_pdbx_struct_oper_list.vector[3]            0.0000000000 
# 
_struct_biol.id        1 
_struct_biol.details   ? 
# 
loop_
_struct_conf.conf_type_id 
_struct_conf.id 
_struct_conf.pdbx_PDB_helix_id 
_struct_conf.beg_label_comp_id 
_struct_conf.beg_label_asym_id 
_struct_conf.beg_label_seq_id 
_struct_conf.pdbx_beg_PDB_ins_code 
_struct_conf.end_label_comp_id 
_struct_conf.end_label_asym_id 
_struct_conf.end_label_seq_id 
_struct_conf.pdbx_end_PDB_ins_code 
_struct_conf.beg_auth_comp_id 
_struct_conf.beg_auth_asym_id 
_struct_conf.beg_auth_seq_id 
_struct_conf.end_auth_comp_id 
_struct_conf.end_auth_asym_id 
_struct_conf.end_auth_seq_id 
_struct_conf.pdbx_PDB_helix_class 
_struct_conf.details 
_struct_conf.pdbx_PDB_helix_length 
HELX_P HELX_P1 1 PRO A 7  ? GLY A 25  ? PRO A 7  GLY A 25  1 ? 19 
HELX_P HELX_P2 2 THR A 27 ? LYS A 36  ? THR A 27 LYS A 36  1 ? 10 
HELX_P HELX_P3 3 GLU A 42 ? PHE A 56  ? GLU A 42 PHE A 56  1 ? 15 
HELX_P HELX_P4 4 ASP A 66 ? LEU A 74  ? ASP A 66 LEU A 74  1 ? 9  
HELX_P HELX_P5 5 PRO A 75 ? GLN A 77  ? PRO A 75 GLN A 77  5 ? 3  
HELX_P HELX_P6 6 LEU A 78 ? LEU A 90  ? LEU A 78 LEU A 90  1 ? 13 
HELX_P HELX_P7 7 ASP A 96 ? ALA A 112 ? ASP A 96 ALA A 112 1 ? 17 
# 
_struct_conf_type.id          HELX_P 
_struct_conf_type.criteria    ? 
_struct_conf_type.reference   ? 
# 
loop_
_struct_conn.id 
_struct_conn.conn_type_id 
_struct_conn.pdbx_leaving_atom_flag 
_struct_conn.pdbx_PDB_id 
_struct_conn.ptnr1_label_asym_id 
_struct_conn.ptnr1_label_comp_id 
_struct_conn.ptnr1_label_seq_id 
_struct_conn.ptnr1_label_atom_id 
_struct_conn.pdbx_ptnr1_label_alt_id 
_struct_conn.pdbx_ptnr1_PDB_ins_code 
_struct_conn.pdbx_ptnr1_standard_comp_id 
_struct_conn.ptnr1_symmetry 
_struct_conn.ptnr2_label_asym_id 
_struct_conn.ptnr2_label_comp_id 
_struct_conn.ptnr2_label_seq_id 
_struct_conn.ptnr2_label_atom_id 
_struct_conn.pdbx_ptnr2_label_alt_id 
_struct_conn.pdbx_ptnr2_PDB_ins_code 
_struct_conn.ptnr1_auth_asym_id 
_struct_conn.ptnr1_auth_comp_id 
_struct_conn.ptnr1_auth_seq_id 
_struct_conn.ptnr2_auth_asym_id 
_struct_conn.ptnr2_auth_comp_id 
_struct_conn.ptnr2_auth_seq_id 
_struct_conn.ptnr2_symmetry 
_struct_conn.pdbx_ptnr3_label_atom_id 
_struct_conn.pdbx_ptnr3_label_seq_id 
_struct_conn.pdbx_ptnr3_label_comp_id 
_struct_conn.pdbx_ptnr3_label_asym_id 
_struct_conn.pdbx_ptnr3_label_alt_id 
_struct_conn.pdbx_ptnr3_PDB_ins_code 
_struct_conn.details 
_struct_conn.pdbx_dist_value 
_struct_conn.pdbx_value_order 
_struct_conn.pdbx_role 
disulf1 disulf ? ? A CYS 20 SG ? ? ? 1_555 A CYS 51  SG ? ? A CYS 20 A CYS 51  1_555 ? ? ? ? ? ? ? 2.052 ? ? 
disulf2 disulf ? ? A CYS 47 SG ? ? ? 1_555 A CYS 98  SG ? ? A CYS 47 A CYS 98  1_555 ? ? ? ? ? ? ? 2.112 ? ? 
disulf3 disulf ? ? A CYS 89 SG ? ? ? 1_555 A CYS 107 SG ? ? A CYS 89 A CYS 107 1_555 ? ? ? ? ? ? ? 2.051 ? ? 
# 
_struct_conn_type.id          disulf 
_struct_conn_type.criteria    ? 
_struct_conn_type.reference   ? 
# 
loop_
_pdbx_modification_feature.ordinal 
_pdbx_modification_feature.label_comp_id 
_pdbx_modification_feature.label_asym_id 
_pdbx_modification_feature.label_seq_id 
_pdbx_modification_feature.label_alt_id 
_pdbx_modification_feature.modified_residue_label_comp_id 
_pdbx_modification_feature.modified_residue_label_asym_id 
_pdbx_modification_feature.modified_residue_label_seq_id 
_pdbx_modification_feature.modified_residue_label_alt_id 
_pdbx_modification_feature.auth_comp_id 
_pdbx_modification_feature.auth_asym_id 
_pdbx_modification_feature.auth_seq_id 
_pdbx_modification_feature.PDB_ins_code 
_pdbx_modification_feature.symmetry 
_pdbx_modification_feature.modified_residue_auth_comp_id 
_pdbx_modification_feature.modified_residue_auth_asym_id 
_pdbx_modification_feature.modified_residue_auth_seq_id 
_pdbx_modification_feature.modified_residue_PDB_ins_code 
_pdbx_modification_feature.modified_residue_symmetry 
_pdbx_modification_feature.comp_id_linking_atom 
_pdbx_modification_feature.modified_residue_id_linking_atom 
_pdbx_modification_feature.modified_residue_id 
_pdbx_modification_feature.ref_pcm_id 
_pdbx_modification_feature.ref_comp_id 
_pdbx_modification_feature.type 
_pdbx_modification_feature.category 
1 CYS A 20 ? CYS A 51  ? CYS A 20 ? 1_555 CYS A 51  ? 1_555 SG SG . . . None 'Disulfide bridge' 
2 CYS A 47 ? CYS A 98  ? CYS A 47 ? 1_555 CYS A 98  ? 1_555 SG SG . . . None 'Disulfide bridge' 
3 CYS A 89 ? CYS A 107 ? CYS A 89 ? 1_555 CYS A 107 ? 1_555 SG SG . . . None 'Disulfide bridge' 
# 
_struct_mon_prot_cis.pdbx_id                1 
_struct_mon_prot_cis.label_comp_id          LEU 
_struct_mon_prot_cis.label_seq_id           90 
_struct_mon_prot_cis.label_asym_id          A 
_struct_mon_prot_cis.label_alt_id           . 
_struct_mon_prot_cis.pdbx_PDB_ins_code      ? 
_struct_mon_prot_cis.auth_comp_id           LEU 
_struct_mon_prot_cis.auth_seq_id            90 
_struct_mon_prot_cis.auth_asym_id           A 
_struct_mon_prot_cis.pdbx_label_comp_id_2   PRO 
_struct_mon_prot_cis.pdbx_label_seq_id_2    91 
_struct_mon_prot_cis.pdbx_label_asym_id_2   A 
_struct_mon_prot_cis.pdbx_PDB_ins_code_2    ? 
_struct_mon_prot_cis.pdbx_auth_comp_id_2    PRO 
_struct_mon_prot_cis.pdbx_auth_seq_id_2     91 
_struct_mon_prot_cis.pdbx_auth_asym_id_2    A 
_struct_mon_prot_cis.pdbx_PDB_model_num     1 
_struct_mon_prot_cis.pdbx_omega_angle       1.99 
# 
loop_
_struct_site.id 
_struct_site.pdbx_evidence_code 
_struct_site.pdbx_auth_asym_id 
_struct_site.pdbx_auth_comp_id 
_struct_site.pdbx_auth_seq_id 
_struct_site.pdbx_auth_ins_code 
_struct_site.pdbx_num_residues 
_struct_site.details 
AC1 Software A CL  120 ? 2 'BINDING SITE FOR RESIDUE CL A 120'  
AC2 Software A PLM 121 ? 5 'BINDING SITE FOR RESIDUE PLM A 121' 
# 
loop_
_struct_site_gen.id 
_struct_site_gen.site_id 
_struct_site_gen.pdbx_num_res 
_struct_site_gen.label_comp_id 
_struct_site_gen.label_asym_id 
_struct_site_gen.label_seq_id 
_struct_site_gen.pdbx_auth_ins_code 
_struct_site_gen.auth_comp_id 
_struct_site_gen.auth_asym_id 
_struct_site_gen.auth_seq_id 
_struct_site_gen.label_atom_id 
_struct_site_gen.label_alt_id 
_struct_site_gen.symmetry 
_struct_site_gen.details 
1 AC1 2 PRO A 91  ? PRO A 91  . ? 1_555 ? 
2 AC1 2 THR A 92  ? THR A 92  . ? 1_555 ? 
3 AC2 5 LEU A 12  ? LEU A 12  . ? 1_555 ? 
4 AC2 5 LEU A 53  ? LEU A 53  . ? 1_555 ? 
5 AC2 5 PHE A 56  ? PHE A 56  . ? 1_555 ? 
6 AC2 5 LEU A 73  ? LEU A 73  . ? 1_555 ? 
7 AC2 5 TRP A 116 ? TRP A 116 . ? 1_555 ? 
# 
_pdbx_entry_details.entry_id                   3BFH 
_pdbx_entry_details.compound_details           ? 
_pdbx_entry_details.source_details             ? 
_pdbx_entry_details.nonpolymer_details         ? 
_pdbx_entry_details.sequence_details           ? 
_pdbx_entry_details.has_ligand_of_interest     ? 
_pdbx_entry_details.has_protein_modification   Y 
# 
_pdbx_validate_torsion.id              1 
_pdbx_validate_torsion.PDB_model_num   1 
_pdbx_validate_torsion.auth_comp_id    ALA 
_pdbx_validate_torsion.auth_asym_id    A 
_pdbx_validate_torsion.auth_seq_id     112 
_pdbx_validate_torsion.PDB_ins_code    ? 
_pdbx_validate_torsion.label_alt_id    ? 
_pdbx_validate_torsion.phi             -154.17 
_pdbx_validate_torsion.psi             74.85 
# 
loop_
_pdbx_struct_special_symmetry.id 
_pdbx_struct_special_symmetry.PDB_model_num 
_pdbx_struct_special_symmetry.auth_asym_id 
_pdbx_struct_special_symmetry.auth_comp_id 
_pdbx_struct_special_symmetry.auth_seq_id 
_pdbx_struct_special_symmetry.PDB_ins_code 
_pdbx_struct_special_symmetry.label_asym_id 
_pdbx_struct_special_symmetry.label_comp_id 
_pdbx_struct_special_symmetry.label_seq_id 
1 1 A HOH 122 ? D HOH . 
2 1 A HOH 123 ? D HOH . 
3 1 A HOH 173 ? D HOH . 
4 1 A HOH 193 ? D HOH . 
# 
loop_
_pdbx_refine_tls.id 
_pdbx_refine_tls.details 
_pdbx_refine_tls.method 
_pdbx_refine_tls.origin_x 
_pdbx_refine_tls.origin_y 
_pdbx_refine_tls.origin_z 
_pdbx_refine_tls.T[1][1] 
_pdbx_refine_tls.T[2][2] 
_pdbx_refine_tls.T[3][3] 
_pdbx_refine_tls.T[1][2] 
_pdbx_refine_tls.T[1][3] 
_pdbx_refine_tls.T[2][3] 
_pdbx_refine_tls.L[1][1] 
_pdbx_refine_tls.L[2][2] 
_pdbx_refine_tls.L[3][3] 
_pdbx_refine_tls.L[1][2] 
_pdbx_refine_tls.L[1][3] 
_pdbx_refine_tls.L[2][3] 
_pdbx_refine_tls.S[1][1] 
_pdbx_refine_tls.S[1][2] 
_pdbx_refine_tls.S[1][3] 
_pdbx_refine_tls.S[2][1] 
_pdbx_refine_tls.S[2][2] 
_pdbx_refine_tls.S[2][3] 
_pdbx_refine_tls.S[3][1] 
_pdbx_refine_tls.S[3][2] 
_pdbx_refine_tls.S[3][3] 
_pdbx_refine_tls.pdbx_refine_id 
1 ? refined 5.0304  -0.4832 1.7787  -0.0940 -0.1879 -0.2035 -0.0756 0.0136  0.0464 5.4155 3.8829 3.0019  -2.6232 -1.4711 0.6108  0.2346 0.1584 0.6278 -0.6067 0.1709  -0.0051 -0.5626 -0.0588 -0.4055 'X-RAY DIFFRACTION' 
2 ? refined -8.9748 9.1878  -3.5314 0.2451  0.1824  0.4894  0.1707  -0.2357 0.3184 5.0895 3.6813 3.7903  0.3226  2.1075  3.1067  0.4934 0.8912 0.8475 -0.7696 -0.4592 0.1505  -0.7065 -0.2545 -0.0342 'X-RAY DIFFRACTION' 
3 ? refined -4.8098 -4.1281 -1.9530 -0.0391 -0.1244 -0.0505 0.0335  -0.1454 0.0501 9.9372 9.3830 10.5114 -3.6191 -1.4830 -0.5787 0.5468 0.8377 0.1180 -1.2676 -0.3341 0.9862  -0.6587 -0.3363 -0.2126 'X-RAY DIFFRACTION' 
# 
loop_
_pdbx_refine_tls_group.id 
_pdbx_refine_tls_group.refine_tls_id 
_pdbx_refine_tls_group.beg_auth_asym_id 
_pdbx_refine_tls_group.beg_auth_seq_id 
_pdbx_refine_tls_group.beg_label_asym_id 
_pdbx_refine_tls_group.beg_label_seq_id 
_pdbx_refine_tls_group.end_auth_asym_id 
_pdbx_refine_tls_group.end_auth_seq_id 
_pdbx_refine_tls_group.end_label_asym_id 
_pdbx_refine_tls_group.end_label_seq_id 
_pdbx_refine_tls_group.selection 
_pdbx_refine_tls_group.pdbx_refine_id 
_pdbx_refine_tls_group.selection_details 
1 1 A 4  A 4  A 69  A 69  ? 'X-RAY DIFFRACTION' ? 
2 2 A 70 A 70 A 88  A 88  ? 'X-RAY DIFFRACTION' ? 
3 3 A 89 A 89 A 119 A 119 ? 'X-RAY DIFFRACTION' ? 
# 
loop_
_pdbx_unobs_or_zero_occ_residues.id 
_pdbx_unobs_or_zero_occ_residues.PDB_model_num 
_pdbx_unobs_or_zero_occ_residues.polymer_flag 
_pdbx_unobs_or_zero_occ_residues.occupancy_flag 
_pdbx_unobs_or_zero_occ_residues.auth_asym_id 
_pdbx_unobs_or_zero_occ_residues.auth_comp_id 
_pdbx_unobs_or_zero_occ_residues.auth_seq_id 
_pdbx_unobs_or_zero_occ_residues.PDB_ins_code 
_pdbx_unobs_or_zero_occ_residues.label_asym_id 
_pdbx_unobs_or_zero_occ_residues.label_comp_id 
_pdbx_unobs_or_zero_occ_residues.label_seq_id 
1 1 Y 1 A ALA 1 ? A ALA 1 
2 1 Y 1 A PRO 2 ? A PRO 2 
3 1 Y 1 A ASP 3 ? A ASP 3 
# 
loop_
_chem_comp_atom.comp_id 
_chem_comp_atom.atom_id 
_chem_comp_atom.type_symbol 
_chem_comp_atom.pdbx_aromatic_flag 
_chem_comp_atom.pdbx_stereo_config 
_chem_comp_atom.pdbx_ordinal 
ALA N    N  N N 1   
ALA CA   C  N S 2   
ALA C    C  N N 3   
ALA O    O  N N 4   
ALA CB   C  N N 5   
ALA OXT  O  N N 6   
ALA H    H  N N 7   
ALA H2   H  N N 8   
ALA HA   H  N N 9   
ALA HB1  H  N N 10  
ALA HB2  H  N N 11  
ALA HB3  H  N N 12  
ALA HXT  H  N N 13  
ARG N    N  N N 14  
ARG CA   C  N S 15  
ARG C    C  N N 16  
ARG O    O  N N 17  
ARG CB   C  N N 18  
ARG CG   C  N N 19  
ARG CD   C  N N 20  
ARG NE   N  N N 21  
ARG CZ   C  N N 22  
ARG NH1  N  N N 23  
ARG NH2  N  N N 24  
ARG OXT  O  N N 25  
ARG H    H  N N 26  
ARG H2   H  N N 27  
ARG HA   H  N N 28  
ARG HB2  H  N N 29  
ARG HB3  H  N N 30  
ARG HG2  H  N N 31  
ARG HG3  H  N N 32  
ARG HD2  H  N N 33  
ARG HD3  H  N N 34  
ARG HE   H  N N 35  
ARG HH11 H  N N 36  
ARG HH12 H  N N 37  
ARG HH21 H  N N 38  
ARG HH22 H  N N 39  
ARG HXT  H  N N 40  
ASN N    N  N N 41  
ASN CA   C  N S 42  
ASN C    C  N N 43  
ASN O    O  N N 44  
ASN CB   C  N N 45  
ASN CG   C  N N 46  
ASN OD1  O  N N 47  
ASN ND2  N  N N 48  
ASN OXT  O  N N 49  
ASN H    H  N N 50  
ASN H2   H  N N 51  
ASN HA   H  N N 52  
ASN HB2  H  N N 53  
ASN HB3  H  N N 54  
ASN HD21 H  N N 55  
ASN HD22 H  N N 56  
ASN HXT  H  N N 57  
ASP N    N  N N 58  
ASP CA   C  N S 59  
ASP C    C  N N 60  
ASP O    O  N N 61  
ASP CB   C  N N 62  
ASP CG   C  N N 63  
ASP OD1  O  N N 64  
ASP OD2  O  N N 65  
ASP OXT  O  N N 66  
ASP H    H  N N 67  
ASP H2   H  N N 68  
ASP HA   H  N N 69  
ASP HB2  H  N N 70  
ASP HB3  H  N N 71  
ASP HD2  H  N N 72  
ASP HXT  H  N N 73  
CL  CL   CL N N 74  
CYS N    N  N N 75  
CYS CA   C  N R 76  
CYS C    C  N N 77  
CYS O    O  N N 78  
CYS CB   C  N N 79  
CYS SG   S  N N 80  
CYS OXT  O  N N 81  
CYS H    H  N N 82  
CYS H2   H  N N 83  
CYS HA   H  N N 84  
CYS HB2  H  N N 85  
CYS HB3  H  N N 86  
CYS HG   H  N N 87  
CYS HXT  H  N N 88  
GLN N    N  N N 89  
GLN CA   C  N S 90  
GLN C    C  N N 91  
GLN O    O  N N 92  
GLN CB   C  N N 93  
GLN CG   C  N N 94  
GLN CD   C  N N 95  
GLN OE1  O  N N 96  
GLN NE2  N  N N 97  
GLN OXT  O  N N 98  
GLN H    H  N N 99  
GLN H2   H  N N 100 
GLN HA   H  N N 101 
GLN HB2  H  N N 102 
GLN HB3  H  N N 103 
GLN HG2  H  N N 104 
GLN HG3  H  N N 105 
GLN HE21 H  N N 106 
GLN HE22 H  N N 107 
GLN HXT  H  N N 108 
GLU N    N  N N 109 
GLU CA   C  N S 110 
GLU C    C  N N 111 
GLU O    O  N N 112 
GLU CB   C  N N 113 
GLU CG   C  N N 114 
GLU CD   C  N N 115 
GLU OE1  O  N N 116 
GLU OE2  O  N N 117 
GLU OXT  O  N N 118 
GLU H    H  N N 119 
GLU H2   H  N N 120 
GLU HA   H  N N 121 
GLU HB2  H  N N 122 
GLU HB3  H  N N 123 
GLU HG2  H  N N 124 
GLU HG3  H  N N 125 
GLU HE2  H  N N 126 
GLU HXT  H  N N 127 
GLY N    N  N N 128 
GLY CA   C  N N 129 
GLY C    C  N N 130 
GLY O    O  N N 131 
GLY OXT  O  N N 132 
GLY H    H  N N 133 
GLY H2   H  N N 134 
GLY HA2  H  N N 135 
GLY HA3  H  N N 136 
GLY HXT  H  N N 137 
HIS N    N  N N 138 
HIS CA   C  N S 139 
HIS C    C  N N 140 
HIS O    O  N N 141 
HIS CB   C  N N 142 
HIS CG   C  Y N 143 
HIS ND1  N  Y N 144 
HIS CD2  C  Y N 145 
HIS CE1  C  Y N 146 
HIS NE2  N  Y N 147 
HIS OXT  O  N N 148 
HIS H    H  N N 149 
HIS H2   H  N N 150 
HIS HA   H  N N 151 
HIS HB2  H  N N 152 
HIS HB3  H  N N 153 
HIS HD1  H  N N 154 
HIS HD2  H  N N 155 
HIS HE1  H  N N 156 
HIS HE2  H  N N 157 
HIS HXT  H  N N 158 
HOH O    O  N N 159 
HOH H1   H  N N 160 
HOH H2   H  N N 161 
ILE N    N  N N 162 
ILE CA   C  N S 163 
ILE C    C  N N 164 
ILE O    O  N N 165 
ILE CB   C  N S 166 
ILE CG1  C  N N 167 
ILE CG2  C  N N 168 
ILE CD1  C  N N 169 
ILE OXT  O  N N 170 
ILE H    H  N N 171 
ILE H2   H  N N 172 
ILE HA   H  N N 173 
ILE HB   H  N N 174 
ILE HG12 H  N N 175 
ILE HG13 H  N N 176 
ILE HG21 H  N N 177 
ILE HG22 H  N N 178 
ILE HG23 H  N N 179 
ILE HD11 H  N N 180 
ILE HD12 H  N N 181 
ILE HD13 H  N N 182 
ILE HXT  H  N N 183 
LEU N    N  N N 184 
LEU CA   C  N S 185 
LEU C    C  N N 186 
LEU O    O  N N 187 
LEU CB   C  N N 188 
LEU CG   C  N N 189 
LEU CD1  C  N N 190 
LEU CD2  C  N N 191 
LEU OXT  O  N N 192 
LEU H    H  N N 193 
LEU H2   H  N N 194 
LEU HA   H  N N 195 
LEU HB2  H  N N 196 
LEU HB3  H  N N 197 
LEU HG   H  N N 198 
LEU HD11 H  N N 199 
LEU HD12 H  N N 200 
LEU HD13 H  N N 201 
LEU HD21 H  N N 202 
LEU HD22 H  N N 203 
LEU HD23 H  N N 204 
LEU HXT  H  N N 205 
LYS N    N  N N 206 
LYS CA   C  N S 207 
LYS C    C  N N 208 
LYS O    O  N N 209 
LYS CB   C  N N 210 
LYS CG   C  N N 211 
LYS CD   C  N N 212 
LYS CE   C  N N 213 
LYS NZ   N  N N 214 
LYS OXT  O  N N 215 
LYS H    H  N N 216 
LYS H2   H  N N 217 
LYS HA   H  N N 218 
LYS HB2  H  N N 219 
LYS HB3  H  N N 220 
LYS HG2  H  N N 221 
LYS HG3  H  N N 222 
LYS HD2  H  N N 223 
LYS HD3  H  N N 224 
LYS HE2  H  N N 225 
LYS HE3  H  N N 226 
LYS HZ1  H  N N 227 
LYS HZ2  H  N N 228 
LYS HZ3  H  N N 229 
LYS HXT  H  N N 230 
MET N    N  N N 231 
MET CA   C  N S 232 
MET C    C  N N 233 
MET O    O  N N 234 
MET CB   C  N N 235 
MET CG   C  N N 236 
MET SD   S  N N 237 
MET CE   C  N N 238 
MET OXT  O  N N 239 
MET H    H  N N 240 
MET H2   H  N N 241 
MET HA   H  N N 242 
MET HB2  H  N N 243 
MET HB3  H  N N 244 
MET HG2  H  N N 245 
MET HG3  H  N N 246 
MET HE1  H  N N 247 
MET HE2  H  N N 248 
MET HE3  H  N N 249 
MET HXT  H  N N 250 
PHE N    N  N N 251 
PHE CA   C  N S 252 
PHE C    C  N N 253 
PHE O    O  N N 254 
PHE CB   C  N N 255 
PHE CG   C  Y N 256 
PHE CD1  C  Y N 257 
PHE CD2  C  Y N 258 
PHE CE1  C  Y N 259 
PHE CE2  C  Y N 260 
PHE CZ   C  Y N 261 
PHE OXT  O  N N 262 
PHE H    H  N N 263 
PHE H2   H  N N 264 
PHE HA   H  N N 265 
PHE HB2  H  N N 266 
PHE HB3  H  N N 267 
PHE HD1  H  N N 268 
PHE HD2  H  N N 269 
PHE HE1  H  N N 270 
PHE HE2  H  N N 271 
PHE HZ   H  N N 272 
PHE HXT  H  N N 273 
PLM C1   C  N N 274 
PLM O1   O  N N 275 
PLM O2   O  N N 276 
PLM C2   C  N N 277 
PLM C3   C  N N 278 
PLM C4   C  N N 279 
PLM C5   C  N N 280 
PLM C6   C  N N 281 
PLM C7   C  N N 282 
PLM C8   C  N N 283 
PLM C9   C  N N 284 
PLM CA   C  N N 285 
PLM CB   C  N N 286 
PLM CC   C  N N 287 
PLM CD   C  N N 288 
PLM CE   C  N N 289 
PLM CF   C  N N 290 
PLM CG   C  N N 291 
PLM H    H  N N 292 
PLM H21  H  N N 293 
PLM H22  H  N N 294 
PLM H31  H  N N 295 
PLM H32  H  N N 296 
PLM H41  H  N N 297 
PLM H42  H  N N 298 
PLM H51  H  N N 299 
PLM H52  H  N N 300 
PLM H61  H  N N 301 
PLM H62  H  N N 302 
PLM H71  H  N N 303 
PLM H72  H  N N 304 
PLM H81  H  N N 305 
PLM H82  H  N N 306 
PLM H91  H  N N 307 
PLM H92  H  N N 308 
PLM HA1  H  N N 309 
PLM HA2  H  N N 310 
PLM HB1  H  N N 311 
PLM HB2  H  N N 312 
PLM HC1  H  N N 313 
PLM HC2  H  N N 314 
PLM HD1  H  N N 315 
PLM HD2  H  N N 316 
PLM HE1  H  N N 317 
PLM HE2  H  N N 318 
PLM HF1  H  N N 319 
PLM HF2  H  N N 320 
PLM HG1  H  N N 321 
PLM HG2  H  N N 322 
PLM HG3  H  N N 323 
PRO N    N  N N 324 
PRO CA   C  N S 325 
PRO C    C  N N 326 
PRO O    O  N N 327 
PRO CB   C  N N 328 
PRO CG   C  N N 329 
PRO CD   C  N N 330 
PRO OXT  O  N N 331 
PRO H    H  N N 332 
PRO HA   H  N N 333 
PRO HB2  H  N N 334 
PRO HB3  H  N N 335 
PRO HG2  H  N N 336 
PRO HG3  H  N N 337 
PRO HD2  H  N N 338 
PRO HD3  H  N N 339 
PRO HXT  H  N N 340 
SER N    N  N N 341 
SER CA   C  N S 342 
SER C    C  N N 343 
SER O    O  N N 344 
SER CB   C  N N 345 
SER OG   O  N N 346 
SER OXT  O  N N 347 
SER H    H  N N 348 
SER H2   H  N N 349 
SER HA   H  N N 350 
SER HB2  H  N N 351 
SER HB3  H  N N 352 
SER HG   H  N N 353 
SER HXT  H  N N 354 
THR N    N  N N 355 
THR CA   C  N S 356 
THR C    C  N N 357 
THR O    O  N N 358 
THR CB   C  N R 359 
THR OG1  O  N N 360 
THR CG2  C  N N 361 
THR OXT  O  N N 362 
THR H    H  N N 363 
THR H2   H  N N 364 
THR HA   H  N N 365 
THR HB   H  N N 366 
THR HG1  H  N N 367 
THR HG21 H  N N 368 
THR HG22 H  N N 369 
THR HG23 H  N N 370 
THR HXT  H  N N 371 
TRP N    N  N N 372 
TRP CA   C  N S 373 
TRP C    C  N N 374 
TRP O    O  N N 375 
TRP CB   C  N N 376 
TRP CG   C  Y N 377 
TRP CD1  C  Y N 378 
TRP CD2  C  Y N 379 
TRP NE1  N  Y N 380 
TRP CE2  C  Y N 381 
TRP CE3  C  Y N 382 
TRP CZ2  C  Y N 383 
TRP CZ3  C  Y N 384 
TRP CH2  C  Y N 385 
TRP OXT  O  N N 386 
TRP H    H  N N 387 
TRP H2   H  N N 388 
TRP HA   H  N N 389 
TRP HB2  H  N N 390 
TRP HB3  H  N N 391 
TRP HD1  H  N N 392 
TRP HE1  H  N N 393 
TRP HE3  H  N N 394 
TRP HZ2  H  N N 395 
TRP HZ3  H  N N 396 
TRP HH2  H  N N 397 
TRP HXT  H  N N 398 
TYR N    N  N N 399 
TYR CA   C  N S 400 
TYR C    C  N N 401 
TYR O    O  N N 402 
TYR CB   C  N N 403 
TYR CG   C  Y N 404 
TYR CD1  C  Y N 405 
TYR CD2  C  Y N 406 
TYR CE1  C  Y N 407 
TYR CE2  C  Y N 408 
TYR CZ   C  Y N 409 
TYR OH   O  N N 410 
TYR OXT  O  N N 411 
TYR H    H  N N 412 
TYR H2   H  N N 413 
TYR HA   H  N N 414 
TYR HB2  H  N N 415 
TYR HB3  H  N N 416 
TYR HD1  H  N N 417 
TYR HD2  H  N N 418 
TYR HE1  H  N N 419 
TYR HE2  H  N N 420 
TYR HH   H  N N 421 
TYR HXT  H  N N 422 
VAL N    N  N N 423 
VAL CA   C  N S 424 
VAL C    C  N N 425 
VAL O    O  N N 426 
VAL CB   C  N N 427 
VAL CG1  C  N N 428 
VAL CG2  C  N N 429 
VAL OXT  O  N N 430 
VAL H    H  N N 431 
VAL H2   H  N N 432 
VAL HA   H  N N 433 
VAL HB   H  N N 434 
VAL HG11 H  N N 435 
VAL HG12 H  N N 436 
VAL HG13 H  N N 437 
VAL HG21 H  N N 438 
VAL HG22 H  N N 439 
VAL HG23 H  N N 440 
VAL HXT  H  N N 441 
# 
loop_
_chem_comp_bond.comp_id 
_chem_comp_bond.atom_id_1 
_chem_comp_bond.atom_id_2 
_chem_comp_bond.value_order 
_chem_comp_bond.pdbx_aromatic_flag 
_chem_comp_bond.pdbx_stereo_config 
_chem_comp_bond.pdbx_ordinal 
ALA N   CA   sing N N 1   
ALA N   H    sing N N 2   
ALA N   H2   sing N N 3   
ALA CA  C    sing N N 4   
ALA CA  CB   sing N N 5   
ALA CA  HA   sing N N 6   
ALA C   O    doub N N 7   
ALA C   OXT  sing N N 8   
ALA CB  HB1  sing N N 9   
ALA CB  HB2  sing N N 10  
ALA CB  HB3  sing N N 11  
ALA OXT HXT  sing N N 12  
ARG N   CA   sing N N 13  
ARG N   H    sing N N 14  
ARG N   H2   sing N N 15  
ARG CA  C    sing N N 16  
ARG CA  CB   sing N N 17  
ARG CA  HA   sing N N 18  
ARG C   O    doub N N 19  
ARG C   OXT  sing N N 20  
ARG CB  CG   sing N N 21  
ARG CB  HB2  sing N N 22  
ARG CB  HB3  sing N N 23  
ARG CG  CD   sing N N 24  
ARG CG  HG2  sing N N 25  
ARG CG  HG3  sing N N 26  
ARG CD  NE   sing N N 27  
ARG CD  HD2  sing N N 28  
ARG CD  HD3  sing N N 29  
ARG NE  CZ   sing N N 30  
ARG NE  HE   sing N N 31  
ARG CZ  NH1  sing N N 32  
ARG CZ  NH2  doub N N 33  
ARG NH1 HH11 sing N N 34  
ARG NH1 HH12 sing N N 35  
ARG NH2 HH21 sing N N 36  
ARG NH2 HH22 sing N N 37  
ARG OXT HXT  sing N N 38  
ASN N   CA   sing N N 39  
ASN N   H    sing N N 40  
ASN N   H2   sing N N 41  
ASN CA  C    sing N N 42  
ASN CA  CB   sing N N 43  
ASN CA  HA   sing N N 44  
ASN C   O    doub N N 45  
ASN C   OXT  sing N N 46  
ASN CB  CG   sing N N 47  
ASN CB  HB2  sing N N 48  
ASN CB  HB3  sing N N 49  
ASN CG  OD1  doub N N 50  
ASN CG  ND2  sing N N 51  
ASN ND2 HD21 sing N N 52  
ASN ND2 HD22 sing N N 53  
ASN OXT HXT  sing N N 54  
ASP N   CA   sing N N 55  
ASP N   H    sing N N 56  
ASP N   H2   sing N N 57  
ASP CA  C    sing N N 58  
ASP CA  CB   sing N N 59  
ASP CA  HA   sing N N 60  
ASP C   O    doub N N 61  
ASP C   OXT  sing N N 62  
ASP CB  CG   sing N N 63  
ASP CB  HB2  sing N N 64  
ASP CB  HB3  sing N N 65  
ASP CG  OD1  doub N N 66  
ASP CG  OD2  sing N N 67  
ASP OD2 HD2  sing N N 68  
ASP OXT HXT  sing N N 69  
CYS N   CA   sing N N 70  
CYS N   H    sing N N 71  
CYS N   H2   sing N N 72  
CYS CA  C    sing N N 73  
CYS CA  CB   sing N N 74  
CYS CA  HA   sing N N 75  
CYS C   O    doub N N 76  
CYS C   OXT  sing N N 77  
CYS CB  SG   sing N N 78  
CYS CB  HB2  sing N N 79  
CYS CB  HB3  sing N N 80  
CYS SG  HG   sing N N 81  
CYS OXT HXT  sing N N 82  
GLN N   CA   sing N N 83  
GLN N   H    sing N N 84  
GLN N   H2   sing N N 85  
GLN CA  C    sing N N 86  
GLN CA  CB   sing N N 87  
GLN CA  HA   sing N N 88  
GLN C   O    doub N N 89  
GLN C   OXT  sing N N 90  
GLN CB  CG   sing N N 91  
GLN CB  HB2  sing N N 92  
GLN CB  HB3  sing N N 93  
GLN CG  CD   sing N N 94  
GLN CG  HG2  sing N N 95  
GLN CG  HG3  sing N N 96  
GLN CD  OE1  doub N N 97  
GLN CD  NE2  sing N N 98  
GLN NE2 HE21 sing N N 99  
GLN NE2 HE22 sing N N 100 
GLN OXT HXT  sing N N 101 
GLU N   CA   sing N N 102 
GLU N   H    sing N N 103 
GLU N   H2   sing N N 104 
GLU CA  C    sing N N 105 
GLU CA  CB   sing N N 106 
GLU CA  HA   sing N N 107 
GLU C   O    doub N N 108 
GLU C   OXT  sing N N 109 
GLU CB  CG   sing N N 110 
GLU CB  HB2  sing N N 111 
GLU CB  HB3  sing N N 112 
GLU CG  CD   sing N N 113 
GLU CG  HG2  sing N N 114 
GLU CG  HG3  sing N N 115 
GLU CD  OE1  doub N N 116 
GLU CD  OE2  sing N N 117 
GLU OE2 HE2  sing N N 118 
GLU OXT HXT  sing N N 119 
GLY N   CA   sing N N 120 
GLY N   H    sing N N 121 
GLY N   H2   sing N N 122 
GLY CA  C    sing N N 123 
GLY CA  HA2  sing N N 124 
GLY CA  HA3  sing N N 125 
GLY C   O    doub N N 126 
GLY C   OXT  sing N N 127 
GLY OXT HXT  sing N N 128 
HIS N   CA   sing N N 129 
HIS N   H    sing N N 130 
HIS N   H2   sing N N 131 
HIS CA  C    sing N N 132 
HIS CA  CB   sing N N 133 
HIS CA  HA   sing N N 134 
HIS C   O    doub N N 135 
HIS C   OXT  sing N N 136 
HIS CB  CG   sing N N 137 
HIS CB  HB2  sing N N 138 
HIS CB  HB3  sing N N 139 
HIS CG  ND1  sing Y N 140 
HIS CG  CD2  doub Y N 141 
HIS ND1 CE1  doub Y N 142 
HIS ND1 HD1  sing N N 143 
HIS CD2 NE2  sing Y N 144 
HIS CD2 HD2  sing N N 145 
HIS CE1 NE2  sing Y N 146 
HIS CE1 HE1  sing N N 147 
HIS NE2 HE2  sing N N 148 
HIS OXT HXT  sing N N 149 
HOH O   H1   sing N N 150 
HOH O   H2   sing N N 151 
ILE N   CA   sing N N 152 
ILE N   H    sing N N 153 
ILE N   H2   sing N N 154 
ILE CA  C    sing N N 155 
ILE CA  CB   sing N N 156 
ILE CA  HA   sing N N 157 
ILE C   O    doub N N 158 
ILE C   OXT  sing N N 159 
ILE CB  CG1  sing N N 160 
ILE CB  CG2  sing N N 161 
ILE CB  HB   sing N N 162 
ILE CG1 CD1  sing N N 163 
ILE CG1 HG12 sing N N 164 
ILE CG1 HG13 sing N N 165 
ILE CG2 HG21 sing N N 166 
ILE CG2 HG22 sing N N 167 
ILE CG2 HG23 sing N N 168 
ILE CD1 HD11 sing N N 169 
ILE CD1 HD12 sing N N 170 
ILE CD1 HD13 sing N N 171 
ILE OXT HXT  sing N N 172 
LEU N   CA   sing N N 173 
LEU N   H    sing N N 174 
LEU N   H2   sing N N 175 
LEU CA  C    sing N N 176 
LEU CA  CB   sing N N 177 
LEU CA  HA   sing N N 178 
LEU C   O    doub N N 179 
LEU C   OXT  sing N N 180 
LEU CB  CG   sing N N 181 
LEU CB  HB2  sing N N 182 
LEU CB  HB3  sing N N 183 
LEU CG  CD1  sing N N 184 
LEU CG  CD2  sing N N 185 
LEU CG  HG   sing N N 186 
LEU CD1 HD11 sing N N 187 
LEU CD1 HD12 sing N N 188 
LEU CD1 HD13 sing N N 189 
LEU CD2 HD21 sing N N 190 
LEU CD2 HD22 sing N N 191 
LEU CD2 HD23 sing N N 192 
LEU OXT HXT  sing N N 193 
LYS N   CA   sing N N 194 
LYS N   H    sing N N 195 
LYS N   H2   sing N N 196 
LYS CA  C    sing N N 197 
LYS CA  CB   sing N N 198 
LYS CA  HA   sing N N 199 
LYS C   O    doub N N 200 
LYS C   OXT  sing N N 201 
LYS CB  CG   sing N N 202 
LYS CB  HB2  sing N N 203 
LYS CB  HB3  sing N N 204 
LYS CG  CD   sing N N 205 
LYS CG  HG2  sing N N 206 
LYS CG  HG3  sing N N 207 
LYS CD  CE   sing N N 208 
LYS CD  HD2  sing N N 209 
LYS CD  HD3  sing N N 210 
LYS CE  NZ   sing N N 211 
LYS CE  HE2  sing N N 212 
LYS CE  HE3  sing N N 213 
LYS NZ  HZ1  sing N N 214 
LYS NZ  HZ2  sing N N 215 
LYS NZ  HZ3  sing N N 216 
LYS OXT HXT  sing N N 217 
MET N   CA   sing N N 218 
MET N   H    sing N N 219 
MET N   H2   sing N N 220 
MET CA  C    sing N N 221 
MET CA  CB   sing N N 222 
MET CA  HA   sing N N 223 
MET C   O    doub N N 224 
MET C   OXT  sing N N 225 
MET CB  CG   sing N N 226 
MET CB  HB2  sing N N 227 
MET CB  HB3  sing N N 228 
MET CG  SD   sing N N 229 
MET CG  HG2  sing N N 230 
MET CG  HG3  sing N N 231 
MET SD  CE   sing N N 232 
MET CE  HE1  sing N N 233 
MET CE  HE2  sing N N 234 
MET CE  HE3  sing N N 235 
MET OXT HXT  sing N N 236 
PHE N   CA   sing N N 237 
PHE N   H    sing N N 238 
PHE N   H2   sing N N 239 
PHE CA  C    sing N N 240 
PHE CA  CB   sing N N 241 
PHE CA  HA   sing N N 242 
PHE C   O    doub N N 243 
PHE C   OXT  sing N N 244 
PHE CB  CG   sing N N 245 
PHE CB  HB2  sing N N 246 
PHE CB  HB3  sing N N 247 
PHE CG  CD1  doub Y N 248 
PHE CG  CD2  sing Y N 249 
PHE CD1 CE1  sing Y N 250 
PHE CD1 HD1  sing N N 251 
PHE CD2 CE2  doub Y N 252 
PHE CD2 HD2  sing N N 253 
PHE CE1 CZ   doub Y N 254 
PHE CE1 HE1  sing N N 255 
PHE CE2 CZ   sing Y N 256 
PHE CE2 HE2  sing N N 257 
PHE CZ  HZ   sing N N 258 
PHE OXT HXT  sing N N 259 
PLM C1  O1   sing N N 260 
PLM C1  O2   doub N N 261 
PLM C1  C2   sing N N 262 
PLM O1  H    sing N N 263 
PLM C2  C3   sing N N 264 
PLM C2  H21  sing N N 265 
PLM C2  H22  sing N N 266 
PLM C3  C4   sing N N 267 
PLM C3  H31  sing N N 268 
PLM C3  H32  sing N N 269 
PLM C4  C5   sing N N 270 
PLM C4  H41  sing N N 271 
PLM C4  H42  sing N N 272 
PLM C5  C6   sing N N 273 
PLM C5  H51  sing N N 274 
PLM C5  H52  sing N N 275 
PLM C6  C7   sing N N 276 
PLM C6  H61  sing N N 277 
PLM C6  H62  sing N N 278 
PLM C7  C8   sing N N 279 
PLM C7  H71  sing N N 280 
PLM C7  H72  sing N N 281 
PLM C8  C9   sing N N 282 
PLM C8  H81  sing N N 283 
PLM C8  H82  sing N N 284 
PLM C9  CA   sing N N 285 
PLM C9  H91  sing N N 286 
PLM C9  H92  sing N N 287 
PLM CA  CB   sing N N 288 
PLM CA  HA1  sing N N 289 
PLM CA  HA2  sing N N 290 
PLM CB  CC   sing N N 291 
PLM CB  HB1  sing N N 292 
PLM CB  HB2  sing N N 293 
PLM CC  CD   sing N N 294 
PLM CC  HC1  sing N N 295 
PLM CC  HC2  sing N N 296 
PLM CD  CE   sing N N 297 
PLM CD  HD1  sing N N 298 
PLM CD  HD2  sing N N 299 
PLM CE  CF   sing N N 300 
PLM CE  HE1  sing N N 301 
PLM CE  HE2  sing N N 302 
PLM CF  CG   sing N N 303 
PLM CF  HF1  sing N N 304 
PLM CF  HF2  sing N N 305 
PLM CG  HG1  sing N N 306 
PLM CG  HG2  sing N N 307 
PLM CG  HG3  sing N N 308 
PRO N   CA   sing N N 309 
PRO N   CD   sing N N 310 
PRO N   H    sing N N 311 
PRO CA  C    sing N N 312 
PRO CA  CB   sing N N 313 
PRO CA  HA   sing N N 314 
PRO C   O    doub N N 315 
PRO C   OXT  sing N N 316 
PRO CB  CG   sing N N 317 
PRO CB  HB2  sing N N 318 
PRO CB  HB3  sing N N 319 
PRO CG  CD   sing N N 320 
PRO CG  HG2  sing N N 321 
PRO CG  HG3  sing N N 322 
PRO CD  HD2  sing N N 323 
PRO CD  HD3  sing N N 324 
PRO OXT HXT  sing N N 325 
SER N   CA   sing N N 326 
SER N   H    sing N N 327 
SER N   H2   sing N N 328 
SER CA  C    sing N N 329 
SER CA  CB   sing N N 330 
SER CA  HA   sing N N 331 
SER C   O    doub N N 332 
SER C   OXT  sing N N 333 
SER CB  OG   sing N N 334 
SER CB  HB2  sing N N 335 
SER CB  HB3  sing N N 336 
SER OG  HG   sing N N 337 
SER OXT HXT  sing N N 338 
THR N   CA   sing N N 339 
THR N   H    sing N N 340 
THR N   H2   sing N N 341 
THR CA  C    sing N N 342 
THR CA  CB   sing N N 343 
THR CA  HA   sing N N 344 
THR C   O    doub N N 345 
THR C   OXT  sing N N 346 
THR CB  OG1  sing N N 347 
THR CB  CG2  sing N N 348 
THR CB  HB   sing N N 349 
THR OG1 HG1  sing N N 350 
THR CG2 HG21 sing N N 351 
THR CG2 HG22 sing N N 352 
THR CG2 HG23 sing N N 353 
THR OXT HXT  sing N N 354 
TRP N   CA   sing N N 355 
TRP N   H    sing N N 356 
TRP N   H2   sing N N 357 
TRP CA  C    sing N N 358 
TRP CA  CB   sing N N 359 
TRP CA  HA   sing N N 360 
TRP C   O    doub N N 361 
TRP C   OXT  sing N N 362 
TRP CB  CG   sing N N 363 
TRP CB  HB2  sing N N 364 
TRP CB  HB3  sing N N 365 
TRP CG  CD1  doub Y N 366 
TRP CG  CD2  sing Y N 367 
TRP CD1 NE1  sing Y N 368 
TRP CD1 HD1  sing N N 369 
TRP CD2 CE2  doub Y N 370 
TRP CD2 CE3  sing Y N 371 
TRP NE1 CE2  sing Y N 372 
TRP NE1 HE1  sing N N 373 
TRP CE2 CZ2  sing Y N 374 
TRP CE3 CZ3  doub Y N 375 
TRP CE3 HE3  sing N N 376 
TRP CZ2 CH2  doub Y N 377 
TRP CZ2 HZ2  sing N N 378 
TRP CZ3 CH2  sing Y N 379 
TRP CZ3 HZ3  sing N N 380 
TRP CH2 HH2  sing N N 381 
TRP OXT HXT  sing N N 382 
TYR N   CA   sing N N 383 
TYR N   H    sing N N 384 
TYR N   H2   sing N N 385 
TYR CA  C    sing N N 386 
TYR CA  CB   sing N N 387 
TYR CA  HA   sing N N 388 
TYR C   O    doub N N 389 
TYR C   OXT  sing N N 390 
TYR CB  CG   sing N N 391 
TYR CB  HB2  sing N N 392 
TYR CB  HB3  sing N N 393 
TYR CG  CD1  doub Y N 394 
TYR CG  CD2  sing Y N 395 
TYR CD1 CE1  sing Y N 396 
TYR CD1 HD1  sing N N 397 
TYR CD2 CE2  doub Y N 398 
TYR CD2 HD2  sing N N 399 
TYR CE1 CZ   doub Y N 400 
TYR CE1 HE1  sing N N 401 
TYR CE2 CZ   sing Y N 402 
TYR CE2 HE2  sing N N 403 
TYR CZ  OH   sing N N 404 
TYR OH  HH   sing N N 405 
TYR OXT HXT  sing N N 406 
VAL N   CA   sing N N 407 
VAL N   H    sing N N 408 
VAL N   H2   sing N N 409 
VAL CA  C    sing N N 410 
VAL CA  CB   sing N N 411 
VAL CA  HA   sing N N 412 
VAL C   O    doub N N 413 
VAL C   OXT  sing N N 414 
VAL CB  CG1  sing N N 415 
VAL CB  CG2  sing N N 416 
VAL CB  HB   sing N N 417 
VAL CG1 HG11 sing N N 418 
VAL CG1 HG12 sing N N 419 
VAL CG1 HG13 sing N N 420 
VAL CG2 HG21 sing N N 421 
VAL CG2 HG22 sing N N 422 
VAL CG2 HG23 sing N N 423 
VAL OXT HXT  sing N N 424 
# 
_pdbx_initial_refinement_model.id               1 
_pdbx_initial_refinement_model.entity_id_list   ? 
_pdbx_initial_refinement_model.type             'experimental model' 
_pdbx_initial_refinement_model.source_name      PDB 
_pdbx_initial_refinement_model.accession_code   1R5R 
_pdbx_initial_refinement_model.details          'PDB ENTRY 1R5R' 
# 
_atom_sites.entry_id                    3BFH 
_atom_sites.fract_transf_matrix[1][1]   0.00044448 
_atom_sites.fract_transf_matrix[1][2]   0.01244784 
_atom_sites.fract_transf_matrix[1][3]   -0.00028341 
_atom_sites.fract_transf_matrix[2][1]   -0.00063792 
_atom_sites.fract_transf_matrix[2][2]   -0.00024670 
_atom_sites.fract_transf_matrix[2][3]   -0.01183625 
_atom_sites.fract_transf_matrix[3][1]   -0.02093524 
_atom_sites.fract_transf_matrix[3][2]   0.00077287 
_atom_sites.fract_transf_matrix[3][3]   0.00111221 
_atom_sites.fract_transf_vector[1]      0.146382 
_atom_sites.fract_transf_vector[2]      0.161559 
_atom_sites.fract_transf_vector[3]      0.013219 
# 
loop_
_atom_type.symbol 
C  
CL 
N  
O  
S  
# 
loop_
_atom_site.group_PDB 
_atom_site.id 
_atom_site.type_symbol 
_atom_site.label_atom_id 
_atom_site.label_alt_id 
_atom_site.label_comp_id 
_atom_site.label_asym_id 
_atom_site.label_entity_id 
_atom_site.label_seq_id 
_atom_site.pdbx_PDB_ins_code 
_atom_site.Cartn_x 
_atom_site.Cartn_y 
_atom_site.Cartn_z 
_atom_site.occupancy 
_atom_site.B_iso_or_equiv 
_atom_site.pdbx_formal_charge 
_atom_site.auth_seq_id 
_atom_site.auth_comp_id 
_atom_site.auth_asym_id 
_atom_site.auth_atom_id 
_atom_site.pdbx_PDB_model_num 
ATOM   1    N  N   . TRP A 1 4   ? 2.263   10.862  -10.485 1.00 62.45 ? 4   TRP A N   1 
ATOM   2    C  CA  . TRP A 1 4   ? 1.664   11.963  -9.670  1.00 62.07 ? 4   TRP A CA  1 
ATOM   3    C  C   . TRP A 1 4   ? 2.393   12.116  -8.329  1.00 61.91 ? 4   TRP A C   1 
ATOM   4    O  O   . TRP A 1 4   ? 2.223   13.125  -7.644  1.00 62.73 ? 4   TRP A O   1 
ATOM   5    C  CB  . TRP A 1 4   ? 0.163   11.705  -9.423  1.00 62.16 ? 4   TRP A CB  1 
ATOM   6    C  CG  . TRP A 1 4   ? -0.120  10.341  -8.859  1.00 61.65 ? 4   TRP A CG  1 
ATOM   7    C  CD1 . TRP A 1 4   ? -0.427  9.210   -9.560  1.00 61.55 ? 4   TRP A CD1 1 
ATOM   8    C  CD2 . TRP A 1 4   ? -0.082  9.959   -7.477  1.00 61.53 ? 4   TRP A CD2 1 
ATOM   9    N  NE1 . TRP A 1 4   ? -0.589  8.144   -8.696  1.00 61.99 ? 4   TRP A NE1 1 
ATOM   10   C  CE2 . TRP A 1 4   ? -0.378  8.578   -7.415  1.00 61.52 ? 4   TRP A CE2 1 
ATOM   11   C  CE3 . TRP A 1 4   ? 0.178   10.649  -6.289  1.00 61.87 ? 4   TRP A CE3 1 
ATOM   12   C  CZ2 . TRP A 1 4   ? -0.430  7.878   -6.207  1.00 62.12 ? 4   TRP A CZ2 1 
ATOM   13   C  CZ3 . TRP A 1 4   ? 0.128   9.960   -5.095  1.00 61.72 ? 4   TRP A CZ3 1 
ATOM   14   C  CH2 . TRP A 1 4   ? -0.180  8.587   -5.060  1.00 62.29 ? 4   TRP A CH2 1 
ATOM   15   N  N   . VAL A 1 5   ? 3.210   11.129  -7.966  1.00 61.31 ? 5   VAL A N   1 
ATOM   16   C  CA  . VAL A 1 5   ? 3.864   11.119  -6.650  1.00 60.87 ? 5   VAL A CA  1 
ATOM   17   C  C   . VAL A 1 5   ? 5.030   12.103  -6.624  1.00 60.23 ? 5   VAL A C   1 
ATOM   18   O  O   . VAL A 1 5   ? 5.914   12.039  -7.483  1.00 60.51 ? 5   VAL A O   1 
ATOM   19   C  CB  . VAL A 1 5   ? 4.331   9.696   -6.244  1.00 61.35 ? 5   VAL A CB  1 
ATOM   20   C  CG1 . VAL A 1 5   ? 5.286   9.135   -7.268  1.00 62.54 ? 5   VAL A CG1 1 
ATOM   21   C  CG2 . VAL A 1 5   ? 4.948   9.672   -4.825  1.00 61.52 ? 5   VAL A CG2 1 
ATOM   22   N  N   . PRO A 1 6   ? 5.028   13.037  -5.658  1.00 59.20 ? 6   PRO A N   1 
ATOM   23   C  CA  . PRO A 1 6   ? 6.111   14.022  -5.643  1.00 58.42 ? 6   PRO A CA  1 
ATOM   24   C  C   . PRO A 1 6   ? 7.439   13.386  -5.229  1.00 57.73 ? 6   PRO A C   1 
ATOM   25   O  O   . PRO A 1 6   ? 7.442   12.442  -4.413  1.00 56.58 ? 6   PRO A O   1 
ATOM   26   C  CB  . PRO A 1 6   ? 5.667   15.047  -4.592  1.00 58.57 ? 6   PRO A CB  1 
ATOM   27   C  CG  . PRO A 1 6   ? 4.288   14.650  -4.167  1.00 58.63 ? 6   PRO A CG  1 
ATOM   28   C  CD  . PRO A 1 6   ? 4.073   13.235  -4.554  1.00 59.15 ? 6   PRO A CD  1 
ATOM   29   N  N   . PRO A 1 7   ? 8.562   13.894  -5.777  1.00 56.61 ? 7   PRO A N   1 
ATOM   30   C  CA  . PRO A 1 7   ? 9.870   13.313  -5.436  1.00 56.36 ? 7   PRO A CA  1 
ATOM   31   C  C   . PRO A 1 7   ? 10.210  13.398  -3.946  1.00 55.66 ? 7   PRO A C   1 
ATOM   32   O  O   . PRO A 1 7   ? 10.968  12.562  -3.428  1.00 55.23 ? 7   PRO A O   1 
ATOM   33   C  CB  . PRO A 1 7   ? 10.871  14.140  -6.264  1.00 56.26 ? 7   PRO A CB  1 
ATOM   34   C  CG  . PRO A 1 7   ? 10.065  14.949  -7.227  1.00 56.22 ? 7   PRO A CG  1 
ATOM   35   C  CD  . PRO A 1 7   ? 8.664   15.014  -6.732  1.00 56.84 ? 7   PRO A CD  1 
ATOM   36   N  N   . GLU A 1 8   ? 9.620   14.379  -3.261  1.00 55.30 ? 8   GLU A N   1 
ATOM   37   C  CA  . GLU A 1 8   ? 9.838   14.564  -1.837  1.00 55.41 ? 8   GLU A CA  1 
ATOM   38   C  C   . GLU A 1 8   ? 9.454   13.292  -1.076  1.00 55.50 ? 8   GLU A C   1 
ATOM   39   O  O   . GLU A 1 8   ? 10.066  12.956  -0.060  1.00 56.01 ? 8   GLU A O   1 
ATOM   40   C  CB  . GLU A 1 8   ? 9.020   15.754  -1.316  1.00 55.31 ? 8   GLU A CB  1 
ATOM   41   C  CG  . GLU A 1 8   ? 9.493   17.103  -1.810  1.00 56.18 ? 8   GLU A CG  1 
ATOM   42   C  CD  . GLU A 1 8   ? 9.215   17.357  -3.296  0.50 56.04 ? 8   GLU A CD  1 
ATOM   43   O  OE1 . GLU A 1 8   ? 8.285   16.721  -3.841  0.50 56.15 ? 8   GLU A OE1 1 
ATOM   44   O  OE2 . GLU A 1 8   ? 9.927   18.186  -3.913  0.50 55.40 ? 8   GLU A OE2 1 
ATOM   45   N  N   . VAL A 1 9   ? 8.450   12.574  -1.575  1.00 55.33 ? 9   VAL A N   1 
ATOM   46   C  CA  . VAL A 1 9   ? 7.965   11.392  -0.883  1.00 55.08 ? 9   VAL A CA  1 
ATOM   47   C  C   . VAL A 1 9   ? 9.066   10.357  -0.782  1.00 54.84 ? 9   VAL A C   1 
ATOM   48   O  O   . VAL A 1 9   ? 9.149   9.657   0.210   1.00 54.14 ? 9   VAL A O   1 
ATOM   49   C  CB  . VAL A 1 9   ? 6.714   10.791  -1.568  1.00 55.48 ? 9   VAL A CB  1 
ATOM   50   C  CG1 . VAL A 1 9   ? 6.232   9.553   -0.839  1.00 55.17 ? 9   VAL A CG1 1 
ATOM   51   C  CG2 . VAL A 1 9   ? 5.582   11.821  -1.589  1.00 56.71 ? 9   VAL A CG2 1 
ATOM   52   N  N   . PHE A 1 10  ? 9.952   10.295  -1.777  1.00 54.75 ? 10  PHE A N   1 
ATOM   53   C  CA  . PHE A 1 10  ? 10.952  9.220   -1.808  1.00 54.56 ? 10  PHE A CA  1 
ATOM   54   C  C   . PHE A 1 10  ? 11.936  9.337   -0.639  1.00 54.37 ? 10  PHE A C   1 
ATOM   55   O  O   . PHE A 1 10  ? 12.177  8.343   0.058   1.00 54.55 ? 10  PHE A O   1 
ATOM   56   C  CB  . PHE A 1 10  ? 11.596  9.081   -3.199  1.00 54.46 ? 10  PHE A CB  1 
ATOM   57   C  CG  . PHE A 1 10  ? 10.648  8.492   -4.210  1.00 54.45 ? 10  PHE A CG  1 
ATOM   58   C  CD1 . PHE A 1 10  ? 10.557  7.114   -4.380  1.00 56.42 ? 10  PHE A CD1 1 
ATOM   59   C  CD2 . PHE A 1 10  ? 9.761   9.296   -4.898  1.00 54.19 ? 10  PHE A CD2 1 
ATOM   60   C  CE1 . PHE A 1 10  ? 9.638   6.557   -5.282  1.00 55.46 ? 10  PHE A CE1 1 
ATOM   61   C  CE2 . PHE A 1 10  ? 8.851   8.753   -5.785  1.00 54.43 ? 10  PHE A CE2 1 
ATOM   62   C  CZ  . PHE A 1 10  ? 8.788   7.380   -5.979  1.00 55.55 ? 10  PHE A CZ  1 
ATOM   63   N  N   . ASP A 1 11  ? 12.405  10.542  -0.337  1.00 54.00 ? 11  ASP A N   1 
ATOM   64   C  CA  . ASP A 1 11  ? 13.282  10.704  0.823   1.00 54.18 ? 11  ASP A CA  1 
ATOM   65   C  C   . ASP A 1 11  ? 12.540  10.579  2.179   1.00 54.31 ? 11  ASP A C   1 
ATOM   66   O  O   . ASP A 1 11  ? 13.091  10.041  3.145   1.00 54.06 ? 11  ASP A O   1 
ATOM   67   C  CB  . ASP A 1 11  ? 14.088  12.001  0.744   0.50 54.03 ? 11  ASP A CB  1 
ATOM   68   C  CG  . ASP A 1 11  ? 15.447  11.856  1.378   0.50 54.11 ? 11  ASP A CG  1 
ATOM   69   O  OD1 . ASP A 1 11  ? 16.082  10.791  1.190   0.50 53.01 ? 11  ASP A OD1 1 
ATOM   70   O  OD2 . ASP A 1 11  ? 15.880  12.799  2.069   0.50 55.77 ? 11  ASP A OD2 1 
ATOM   71   N  N   . LEU A 1 12  ? 11.293  11.042  2.237   1.00 54.21 ? 12  LEU A N   1 
ATOM   72   C  CA  . LEU A 1 12  ? 10.466  10.856  3.431   1.00 53.77 ? 12  LEU A CA  1 
ATOM   73   C  C   . LEU A 1 12  ? 10.396  9.381   3.857   1.00 53.44 ? 12  LEU A C   1 
ATOM   74   O  O   . LEU A 1 12  ? 10.536  9.074   5.036   1.00 54.63 ? 12  LEU A O   1 
ATOM   75   C  CB  . LEU A 1 12  ? 9.031   11.376  3.207   1.00 53.84 ? 12  LEU A CB  1 
ATOM   76   C  CG  . LEU A 1 12  ? 8.549   12.414  4.222   0.50 54.19 ? 12  LEU A CG  1 
ATOM   77   C  CD1 . LEU A 1 12  ? 9.175   13.745  3.899   0.50 52.69 ? 12  LEU A CD1 1 
ATOM   78   C  CD2 . LEU A 1 12  ? 7.037   12.535  4.219   0.50 54.20 ? 12  LEU A CD2 1 
ATOM   79   N  N   . VAL A 1 13  ? 10.159  8.477   2.912   1.00 52.83 ? 13  VAL A N   1 
ATOM   80   C  CA  . VAL A 1 13  ? 9.963   7.069   3.240   1.00 52.07 ? 13  VAL A CA  1 
ATOM   81   C  C   . VAL A 1 13  ? 11.245  6.238   3.322   1.00 50.90 ? 13  VAL A C   1 
ATOM   82   O  O   . VAL A 1 13  ? 11.168  5.083   3.690   1.00 50.66 ? 13  VAL A O   1 
ATOM   83   C  CB  . VAL A 1 13  ? 8.957   6.340   2.263   1.00 52.50 ? 13  VAL A CB  1 
ATOM   84   C  CG1 . VAL A 1 13  ? 7.707   7.173   2.062   1.00 52.78 ? 13  VAL A CG1 1 
ATOM   85   C  CG2 . VAL A 1 13  ? 9.614   6.023   0.932   1.00 54.75 ? 13  VAL A CG2 1 
ATOM   86   N  N   . ALA A 1 14  ? 12.401  6.793   2.974   1.00 50.14 ? 14  ALA A N   1 
ATOM   87   C  CA  . ALA A 1 14  ? 13.613  5.982   2.775   1.00 50.08 ? 14  ALA A CA  1 
ATOM   88   C  C   . ALA A 1 14  ? 13.999  5.145   4.008   1.00 49.65 ? 14  ALA A C   1 
ATOM   89   O  O   . ALA A 1 14  ? 14.356  3.986   3.893   1.00 49.04 ? 14  ALA A O   1 
ATOM   90   C  CB  . ALA A 1 14  ? 14.814  6.876   2.327   1.00 49.57 ? 14  ALA A CB  1 
ATOM   91   N  N   . GLU A 1 15  ? 13.947  5.748   5.185   1.00 49.62 ? 15  GLU A N   1 
ATOM   92   C  CA  . GLU A 1 15  ? 14.383  5.077   6.387   1.00 49.64 ? 15  GLU A CA  1 
ATOM   93   C  C   . GLU A 1 15  ? 13.444  3.907   6.701   1.00 49.11 ? 15  GLU A C   1 
ATOM   94   O  O   . GLU A 1 15  ? 13.895  2.784   6.921   1.00 50.79 ? 15  GLU A O   1 
ATOM   95   C  CB  . GLU A 1 15  ? 14.422  6.060   7.555   0.50 49.32 ? 15  GLU A CB  1 
ATOM   96   C  CG  . GLU A 1 15  ? 15.019  5.475   8.808   0.50 49.84 ? 15  GLU A CG  1 
ATOM   97   C  CD  . GLU A 1 15  ? 15.287  6.518   9.872   0.50 49.98 ? 15  GLU A CD  1 
ATOM   98   O  OE1 . GLU A 1 15  ? 16.416  6.531   10.388  0.50 51.52 ? 15  GLU A OE1 1 
ATOM   99   O  OE2 . GLU A 1 15  ? 14.386  7.326   10.183  0.50 50.13 ? 15  GLU A OE2 1 
ATOM   100  N  N   . ASP A 1 16  ? 12.146  4.151   6.693   1.00 49.01 ? 16  ASP A N   1 
ATOM   101  C  CA  . ASP A 1 16  ? 11.165  3.055   6.919   1.00 49.23 ? 16  ASP A CA  1 
ATOM   102  C  C   . ASP A 1 16  ? 11.203  2.010   5.816   1.00 49.36 ? 16  ASP A C   1 
ATOM   103  O  O   . ASP A 1 16  ? 11.019  0.828   6.070   1.00 50.78 ? 16  ASP A O   1 
ATOM   104  C  CB  . ASP A 1 16  ? 9.751   3.614   7.105   1.00 49.15 ? 16  ASP A CB  1 
ATOM   105  C  CG  . ASP A 1 16  ? 9.588   4.336   8.425   0.50 47.21 ? 16  ASP A CG  1 
ATOM   106  O  OD1 . ASP A 1 16  ? 9.586   3.649   9.460   0.50 45.50 ? 16  ASP A OD1 1 
ATOM   107  O  OD2 . ASP A 1 16  ? 9.459   5.576   8.424   0.50 44.82 ? 16  ASP A OD2 1 
ATOM   108  N  N   . LYS A 1 17  ? 11.460  2.416   4.589   1.00 49.51 ? 17  LYS A N   1 
ATOM   109  C  CA  . LYS A 1 17  ? 11.545  1.449   3.501   1.00 50.19 ? 17  LYS A CA  1 
ATOM   110  C  C   . LYS A 1 17  ? 12.682  0.471   3.738   1.00 49.59 ? 17  LYS A C   1 
ATOM   111  O  O   . LYS A 1 17  ? 12.497  -0.718  3.578   1.00 50.55 ? 17  LYS A O   1 
ATOM   112  C  CB  . LYS A 1 17  ? 11.724  2.159   2.157   1.00 50.56 ? 17  LYS A CB  1 
ATOM   113  C  CG  . LYS A 1 17  ? 11.962  1.252   0.984   1.00 50.73 ? 17  LYS A CG  1 
ATOM   114  C  CD  . LYS A 1 17  ? 11.940  2.093   -0.311  1.00 53.16 ? 17  LYS A CD  1 
ATOM   115  C  CE  . LYS A 1 17  ? 12.627  1.385   -1.495  1.00 54.40 ? 17  LYS A CE  1 
ATOM   116  N  NZ  . LYS A 1 17  ? 11.871  0.180   -1.717  1.00 55.45 ? 17  LYS A NZ  1 
ATOM   117  N  N   . ALA A 1 18  ? 13.853  0.987   4.090   1.00 49.35 ? 18  ALA A N   1 
ATOM   118  C  CA  . ALA A 1 18  ? 15.010  0.152   4.403   1.00 49.77 ? 18  ALA A CA  1 
ATOM   119  C  C   . ALA A 1 18  ? 14.694  -0.840  5.520   1.00 49.72 ? 18  ALA A C   1 
ATOM   120  O  O   . ALA A 1 18  ? 14.956  -2.045  5.394   1.00 50.36 ? 18  ALA A O   1 
ATOM   121  C  CB  . ALA A 1 18  ? 16.231  1.036   4.764   1.00 48.80 ? 18  ALA A CB  1 
ATOM   122  N  N   . ARG A 1 19  ? 14.092  -0.354  6.603   1.00 50.62 ? 19  ARG A N   1 
ATOM   123  C  CA  . ARG A 1 19  ? 13.762  -1.218  7.747   1.00 50.24 ? 19  ARG A CA  1 
ATOM   124  C  C   . ARG A 1 19  ? 12.751  -2.305  7.371   1.00 50.27 ? 19  ARG A C   1 
ATOM   125  O  O   . ARG A 1 19  ? 12.964  -3.485  7.634   1.00 51.30 ? 19  ARG A O   1 
ATOM   126  C  CB  . ARG A 1 19  ? 13.274  -0.354  8.922   1.00 50.64 ? 19  ARG A CB  1 
ATOM   127  C  CG  . ARG A 1 19  ? 12.515  -1.135  9.997   1.00 51.43 ? 19  ARG A CG  1 
ATOM   128  C  CD  . ARG A 1 19  ? 12.057  -0.275  11.129  1.00 50.13 ? 19  ARG A CD  1 
ATOM   129  N  NE  . ARG A 1 19  ? 10.942  0.564   10.737  1.00 50.01 ? 19  ARG A NE  1 
ATOM   130  C  CZ  . ARG A 1 19  ? 9.687   0.134   10.585  1.00 53.05 ? 19  ARG A CZ  1 
ATOM   131  N  NH1 . ARG A 1 19  ? 9.351   -1.134  10.779  1.00 51.66 ? 19  ARG A NH1 1 
ATOM   132  N  NH2 . ARG A 1 19  ? 8.751   0.998   10.254  1.00 54.87 ? 19  ARG A NH2 1 
ATOM   133  N  N   . CYS A 1 20  ? 11.672  -1.910  6.708   1.00 50.04 ? 20  CYS A N   1 
ATOM   134  C  CA  . CYS A 1 20  ? 10.627  -2.814  6.280   1.00 49.86 ? 20  CYS A CA  1 
ATOM   135  C  C   . CYS A 1 20  ? 11.157  -3.900  5.356   1.00 49.69 ? 20  CYS A C   1 
ATOM   136  O  O   . CYS A 1 20  ? 10.755  -5.055  5.503   1.00 50.82 ? 20  CYS A O   1 
ATOM   137  C  CB  . CYS A 1 20  ? 9.466   -2.062  5.607   1.00 49.70 ? 20  CYS A CB  1 
ATOM   138  S  SG  . CYS A 1 20  ? 8.494   -1.047  6.792   1.00 50.10 ? 20  CYS A SG  1 
ATOM   139  N  N   . MET A 1 21  ? 12.031  -3.536  4.418   1.00 49.15 ? 21  MET A N   1 
ATOM   140  C  CA  . MET A 1 21  ? 12.621  -4.530  3.513   1.00 49.52 ? 21  MET A CA  1 
ATOM   141  C  C   . MET A 1 21  ? 13.505  -5.525  4.269   1.00 50.06 ? 21  MET A C   1 
ATOM   142  O  O   . MET A 1 21  ? 13.474  -6.724  4.006   1.00 50.30 ? 21  MET A O   1 
ATOM   143  C  CB  . MET A 1 21  ? 13.428  -3.838  2.416   1.00 48.87 ? 21  MET A CB  1 
ATOM   144  C  CG  . MET A 1 21  ? 12.574  -3.054  1.459   1.00 48.04 ? 21  MET A CG  1 
ATOM   145  S  SD  . MET A 1 21  ? 13.461  -2.205  0.139   1.00 51.27 ? 21  MET A SD  1 
ATOM   146  C  CE  . MET A 1 21  ? 13.962  -3.621  -0.826  1.00 47.94 ? 21  MET A CE  1 
ATOM   147  N  N   . SER A 1 22  ? 14.297  -5.002  5.204   1.00 49.50 ? 22  SER A N   1 
ATOM   148  C  CA  . SER A 1 22  ? 15.171  -5.823  6.010   1.00 50.61 ? 22  SER A CA  1 
ATOM   149  C  C   . SER A 1 22  ? 14.374  -6.764  6.951   1.00 50.92 ? 22  SER A C   1 
ATOM   150  O  O   . SER A 1 22  ? 14.667  -7.954  7.003   1.00 52.96 ? 22  SER A O   1 
ATOM   151  C  CB  . SER A 1 22  ? 16.140  -4.932  6.781   0.80 50.55 ? 22  SER A CB  1 
ATOM   152  O  OG  . SER A 1 22  ? 16.884  -5.736  7.641   0.80 54.27 ? 22  SER A OG  1 
ATOM   153  N  N   . GLU A 1 23  ? 13.335  -6.262  7.600   1.00 50.41 ? 23  GLU A N   1 
ATOM   154  C  CA  . GLU A 1 23  ? 12.487  -7.078  8.473   1.00 50.14 ? 23  GLU A CA  1 
ATOM   155  C  C   . GLU A 1 23  ? 11.840  -8.250  7.743   1.00 50.39 ? 23  GLU A C   1 
ATOM   156  O  O   . GLU A 1 23  ? 11.671  -9.312  8.332   1.00 49.96 ? 23  GLU A O   1 
ATOM   157  C  CB  . GLU A 1 23  ? 11.348  -6.232  9.091   1.00 50.11 ? 23  GLU A CB  1 
ATOM   158  C  CG  . GLU A 1 23  ? 11.795  -5.241  10.167  1.00 50.38 ? 23  GLU A CG  1 
ATOM   159  C  CD  . GLU A 1 23  ? 10.643  -4.422  10.712  1.00 51.37 ? 23  GLU A CD  1 
ATOM   160  O  OE1 . GLU A 1 23  ? 9.487   -4.647  10.264  1.00 52.88 ? 23  GLU A OE1 1 
ATOM   161  O  OE2 . GLU A 1 23  ? 10.886  -3.562  11.597  1.00 49.95 ? 23  GLU A OE2 1 
ATOM   162  N  N   . HIS A 1 24  ? 11.429  -8.037  6.497   1.00 49.46 ? 24  HIS A N   1 
ATOM   163  C  CA  . HIS A 1 24  ? 10.571  -8.979  5.830   1.00 49.42 ? 24  HIS A CA  1 
ATOM   164  C  C   . HIS A 1 24  ? 11.231  -9.780  4.732   1.00 48.97 ? 24  HIS A C   1 
ATOM   165  O  O   . HIS A 1 24  ? 10.612  -10.696 4.177   1.00 49.26 ? 24  HIS A O   1 
ATOM   166  C  CB  . HIS A 1 24  ? 9.285   -8.254  5.380   1.00 49.02 ? 24  HIS A CB  1 
ATOM   167  C  CG  . HIS A 1 24  ? 8.552   -7.650  6.536   1.00 50.81 ? 24  HIS A CG  1 
ATOM   168  N  ND1 . HIS A 1 24  ? 7.982   -8.436  7.520   1.00 52.33 ? 24  HIS A ND1 1 
ATOM   169  C  CD2 . HIS A 1 24  ? 8.412   -6.367  6.949   1.00 49.80 ? 24  HIS A CD2 1 
ATOM   170  C  CE1 . HIS A 1 24  ? 7.485   -7.654  8.474   1.00 53.24 ? 24  HIS A CE1 1 
ATOM   171  N  NE2 . HIS A 1 24  ? 7.728   -6.392  8.152   1.00 51.92 ? 24  HIS A NE2 1 
ATOM   172  N  N   . GLY A 1 25  ? 12.471  -9.477  4.420   1.00 48.71 ? 25  GLY A N   1 
ATOM   173  C  CA  . GLY A 1 25  ? 13.163  -10.179 3.329   1.00 49.59 ? 25  GLY A CA  1 
ATOM   174  C  C   . GLY A 1 25  ? 12.796  -9.677  1.922   1.00 50.25 ? 25  GLY A C   1 
ATOM   175  O  O   . GLY A 1 25  ? 12.989  -10.359 0.935   1.00 50.46 ? 25  GLY A O   1 
ATOM   176  N  N   . THR A 1 26  ? 12.297  -8.448  1.828   1.00 49.96 ? 26  THR A N   1 
ATOM   177  C  CA  . THR A 1 26  ? 11.793  -7.919  0.582   1.00 49.09 ? 26  THR A CA  1 
ATOM   178  C  C   . THR A 1 26  ? 12.934  -7.544  -0.365  1.00 49.42 ? 26  THR A C   1 
ATOM   179  O  O   . THR A 1 26  ? 13.913  -6.975  0.093   1.00 50.63 ? 26  THR A O   1 
ATOM   180  C  CB  . THR A 1 26  ? 10.962  -6.653  0.869   1.00 49.26 ? 26  THR A CB  1 
ATOM   181  O  OG1 . THR A 1 26  ? 10.172  -6.888  2.047   1.00 47.70 ? 26  THR A OG1 1 
ATOM   182  C  CG2 . THR A 1 26  ? 10.041  -6.307  -0.388  1.00 47.96 ? 26  THR A CG2 1 
ATOM   183  N  N   . THR A 1 27  ? 12.798  -7.843  -1.650  1.00 49.27 ? 27  THR A N   1 
ATOM   184  C  CA  . THR A 1 27  ? 13.721  -7.320  -2.663  1.00 49.10 ? 27  THR A CA  1 
ATOM   185  C  C   . THR A 1 27  ? 13.090  -6.144  -3.429  1.00 49.71 ? 27  THR A C   1 
ATOM   186  O  O   . THR A 1 27  ? 11.878  -6.037  -3.544  1.00 48.94 ? 27  THR A O   1 
ATOM   187  C  CB  . THR A 1 27  ? 14.145  -8.408  -3.644  1.00 48.91 ? 27  THR A CB  1 
ATOM   188  O  OG1 . THR A 1 27  ? 13.080  -8.620  -4.584  1.00 49.09 ? 27  THR A OG1 1 
ATOM   189  C  CG2 . THR A 1 27  ? 14.478  -9.749  -2.933  1.00 48.35 ? 27  THR A CG2 1 
ATOM   190  N  N   . GLN A 1 28  ? 13.921  -5.277  -3.994  1.00 49.97 ? 28  GLN A N   1 
ATOM   191  C  CA  . GLN A 1 28  ? 13.423  -4.227  -4.849  1.00 50.25 ? 28  GLN A CA  1 
ATOM   192  C  C   . GLN A 1 28  ? 12.690  -4.824  -6.064  1.00 50.42 ? 28  GLN A C   1 
ATOM   193  O  O   . GLN A 1 28  ? 11.667  -4.284  -6.518  1.00 51.69 ? 28  GLN A O   1 
ATOM   194  C  CB  . GLN A 1 28  ? 14.576  -3.293  -5.271  1.00 50.50 ? 28  GLN A CB  1 
ATOM   195  C  CG  . GLN A 1 28  ? 14.141  -2.124  -6.118  1.00 50.24 ? 28  GLN A CG  1 
ATOM   196  C  CD  . GLN A 1 28  ? 13.105  -1.265  -5.433  1.00 51.60 ? 28  GLN A CD  1 
ATOM   197  O  OE1 . GLN A 1 28  ? 13.217  -0.963  -4.239  1.00 52.57 ? 28  GLN A OE1 1 
ATOM   198  N  NE2 . GLN A 1 28  ? 12.085  -0.849  -6.188  1.00 53.95 ? 28  GLN A NE2 1 
ATOM   199  N  N   . ALA A 1 29  ? 13.178  -5.942  -6.582  1.00 50.86 ? 29  ALA A N   1 
ATOM   200  C  CA  . ALA A 1 29  ? 12.500  -6.607  -7.714  1.00 50.39 ? 29  ALA A CA  1 
ATOM   201  C  C   . ALA A 1 29  ? 11.043  -6.998  -7.388  1.00 49.38 ? 29  ALA A C   1 
ATOM   202  O  O   . ALA A 1 29  ? 10.150  -6.945  -8.250  1.00 48.57 ? 29  ALA A O   1 
ATOM   203  C  CB  . ALA A 1 29  ? 13.310  -7.812  -8.196  1.00 51.01 ? 29  ALA A CB  1 
ATOM   204  N  N   . GLN A 1 30  ? 10.793  -7.361  -6.142  1.00 49.78 ? 30  GLN A N   1 
ATOM   205  C  CA  . GLN A 1 30  ? 9.436   -7.680  -5.693  1.00 49.58 ? 30  GLN A CA  1 
ATOM   206  C  C   . GLN A 1 30  ? 8.572   -6.420  -5.688  1.00 49.66 ? 30  GLN A C   1 
ATOM   207  O  O   . GLN A 1 30  ? 7.404   -6.455  -6.085  1.00 49.36 ? 30  GLN A O   1 
ATOM   208  C  CB  . GLN A 1 30  ? 9.475   -8.278  -4.293  1.00 49.39 ? 30  GLN A CB  1 
ATOM   209  C  CG  . GLN A 1 30  ? 9.892   -9.715  -4.267  1.00 47.28 ? 30  GLN A CG  1 
ATOM   210  C  CD  . GLN A 1 30  ? 9.816   -10.239 -2.872  1.00 48.20 ? 30  GLN A CD  1 
ATOM   211  O  OE1 . GLN A 1 30  ? 10.578  -9.810  -2.017  1.00 49.46 ? 30  GLN A OE1 1 
ATOM   212  N  NE2 . GLN A 1 30  ? 8.868   -11.121 -2.611  1.00 43.97 ? 30  GLN A NE2 1 
ATOM   213  N  N   . ILE A 1 31  ? 9.175   -5.307  -5.288  1.00 49.99 ? 31  ILE A N   1 
ATOM   214  C  CA  . ILE A 1 31  ? 8.465   -4.034  -5.249  1.00 50.99 ? 31  ILE A CA  1 
ATOM   215  C  C   . ILE A 1 31  ? 8.169   -3.555  -6.678  1.00 51.07 ? 31  ILE A C   1 
ATOM   216  O  O   . ILE A 1 31  ? 7.028   -3.210  -6.997  1.00 51.07 ? 31  ILE A O   1 
ATOM   217  C  CB  . ILE A 1 31  ? 9.240   -2.963  -4.450  1.00 51.14 ? 31  ILE A CB  1 
ATOM   218  C  CG1 . ILE A 1 31  ? 9.381   -3.392  -2.994  1.00 51.66 ? 31  ILE A CG1 1 
ATOM   219  C  CG2 . ILE A 1 31  ? 8.514   -1.611  -4.556  1.00 52.14 ? 31  ILE A CG2 1 
ATOM   220  C  CD1 . ILE A 1 31  ? 10.299  -2.534  -2.158  1.00 51.82 ? 31  ILE A CD1 1 
ATOM   221  N  N   . ASP A 1 32  ? 9.184   -3.595  -7.545  1.00 51.15 ? 32  ASP A N   1 
ATOM   222  C  CA  . ASP A 1 32  ? 8.992   -3.283  -8.963  1.00 51.61 ? 32  ASP A CA  1 
ATOM   223  C  C   . ASP A 1 32  ? 7.888   -4.145  -9.606  1.00 51.96 ? 32  ASP A C   1 
ATOM   224  O  O   . ASP A 1 32  ? 7.140   -3.681  -10.450 1.00 50.59 ? 32  ASP A O   1 
ATOM   225  C  CB  . ASP A 1 32  ? 10.278  -3.510  -9.746  1.00 51.52 ? 32  ASP A CB  1 
ATOM   226  C  CG  . ASP A 1 32  ? 11.405  -2.613  -9.322  0.50 49.72 ? 32  ASP A CG  1 
ATOM   227  O  OD1 . ASP A 1 32  ? 11.173  -1.639  -8.579  0.50 47.56 ? 32  ASP A OD1 1 
ATOM   228  O  OD2 . ASP A 1 32  ? 12.539  -2.912  -9.755  0.50 47.83 ? 32  ASP A OD2 1 
ATOM   229  N  N   . ASP A 1 33  ? 7.781   -5.406  -9.195  1.00 52.64 ? 33  ASP A N   1 
ATOM   230  C  CA  . ASP A 1 33  ? 6.788   -6.297  -9.775  1.00 53.33 ? 33  ASP A CA  1 
ATOM   231  C  C   . ASP A 1 33  ? 5.390   -5.882  -9.317  1.00 53.83 ? 33  ASP A C   1 
ATOM   232  O  O   . ASP A 1 33  ? 4.478   -5.787  -10.144 1.00 52.97 ? 33  ASP A O   1 
ATOM   233  C  CB  . ASP A 1 33  ? 7.098   -7.731  -9.365  1.00 54.42 ? 33  ASP A CB  1 
ATOM   234  C  CG  . ASP A 1 33  ? 6.778   -8.737  -10.424 0.80 55.71 ? 33  ASP A CG  1 
ATOM   235  O  OD1 . ASP A 1 33  ? 6.440   -8.385  -11.593 0.80 59.99 ? 33  ASP A OD1 1 
ATOM   236  O  OD2 . ASP A 1 33  ? 6.869   -9.926  -10.051 0.80 60.57 ? 33  ASP A OD2 1 
ATOM   237  N  N   . VAL A 1 34  ? 5.210   -5.609  -8.016  1.00 54.57 ? 34  VAL A N   1 
ATOM   238  C  CA  . VAL A 1 34  ? 3.912   -5.098  -7.535  1.00 55.74 ? 34  VAL A CA  1 
ATOM   239  C  C   . VAL A 1 34  ? 3.571   -3.782  -8.226  1.00 56.21 ? 34  VAL A C   1 
ATOM   240  O  O   . VAL A 1 34  ? 2.442   -3.560  -8.637  1.00 55.48 ? 34  VAL A O   1 
ATOM   241  C  CB  . VAL A 1 34  ? 3.853   -4.864  -6.011  1.00 56.78 ? 34  VAL A CB  1 
ATOM   242  C  CG1 . VAL A 1 34  ? 2.519   -4.201  -5.646  1.00 58.77 ? 34  VAL A CG1 1 
ATOM   243  C  CG2 . VAL A 1 34  ? 3.983   -6.139  -5.292  1.00 58.25 ? 34  VAL A CG2 1 
ATOM   244  N  N   . ASP A 1 35  ? 4.584   -2.927  -8.340  1.00 56.78 ? 35  ASP A N   1 
ATOM   245  C  CA  . ASP A 1 35  ? 4.489   -1.651  -9.027  1.00 56.82 ? 35  ASP A CA  1 
ATOM   246  C  C   . ASP A 1 35  ? 3.984   -1.754  -10.443 1.00 57.03 ? 35  ASP A C   1 
ATOM   247  O  O   . ASP A 1 35  ? 3.331   -0.829  -10.926 1.00 58.53 ? 35  ASP A O   1 
ATOM   248  C  CB  A ASP A 1 35  ? 5.861   -0.973  -9.111  0.50 57.54 ? 35  ASP A CB  1 
ATOM   249  C  CB  B ASP A 1 35  ? 5.863   -0.993  -9.010  0.50 56.75 ? 35  ASP A CB  1 
ATOM   250  C  CG  A ASP A 1 35  ? 6.110   -0.019  -7.986  0.50 59.17 ? 35  ASP A CG  1 
ATOM   251  C  CG  B ASP A 1 35  ? 5.821   0.429   -9.444  0.50 55.22 ? 35  ASP A CG  1 
ATOM   252  O  OD1 A ASP A 1 35  ? 5.126   0.358   -7.321  0.50 60.28 ? 35  ASP A OD1 1 
ATOM   253  O  OD1 B ASP A 1 35  ? 5.015   1.180   -8.869  0.50 52.32 ? 35  ASP A OD1 1 
ATOM   254  O  OD2 A ASP A 1 35  ? 7.292   0.373   -7.793  0.50 61.93 ? 35  ASP A OD2 1 
ATOM   255  O  OD2 B ASP A 1 35  ? 6.601   0.781   -10.348 0.50 55.41 ? 35  ASP A OD2 1 
ATOM   256  N  N   . LYS A 1 36  ? 4.340   -2.836  -11.136 1.00 56.79 ? 36  LYS A N   1 
ATOM   257  C  CA  . LYS A 1 36  ? 3.888   -3.093  -12.498 1.00 56.12 ? 36  LYS A CA  1 
ATOM   258  C  C   . LYS A 1 36  ? 2.578   -3.883  -12.569 1.00 55.69 ? 36  LYS A C   1 
ATOM   259  O  O   . LYS A 1 36  ? 2.169   -4.296  -13.640 1.00 55.70 ? 36  LYS A O   1 
ATOM   260  C  CB  . LYS A 1 36  ? 4.994   -3.814  -13.284 1.00 56.09 ? 36  LYS A CB  1 
ATOM   261  C  CG  . LYS A 1 36  ? 6.169   -2.901  -13.602 0.50 56.49 ? 36  LYS A CG  1 
ATOM   262  C  CD  . LYS A 1 36  ? 7.520   -3.552  -13.360 0.50 56.76 ? 36  LYS A CD  1 
ATOM   263  C  CE  . LYS A 1 36  ? 8.104   -4.178  -14.598 0.50 57.06 ? 36  LYS A CE  1 
ATOM   264  N  NZ  . LYS A 1 36  ? 9.557   -4.440  -14.386 0.50 57.13 ? 36  LYS A NZ  1 
ATOM   265  N  N   . GLY A 1 37  ? 1.917   -4.085  -11.438 1.00 55.56 ? 37  GLY A N   1 
ATOM   266  C  CA  . GLY A 1 37  ? 0.615   -4.745  -11.407 1.00 55.84 ? 37  GLY A CA  1 
ATOM   267  C  C   . GLY A 1 37  ? 0.629   -6.243  -11.106 1.00 56.12 ? 37  GLY A C   1 
ATOM   268  O  O   . GLY A 1 37  ? -0.406  -6.903  -11.204 1.00 57.08 ? 37  GLY A O   1 
ATOM   269  N  N   . ASN A 1 38  ? 1.785   -6.797  -10.761 1.00 54.97 ? 38  ASN A N   1 
ATOM   270  C  CA  . ASN A 1 38  ? 1.904   -8.230  -10.548 1.00 55.06 ? 38  ASN A CA  1 
ATOM   271  C  C   . ASN A 1 38  ? 1.981   -8.490  -9.062  1.00 54.24 ? 38  ASN A C   1 
ATOM   272  O  O   . ASN A 1 38  ? 2.968   -8.156  -8.443  1.00 53.54 ? 38  ASN A O   1 
ATOM   273  C  CB  . ASN A 1 38  ? 3.155   -8.756  -11.232 1.00 55.37 ? 38  ASN A CB  1 
ATOM   274  C  CG  . ASN A 1 38  ? 3.169   -8.442  -12.704 1.00 57.45 ? 38  ASN A CG  1 
ATOM   275  O  OD1 . ASN A 1 38  ? 2.147   -8.561  -13.388 1.00 58.23 ? 38  ASN A OD1 1 
ATOM   276  N  ND2 . ASN A 1 38  ? 4.329   -8.021  -13.208 1.00 61.42 ? 38  ASN A ND2 1 
ATOM   277  N  N   . LEU A 1 39  ? 0.918   -9.041  -8.496  1.00 54.02 ? 39  LEU A N   1 
ATOM   278  C  CA  . LEU A 1 39  ? 0.797   -9.222  -7.026  1.00 54.53 ? 39  LEU A CA  1 
ATOM   279  C  C   . LEU A 1 39  ? 0.734   -10.726 -6.759  1.00 54.12 ? 39  LEU A C   1 
ATOM   280  O  O   . LEU A 1 39  ? -0.084  -11.444 -7.410  1.00 56.19 ? 39  LEU A O   1 
ATOM   281  C  CB  . LEU A 1 39  ? -0.565  -8.618  -6.541  1.00 55.74 ? 39  LEU A CB  1 
ATOM   282  C  CG  . LEU A 1 39  ? -0.788  -7.095  -6.442  0.50 55.10 ? 39  LEU A CG  1 
ATOM   283  C  CD1 . LEU A 1 39  ? 0.168   -6.535  -5.423  0.50 55.78 ? 39  LEU A CD1 1 
ATOM   284  C  CD2 . LEU A 1 39  ? -0.613  -6.402  -7.763  0.50 54.29 ? 39  LEU A CD2 1 
ATOM   285  N  N   . VAL A 1 40  ? 1.541   -11.200 -5.838  1.00 51.95 ? 40  VAL A N   1 
ATOM   286  C  CA  . VAL A 1 40  ? 1.429   -12.560 -5.319  1.00 51.81 ? 40  VAL A CA  1 
ATOM   287  C  C   . VAL A 1 40  ? 1.355   -12.523 -3.821  1.00 50.11 ? 40  VAL A C   1 
ATOM   288  O  O   . VAL A 1 40  ? 1.844   -11.585 -3.182  1.00 47.61 ? 40  VAL A O   1 
ATOM   289  C  CB  . VAL A 1 40  ? 2.598   -13.459 -5.735  1.00 51.67 ? 40  VAL A CB  1 
ATOM   290  C  CG1 . VAL A 1 40  ? 2.374   -13.976 -7.163  1.00 53.46 ? 40  VAL A CG1 1 
ATOM   291  C  CG2 . VAL A 1 40  ? 3.901   -12.705 -5.581  1.00 53.62 ? 40  VAL A CG2 1 
ATOM   292  N  N   . ASN A 1 41  ? 0.734   -13.549 -3.255  1.00 48.90 ? 41  ASN A N   1 
ATOM   293  C  CA  . ASN A 1 41  ? 0.495   -13.588 -1.838  1.00 49.05 ? 41  ASN A CA  1 
ATOM   294  C  C   . ASN A 1 41  ? 1.718   -14.133 -1.110  1.00 49.32 ? 41  ASN A C   1 
ATOM   295  O  O   . ASN A 1 41  ? 1.613   -15.108 -0.403  1.00 49.07 ? 41  ASN A O   1 
ATOM   296  C  CB  . ASN A 1 41  ? -0.715  -14.444 -1.560  1.00 49.70 ? 41  ASN A CB  1 
ATOM   297  C  CG  . ASN A 1 41  ? -1.128  -14.413 -0.140  1.00 52.70 ? 41  ASN A CG  1 
ATOM   298  O  OD1 . ASN A 1 41  ? -0.920  -13.413 0.567   1.00 52.76 ? 41  ASN A OD1 1 
ATOM   299  N  ND2 . ASN A 1 41  ? -1.755  -15.512 0.312   1.00 54.41 ? 41  ASN A ND2 1 
ATOM   300  N  N   . GLU A 1 42  ? 2.858   -13.475 -1.283  1.00 48.56 ? 42  GLU A N   1 
ATOM   301  C  CA  . GLU A 1 42  ? 4.128   -13.845 -0.615  1.00 48.93 ? 42  GLU A CA  1 
ATOM   302  C  C   . GLU A 1 42  ? 4.383   -12.888 0.541   1.00 48.81 ? 42  GLU A C   1 
ATOM   303  O  O   . GLU A 1 42  ? 4.419   -11.699 0.316   1.00 49.55 ? 42  GLU A O   1 
ATOM   304  C  CB  . GLU A 1 42  ? 5.316   -13.742 -1.606  1.00 47.92 ? 42  GLU A CB  1 
ATOM   305  C  CG  . GLU A 1 42  ? 5.465   -14.915 -2.587  1.00 48.49 ? 42  GLU A CG  1 
ATOM   306  C  CD  . GLU A 1 42  ? 5.828   -16.231 -1.895  0.50 44.56 ? 42  GLU A CD  1 
ATOM   307  O  OE1 . GLU A 1 42  ? 6.292   -16.224 -0.736  0.50 36.90 ? 42  GLU A OE1 1 
ATOM   308  O  OE2 . GLU A 1 42  ? 5.657   -17.266 -2.539  0.50 41.14 ? 42  GLU A OE2 1 
ATOM   309  N  N   . PRO A 1 43  ? 4.536   -13.395 1.787   1.00 49.31 ? 43  PRO A N   1 
ATOM   310  C  CA  . PRO A 1 43  ? 4.766   -12.544 2.943   1.00 49.24 ? 43  PRO A CA  1 
ATOM   311  C  C   . PRO A 1 43  ? 5.887   -11.544 2.801   1.00 49.53 ? 43  PRO A C   1 
ATOM   312  O  O   . PRO A 1 43  ? 5.767   -10.430 3.284   1.00 49.99 ? 43  PRO A O   1 
ATOM   313  C  CB  . PRO A 1 43  ? 5.127   -13.555 4.077   1.00 49.93 ? 43  PRO A CB  1 
ATOM   314  C  CG  . PRO A 1 43  ? 4.476   -14.784 3.683   1.00 51.53 ? 43  PRO A CG  1 
ATOM   315  C  CD  . PRO A 1 43  ? 4.440   -14.817 2.169   1.00 49.77 ? 43  PRO A CD  1 
ATOM   316  N  N   . SER A 1 44  ? 6.973   -11.882 2.130   1.00 49.29 ? 44  SER A N   1 
ATOM   317  C  CA  . SER A 1 44  ? 8.053   -10.909 2.002   1.00 49.45 ? 44  SER A CA  1 
ATOM   318  C  C   . SER A 1 44  ? 7.660   -9.605  1.262   1.00 49.79 ? 44  SER A C   1 
ATOM   319  O  O   . SER A 1 44  ? 8.256   -8.553  1.492   1.00 50.78 ? 44  SER A O   1 
ATOM   320  C  CB  . SER A 1 44  ? 9.295   -11.556 1.331   1.00 51.08 ? 44  SER A CB  1 
ATOM   321  O  OG  . SER A 1 44  ? 8.963   -12.222 0.116   1.00 50.29 ? 44  SER A OG  1 
ATOM   322  N  N   . ILE A 1 45  ? 6.680   -9.663  0.371   1.00 48.66 ? 45  ILE A N   1 
ATOM   323  C  CA  . ILE A 1 45  ? 6.147   -8.433  -0.231  1.00 48.98 ? 45  ILE A CA  1 
ATOM   324  C  C   . ILE A 1 45  ? 4.849   -7.957  0.473   1.00 48.46 ? 45  ILE A C   1 
ATOM   325  O  O   . ILE A 1 45  ? 4.679   -6.774  0.670   1.00 49.21 ? 45  ILE A O   1 
ATOM   326  C  CB  . ILE A 1 45  ? 5.977   -8.565  -1.776  1.00 49.01 ? 45  ILE A CB  1 
ATOM   327  C  CG1 . ILE A 1 45  ? 5.616   -7.221  -2.436  1.00 50.45 ? 45  ILE A CG1 1 
ATOM   328  C  CG2 . ILE A 1 45  ? 5.014   -9.716  -2.178  1.00 48.73 ? 45  ILE A CG2 1 
ATOM   329  C  CD1 . ILE A 1 45  ? 6.623   -6.050  -2.146  1.00 46.82 ? 45  ILE A CD1 1 
ATOM   330  N  N   . THR A 1 46  ? 3.955   -8.854  0.854   1.00 47.93 ? 46  THR A N   1 
ATOM   331  C  CA  . THR A 1 46  ? 2.712   -8.412  1.483   1.00 48.22 ? 46  THR A CA  1 
ATOM   332  C  C   . THR A 1 46  ? 2.974   -7.780  2.839   1.00 50.04 ? 46  THR A C   1 
ATOM   333  O  O   . THR A 1 46  ? 2.341   -6.762  3.204   1.00 49.60 ? 46  THR A O   1 
ATOM   334  C  CB  . THR A 1 46  ? 1.706   -9.520  1.582   1.00 48.46 ? 46  THR A CB  1 
ATOM   335  O  OG1 . THR A 1 46  ? 2.236   -10.598 2.366   1.00 48.21 ? 46  THR A OG1 1 
ATOM   336  C  CG2 . THR A 1 46  ? 1.331   -9.987  0.173   1.00 46.22 ? 46  THR A CG2 1 
ATOM   337  N  N   . CYS A 1 47  ? 3.925   -8.343  3.599   1.00 50.09 ? 47  CYS A N   1 
ATOM   338  C  CA  . CYS A 1 47  ? 4.250   -7.772  4.893   1.00 50.01 ? 47  CYS A CA  1 
ATOM   339  C  C   . CYS A 1 47  ? 5.038   -6.477  4.754   1.00 50.03 ? 47  CYS A C   1 
ATOM   340  O  O   . CYS A 1 47  ? 4.955   -5.633  5.630   1.00 49.34 ? 47  CYS A O   1 
ATOM   341  C  CB  . CYS A 1 47  ? 5.021   -8.749  5.776   1.00 51.41 ? 47  CYS A CB  1 
ATOM   342  S  SG  . CYS A 1 47  ? 4.103   -10.200 6.235   1.00 55.17 ? 47  CYS A SG  1 
ATOM   343  N  N   . TYR A 1 48  ? 5.802   -6.328  3.670   1.00 49.14 ? 48  TYR A N   1 
ATOM   344  C  CA  . TYR A 1 48  ? 6.422   -5.053  3.338   1.00 49.27 ? 48  TYR A CA  1 
ATOM   345  C  C   . TYR A 1 48  ? 5.361   -3.963  3.133   1.00 49.57 ? 48  TYR A C   1 
ATOM   346  O  O   . TYR A 1 48  ? 5.496   -2.869  3.677   1.00 48.27 ? 48  TYR A O   1 
ATOM   347  C  CB  . TYR A 1 48  ? 7.244   -5.146  2.055   1.00 49.58 ? 48  TYR A CB  1 
ATOM   348  C  CG  . TYR A 1 48  ? 7.735   -3.803  1.577   1.00 48.77 ? 48  TYR A CG  1 
ATOM   349  C  CD1 . TYR A 1 48  ? 8.803   -3.178  2.193   1.00 50.22 ? 48  TYR A CD1 1 
ATOM   350  C  CD2 . TYR A 1 48  ? 7.101   -3.142  0.542   1.00 48.26 ? 48  TYR A CD2 1 
ATOM   351  C  CE1 . TYR A 1 48  ? 9.251   -1.960  1.758   1.00 51.59 ? 48  TYR A CE1 1 
ATOM   352  C  CE2 . TYR A 1 48  ? 7.548   -1.890  0.095   1.00 49.02 ? 48  TYR A CE2 1 
ATOM   353  C  CZ  . TYR A 1 48  ? 8.602   -1.302  0.724   1.00 50.19 ? 48  TYR A CZ  1 
ATOM   354  O  OH  . TYR A 1 48  ? 9.081   -0.064  0.309   1.00 52.04 ? 48  TYR A OH  1 
ATOM   355  N  N   . MET A 1 49  ? 4.315   -4.261  2.354   1.00 47.41 ? 49  MET A N   1 
ATOM   356  C  CA  . MET A 1 49  ? 3.275   -3.282  2.120   1.00 49.11 ? 49  MET A CA  1 
ATOM   357  C  C   . MET A 1 49  ? 2.551   -2.883  3.426   1.00 49.22 ? 49  MET A C   1 
ATOM   358  O  O   . MET A 1 49  ? 2.319   -1.694  3.661   1.00 50.00 ? 49  MET A O   1 
ATOM   359  C  CB  . MET A 1 49  ? 2.291   -3.776  1.056   1.00 49.02 ? 49  MET A CB  1 
ATOM   360  C  CG  . MET A 1 49  ? 2.940   -3.858  -0.355  1.00 49.25 ? 49  MET A CG  1 
ATOM   361  S  SD  . MET A 1 49  ? 1.754   -4.250  -1.633  1.00 51.17 ? 49  MET A SD  1 
ATOM   362  C  CE  . MET A 1 49  ? 1.535   -5.998  -1.397  1.00 51.71 ? 49  MET A CE  1 
ATOM   363  N  N   . TYR A 1 50  ? 2.255   -3.858  4.277   1.00 49.06 ? 50  TYR A N   1 
ATOM   364  C  CA  . TYR A 1 50  ? 1.655   -3.582  5.584   1.00 49.67 ? 50  TYR A CA  1 
ATOM   365  C  C   . TYR A 1 50  ? 2.601   -2.711  6.408   1.00 50.24 ? 50  TYR A C   1 
ATOM   366  O  O   . TYR A 1 50  ? 2.184   -1.697  6.998   1.00 49.45 ? 50  TYR A O   1 
ATOM   367  C  CB  . TYR A 1 50  ? 1.275   -4.866  6.333   1.00 49.64 ? 50  TYR A CB  1 
ATOM   368  C  CG  . TYR A 1 50  ? 0.790   -4.524  7.740   1.00 49.68 ? 50  TYR A CG  1 
ATOM   369  C  CD1 . TYR A 1 50  ? -0.485  -4.025  7.957   1.00 49.72 ? 50  TYR A CD1 1 
ATOM   370  C  CD2 . TYR A 1 50  ? 1.632   -4.660  8.831   1.00 51.95 ? 50  TYR A CD2 1 
ATOM   371  C  CE1 . TYR A 1 50  ? -0.920  -3.688  9.215   1.00 49.00 ? 50  TYR A CE1 1 
ATOM   372  C  CE2 . TYR A 1 50  ? 1.216   -4.302  10.091  1.00 53.00 ? 50  TYR A CE2 1 
ATOM   373  C  CZ  . TYR A 1 50  ? -0.050  -3.822  10.272  1.00 52.25 ? 50  TYR A CZ  1 
ATOM   374  O  OH  . TYR A 1 50  ? -0.430  -3.456  11.523  1.00 52.94 ? 50  TYR A OH  1 
ATOM   375  N  N   . CYS A 1 51  ? 3.870   -3.109  6.428   1.00 50.37 ? 51  CYS A N   1 
ATOM   376  C  CA  . CYS A 1 51  ? 4.896   -2.428  7.202   1.00 50.61 ? 51  CYS A CA  1 
ATOM   377  C  C   . CYS A 1 51  ? 4.970   -0.952  6.861   1.00 50.83 ? 51  CYS A C   1 
ATOM   378  O  O   . CYS A 1 51  ? 4.993   -0.105  7.751   1.00 49.12 ? 51  CYS A O   1 
ATOM   379  C  CB  . CYS A 1 51  ? 6.266   -3.082  6.941   1.00 51.54 ? 51  CYS A CB  1 
ATOM   380  S  SG  . CYS A 1 51  ? 7.582   -2.463  7.963   1.00 52.24 ? 51  CYS A SG  1 
ATOM   381  N  N   . LEU A 1 52  ? 5.008   -0.641  5.567   1.00 50.52 ? 52  LEU A N   1 
ATOM   382  C  CA  . LEU A 1 52  ? 5.188   0.739   5.151   1.00 51.14 ? 52  LEU A CA  1 
ATOM   383  C  C   . LEU A 1 52  ? 3.937   1.597   5.404   1.00 50.79 ? 52  LEU A C   1 
ATOM   384  O  O   . LEU A 1 52  ? 4.045   2.746   5.806   1.00 51.08 ? 52  LEU A O   1 
ATOM   385  C  CB  . LEU A 1 52  ? 5.574   0.767   3.668   1.00 52.08 ? 52  LEU A CB  1 
ATOM   386  C  CG  . LEU A 1 52  ? 6.334   1.981   3.160   1.00 52.65 ? 52  LEU A CG  1 
ATOM   387  C  CD1 . LEU A 1 52  ? 7.571   2.319   4.011   1.00 52.67 ? 52  LEU A CD1 1 
ATOM   388  C  CD2 . LEU A 1 52  ? 6.692   1.712   1.670   1.00 53.23 ? 52  LEU A CD2 1 
ATOM   389  N  N   . LEU A 1 53  ? 2.751   1.048   5.134   1.00 49.81 ? 53  LEU A N   1 
ATOM   390  C  CA  . LEU A 1 53  ? 1.486   1.717   5.491   1.00 49.34 ? 53  LEU A CA  1 
ATOM   391  C  C   . LEU A 1 53  ? 1.414   2.039   6.981   1.00 48.99 ? 53  LEU A C   1 
ATOM   392  O  O   . LEU A 1 53  ? 0.979   3.106   7.369   1.00 48.87 ? 53  LEU A O   1 
ATOM   393  C  CB  . LEU A 1 53  ? 0.298   0.858   5.092   1.00 48.41 ? 53  LEU A CB  1 
ATOM   394  C  CG  . LEU A 1 53  ? 0.055   0.672   3.608   1.00 49.66 ? 53  LEU A CG  1 
ATOM   395  C  CD1 . LEU A 1 53  ? -1.037  -0.365  3.333   1.00 53.38 ? 53  LEU A CD1 1 
ATOM   396  C  CD2 . LEU A 1 53  ? -0.297  1.964   2.950   1.00 50.57 ? 53  LEU A CD2 1 
ATOM   397  N  N   . GLU A 1 54  ? 1.816   1.091   7.808   1.00 49.37 ? 54  GLU A N   1 
ATOM   398  C  CA  . GLU A 1 54  ? 1.744   1.234   9.268   1.00 49.87 ? 54  GLU A CA  1 
ATOM   399  C  C   . GLU A 1 54  ? 2.680   2.336   9.710   1.00 49.98 ? 54  GLU A C   1 
ATOM   400  O  O   . GLU A 1 54  ? 2.328   3.151   10.550  1.00 50.30 ? 54  GLU A O   1 
ATOM   401  C  CB  . GLU A 1 54  ? 2.105   -0.094  9.923   1.00 50.70 ? 54  GLU A CB  1 
ATOM   402  C  CG  . GLU A 1 54  ? 1.945   -0.184  11.426  1.00 51.73 ? 54  GLU A CG  1 
ATOM   403  C  CD  . GLU A 1 54  ? 2.995   0.571   12.221  0.70 51.29 ? 54  GLU A CD  1 
ATOM   404  O  OE1 . GLU A 1 54  ? 4.185   0.582   11.837  0.70 48.11 ? 54  GLU A OE1 1 
ATOM   405  O  OE2 . GLU A 1 54  ? 2.618   1.131   13.282  0.70 55.99 ? 54  GLU A OE2 1 
ATOM   406  N  N   . ALA A 1 55  ? 3.858   2.402   9.099   1.00 49.67 ? 55  ALA A N   1 
ATOM   407  C  CA  . ALA A 1 55  ? 4.877   3.407   9.459   1.00 49.76 ? 55  ALA A CA  1 
ATOM   408  C  C   . ALA A 1 55  ? 4.351   4.810   9.270   1.00 50.09 ? 55  ALA A C   1 
ATOM   409  O  O   . ALA A 1 55  ? 4.775   5.747   9.967   1.00 50.03 ? 55  ALA A O   1 
ATOM   410  C  CB  . ALA A 1 55  ? 6.145   3.195   8.613   1.00 49.46 ? 55  ALA A CB  1 
ATOM   411  N  N   . PHE A 1 56  ? 3.423   4.977   8.332   1.00 50.02 ? 56  PHE A N   1 
ATOM   412  C  CA  . PHE A 1 56  ? 2.809   6.271   8.134   1.00 50.17 ? 56  PHE A CA  1 
ATOM   413  C  C   . PHE A 1 56  ? 1.371   6.404   8.611   1.00 49.53 ? 56  PHE A C   1 
ATOM   414  O  O   . PHE A 1 56  ? 0.633   7.252   8.137   1.00 49.10 ? 56  PHE A O   1 
ATOM   415  C  CB  . PHE A 1 56  ? 3.029   6.686   6.688   1.00 51.06 ? 56  PHE A CB  1 
ATOM   416  C  CG  . PHE A 1 56  ? 4.470   6.971   6.419   1.00 53.08 ? 56  PHE A CG  1 
ATOM   417  C  CD1 . PHE A 1 56  ? 5.000   8.215   6.716   1.00 52.65 ? 56  PHE A CD1 1 
ATOM   418  C  CD2 . PHE A 1 56  ? 5.321   5.972   5.972   1.00 53.44 ? 56  PHE A CD2 1 
ATOM   419  C  CE1 . PHE A 1 56  ? 6.345   8.461   6.518   1.00 52.55 ? 56  PHE A CE1 1 
ATOM   420  C  CE2 . PHE A 1 56  ? 6.658   6.225   5.781   1.00 51.57 ? 56  PHE A CE2 1 
ATOM   421  C  CZ  . PHE A 1 56  ? 7.159   7.451   6.051   1.00 51.96 ? 56  PHE A CZ  1 
ATOM   422  N  N   . SER A 1 57  ? 1.020   5.599   9.613   1.00 49.43 ? 57  SER A N   1 
ATOM   423  C  CA  . SER A 1 57  ? -0.297  5.618   10.242  1.00 49.27 ? 57  SER A CA  1 
ATOM   424  C  C   . SER A 1 57  ? -1.458  5.478   9.268   1.00 48.40 ? 57  SER A C   1 
ATOM   425  O  O   . SER A 1 57  ? -2.558  5.938   9.527   1.00 48.91 ? 57  SER A O   1 
ATOM   426  C  CB  . SER A 1 57  ? -0.467  6.875   11.100  0.80 49.54 ? 57  SER A CB  1 
ATOM   427  O  OG  . SER A 1 57  ? 0.570   6.951   12.070  0.80 51.14 ? 57  SER A OG  1 
ATOM   428  N  N   . LEU A 1 58  ? -1.233  4.797   8.162   1.00 47.65 ? 58  LEU A N   1 
ATOM   429  C  CA  . LEU A 1 58  ? -2.312  4.554   7.212   1.00 47.55 ? 58  LEU A CA  1 
ATOM   430  C  C   . LEU A 1 58  ? -3.137  3.344   7.557   1.00 46.96 ? 58  LEU A C   1 
ATOM   431  O  O   . LEU A 1 58  ? -4.235  3.198   7.059   1.00 46.36 ? 58  LEU A O   1 
ATOM   432  C  CB  . LEU A 1 58  ? -1.758  4.403   5.804   1.00 47.84 ? 58  LEU A CB  1 
ATOM   433  C  CG  . LEU A 1 58  ? -1.225  5.678   5.173   1.00 48.07 ? 58  LEU A CG  1 
ATOM   434  C  CD1 . LEU A 1 58  ? -0.548  5.342   3.847   1.00 48.85 ? 58  LEU A CD1 1 
ATOM   435  C  CD2 . LEU A 1 58  ? -2.376  6.670   4.984   1.00 49.98 ? 58  LEU A CD2 1 
ATOM   436  N  N   . VAL A 1 59  ? -2.591  2.465   8.377   1.00 47.29 ? 59  VAL A N   1 
ATOM   437  C  CA  . VAL A 1 59  ? -3.309  1.310   8.864   1.00 47.51 ? 59  VAL A CA  1 
ATOM   438  C  C   . VAL A 1 59  ? -3.011  1.145   10.356  1.00 48.12 ? 59  VAL A C   1 
ATOM   439  O  O   . VAL A 1 59  ? -1.991  1.633   10.848  1.00 47.46 ? 59  VAL A O   1 
ATOM   440  C  CB  . VAL A 1 59  ? -2.920  -0.019  8.145   1.00 47.90 ? 59  VAL A CB  1 
ATOM   441  C  CG1 . VAL A 1 59  ? -3.417  -0.034  6.657   1.00 48.46 ? 59  VAL A CG1 1 
ATOM   442  C  CG2 . VAL A 1 59  ? -1.450  -0.319  8.277   1.00 46.98 ? 59  VAL A CG2 1 
ATOM   443  N  N   . ASP A 1 60  ? -3.914  0.455   11.056  1.00 48.29 ? 60  ASP A N   1 
ATOM   444  C  CA  . ASP A 1 60  ? -3.717  0.148   12.483  1.00 48.10 ? 60  ASP A CA  1 
ATOM   445  C  C   . ASP A 1 60  ? -3.195  -1.296  12.701  1.00 48.91 ? 60  ASP A C   1 
ATOM   446  O  O   . ASP A 1 60  ? -2.716  -1.973  11.757  1.00 49.66 ? 60  ASP A O   1 
ATOM   447  C  CB  . ASP A 1 60  ? -5.014  0.447   13.252  1.00 48.25 ? 60  ASP A CB  1 
ATOM   448  C  CG  . ASP A 1 60  ? -6.153  -0.530  12.912  1.00 47.61 ? 60  ASP A CG  1 
ATOM   449  O  OD1 . ASP A 1 60  ? -5.888  -1.581  12.281  1.00 49.04 ? 60  ASP A OD1 1 
ATOM   450  O  OD2 . ASP A 1 60  ? -7.297  -0.263  13.299  1.00 45.71 ? 60  ASP A OD2 1 
ATOM   451  N  N   . ASP A 1 61  ? -3.259  -1.763  13.951  1.00 48.41 ? 61  ASP A N   1 
ATOM   452  C  CA  . ASP A 1 61  ? -2.720  -3.082  14.315  1.00 48.78 ? 61  ASP A CA  1 
ATOM   453  C  C   . ASP A 1 61  ? -3.489  -4.288  13.745  1.00 48.32 ? 61  ASP A C   1 
ATOM   454  O  O   . ASP A 1 61  ? -2.942  -5.404  13.792  1.00 49.37 ? 61  ASP A O   1 
ATOM   455  C  CB  . ASP A 1 61  ? -2.602  -3.251  15.848  1.00 48.03 ? 61  ASP A CB  1 
ATOM   456  C  CG  . ASP A 1 61  ? -3.948  -3.485  16.531  1.00 49.05 ? 61  ASP A CG  1 
ATOM   457  O  OD1 . ASP A 1 61  ? -4.983  -2.923  16.075  1.00 45.64 ? 61  ASP A OD1 1 
ATOM   458  O  OD2 . ASP A 1 61  ? -3.976  -4.194  17.583  1.00 47.77 ? 61  ASP A OD2 1 
ATOM   459  N  N   . GLU A 1 62  ? -4.663  -4.057  13.173  1.00 46.95 ? 62  GLU A N   1 
ATOM   460  C  CA  . GLU A 1 62  ? -5.401  -5.089  12.433  1.00 48.17 ? 62  GLU A CA  1 
ATOM   461  C  C   . GLU A 1 62  ? -5.634  -4.784  10.959  1.00 48.23 ? 62  GLU A C   1 
ATOM   462  O  O   . GLU A 1 62  ? -6.565  -5.318  10.328  1.00 47.08 ? 62  GLU A O   1 
ATOM   463  C  CB  A GLU A 1 62  ? -6.806  -5.251  13.038  0.40 47.78 ? 62  GLU A CB  1 
ATOM   464  C  CB  B GLU A 1 62  ? -6.662  -5.494  13.207  0.60 47.90 ? 62  GLU A CB  1 
ATOM   465  C  CG  A GLU A 1 62  ? -6.858  -5.649  14.485  0.40 48.50 ? 62  GLU A CG  1 
ATOM   466  C  CG  B GLU A 1 62  ? -6.194  -6.211  14.483  0.60 48.89 ? 62  GLU A CG  1 
ATOM   467  C  CD  A GLU A 1 62  ? -6.971  -7.137  14.674  0.40 50.09 ? 62  GLU A CD  1 
ATOM   468  C  CD  B GLU A 1 62  ? -7.253  -6.911  15.270  0.60 49.39 ? 62  GLU A CD  1 
ATOM   469  O  OE1 A GLU A 1 62  ? -6.248  -7.882  13.980  0.40 50.12 ? 62  GLU A OE1 1 
ATOM   470  O  OE1 B GLU A 1 62  ? -8.452  -6.662  15.022  0.60 48.24 ? 62  GLU A OE1 1 
ATOM   471  O  OE2 A GLU A 1 62  ? -7.792  -7.554  15.527  0.40 51.99 ? 62  GLU A OE2 1 
ATOM   472  O  OE2 B GLU A 1 62  ? -6.848  -7.718  16.158  0.60 52.04 ? 62  GLU A OE2 1 
ATOM   473  N  N   . ALA A 1 63  ? -4.791  -3.905  10.417  1.00 49.55 ? 63  ALA A N   1 
ATOM   474  C  CA  . ALA A 1 63  ? -4.817  -3.549  9.012   1.00 49.43 ? 63  ALA A CA  1 
ATOM   475  C  C   . ALA A 1 63  ? -6.130  -2.940  8.612   1.00 49.38 ? 63  ALA A C   1 
ATOM   476  O  O   . ALA A 1 63  ? -6.589  -3.187  7.517   1.00 49.81 ? 63  ALA A O   1 
ATOM   477  C  CB  . ALA A 1 63  ? -4.495  -4.797  8.140   1.00 49.60 ? 63  ALA A CB  1 
ATOM   478  N  N   . ASN A 1 64  ? -6.749  -2.169  9.511   1.00 50.10 ? 64  ASN A N   1 
ATOM   479  C  CA  . ASN A 1 64  ? -7.871  -1.324  9.175   1.00 50.08 ? 64  ASN A CA  1 
ATOM   480  C  C   . ASN A 1 64  ? -7.259  -0.048  8.621   1.00 49.55 ? 64  ASN A C   1 
ATOM   481  O  O   . ASN A 1 64  ? -6.351  0.510   9.236   1.00 48.40 ? 64  ASN A O   1 
ATOM   482  C  CB  . ASN A 1 64  ? -8.764  -0.974  10.392  1.00 50.30 ? 64  ASN A CB  1 
ATOM   483  C  CG  . ASN A 1 64  ? -9.302  -2.204  11.104  1.00 52.68 ? 64  ASN A CG  1 
ATOM   484  O  OD1 . ASN A 1 64  ? -8.931  -2.503  12.258  1.00 55.87 ? 64  ASN A OD1 1 
ATOM   485  N  ND2 . ASN A 1 64  ? -10.138 -2.948  10.414  1.00 48.85 ? 64  ASN A ND2 1 
ATOM   486  N  N   . VAL A 1 65  ? -7.777  0.423   7.489   1.00 50.06 ? 65  VAL A N   1 
ATOM   487  C  CA  . VAL A 1 65  ? -7.230  1.593   6.813   1.00 50.49 ? 65  VAL A CA  1 
ATOM   488  C  C   . VAL A 1 65  ? -7.816  2.854   7.419   1.00 51.53 ? 65  VAL A C   1 
ATOM   489  O  O   . VAL A 1 65  ? -9.021  2.934   7.634   1.00 52.32 ? 65  VAL A O   1 
ATOM   490  C  CB  . VAL A 1 65  ? -7.552  1.560   5.313   1.00 50.59 ? 65  VAL A CB  1 
ATOM   491  C  CG1 . VAL A 1 65  ? -7.237  2.906   4.666   1.00 50.90 ? 65  VAL A CG1 1 
ATOM   492  C  CG2 . VAL A 1 65  ? -6.790  0.419   4.628   1.00 48.26 ? 65  VAL A CG2 1 
ATOM   493  N  N   . ASP A 1 66  ? -6.971  3.838   7.710   1.00 52.06 ? 66  ASP A N   1 
ATOM   494  C  CA  . ASP A 1 66  ? -7.442  5.165   8.126   1.00 52.59 ? 66  ASP A CA  1 
ATOM   495  C  C   . ASP A 1 66  ? -7.734  6.003   6.884   1.00 53.04 ? 66  ASP A C   1 
ATOM   496  O  O   . ASP A 1 66  ? -6.808  6.553   6.271   1.00 53.04 ? 66  ASP A O   1 
ATOM   497  C  CB  . ASP A 1 66  ? -6.397  5.874   8.999   1.00 52.36 ? 66  ASP A CB  1 
ATOM   498  C  CG  . ASP A 1 66  ? -6.927  7.185   9.609   0.50 51.97 ? 66  ASP A CG  1 
ATOM   499  O  OD1 . ASP A 1 66  ? -7.784  7.848   9.000   0.50 49.53 ? 66  ASP A OD1 1 
ATOM   500  O  OD2 . ASP A 1 66  ? -6.476  7.555   10.705  0.50 51.55 ? 66  ASP A OD2 1 
ATOM   501  N  N   . GLU A 1 67  ? -9.017  6.119   6.525   1.00 53.67 ? 67  GLU A N   1 
ATOM   502  C  CA  . GLU A 1 67  ? -9.391  6.702   5.244   1.00 54.36 ? 67  GLU A CA  1 
ATOM   503  C  C   . GLU A 1 67  ? -9.087  8.195   5.190   1.00 55.03 ? 67  GLU A C   1 
ATOM   504  O  O   . GLU A 1 67  ? -8.746  8.729   4.135   1.00 55.45 ? 67  GLU A O   1 
ATOM   505  C  CB  . GLU A 1 67  ? -10.874 6.488   4.965   1.00 55.03 ? 67  GLU A CB  1 
ATOM   506  C  CG  . GLU A 1 67  ? -11.299 5.011   4.868   0.50 55.13 ? 67  GLU A CG  1 
ATOM   507  C  CD  . GLU A 1 67  ? -12.791 4.856   4.606   0.50 54.85 ? 67  GLU A CD  1 
ATOM   508  O  OE1 . GLU A 1 67  ? -13.320 5.558   3.721   0.50 54.02 ? 67  GLU A OE1 1 
ATOM   509  O  OE2 . GLU A 1 67  ? -13.427 4.034   5.293   0.50 56.21 ? 67  GLU A OE2 1 
ATOM   510  N  N   . ASP A 1 68  ? -9.205  8.864   6.330   1.00 55.38 ? 68  ASP A N   1 
ATOM   511  C  CA  . ASP A 1 68  ? -8.983  10.310  6.389   1.00 55.26 ? 68  ASP A CA  1 
ATOM   512  C  C   . ASP A 1 68  ? -7.495  10.639  6.203   1.00 55.62 ? 68  ASP A C   1 
ATOM   513  O  O   . ASP A 1 68  ? -7.135  11.483  5.374   1.00 56.11 ? 68  ASP A O   1 
ATOM   514  C  CB  . ASP A 1 68  ? -9.539  10.883  7.701   1.00 55.51 ? 68  ASP A CB  1 
ATOM   515  C  CG  . ASP A 1 68  ? -11.077 10.917  7.731   0.50 54.89 ? 68  ASP A CG  1 
ATOM   516  O  OD1 . ASP A 1 68  ? -11.704 11.206  6.692   0.50 55.18 ? 68  ASP A OD1 1 
ATOM   517  O  OD2 . ASP A 1 68  ? -11.663 10.659  8.798   0.50 54.89 ? 68  ASP A OD2 1 
ATOM   518  N  N   . ILE A 1 69  ? -6.622  9.953   6.939   1.00 55.54 ? 69  ILE A N   1 
ATOM   519  C  CA  . ILE A 1 69  ? -5.197  10.121  6.720   1.00 55.38 ? 69  ILE A CA  1 
ATOM   520  C  C   . ILE A 1 69  ? -4.846  9.781   5.269   1.00 55.03 ? 69  ILE A C   1 
ATOM   521  O  O   . ILE A 1 69  ? -4.108  10.532  4.624   1.00 55.46 ? 69  ILE A O   1 
ATOM   522  C  CB  . ILE A 1 69  ? -4.336  9.293   7.698   1.00 55.95 ? 69  ILE A CB  1 
ATOM   523  C  CG1 . ILE A 1 69  ? -4.495  9.849   9.118   1.00 56.66 ? 69  ILE A CG1 1 
ATOM   524  C  CG2 . ILE A 1 69  ? -2.867  9.338   7.264   1.00 55.13 ? 69  ILE A CG2 1 
ATOM   525  C  CD1 . ILE A 1 69  ? -3.819  8.978   10.185  1.00 56.30 ? 69  ILE A CD1 1 
ATOM   526  N  N   . MET A 1 70  ? -5.406  8.694   4.736   1.00 54.47 ? 70  MET A N   1 
ATOM   527  C  CA  . MET A 1 70  ? -5.155  8.310   3.340   1.00 54.40 ? 70  MET A CA  1 
ATOM   528  C  C   . MET A 1 70  ? -5.586  9.396   2.353   1.00 54.07 ? 70  MET A C   1 
ATOM   529  O  O   . MET A 1 70  ? -4.841  9.739   1.444   1.00 53.68 ? 70  MET A O   1 
ATOM   530  C  CB  A MET A 1 70  ? -5.827  6.979   2.995   0.50 54.52 ? 70  MET A CB  1 
ATOM   531  C  CB  B MET A 1 70  ? -5.905  7.020   3.007   0.50 54.36 ? 70  MET A CB  1 
ATOM   532  C  CG  A MET A 1 70  ? -5.462  6.440   1.610   0.50 54.75 ? 70  MET A CG  1 
ATOM   533  C  CG  B MET A 1 70  ? -5.672  6.505   1.600   0.50 54.29 ? 70  MET A CG  1 
ATOM   534  S  SD  A MET A 1 70  ? -5.490  4.633   1.495   0.50 56.44 ? 70  MET A SD  1 
ATOM   535  S  SD  B MET A 1 70  ? -3.978  5.941   1.417   0.50 54.20 ? 70  MET A SD  1 
ATOM   536  C  CE  A MET A 1 70  ? -3.981  4.192   2.343   0.50 54.83 ? 70  MET A CE  1 
ATOM   537  C  CE  B MET A 1 70  ? -4.100  4.288   2.107   0.50 52.37 ? 70  MET A CE  1 
ATOM   538  N  N   . LEU A 1 71  ? -6.793  9.923   2.520   1.00 53.63 ? 71  LEU A N   1 
ATOM   539  C  CA  . LEU A 1 71  ? -7.255  11.004  1.651   1.00 53.54 ? 71  LEU A CA  1 
ATOM   540  C  C   . LEU A 1 71  ? -6.365  12.245  1.834   1.00 53.27 ? 71  LEU A C   1 
ATOM   541  O  O   . LEU A 1 71  ? -6.005  12.896  0.863   1.00 53.39 ? 71  LEU A O   1 
ATOM   542  C  CB  . LEU A 1 71  ? -8.730  11.309  1.909   1.00 53.33 ? 71  LEU A CB  1 
ATOM   543  C  CG  . LEU A 1 71  ? -9.708  10.184  1.534   1.00 53.01 ? 71  LEU A CG  1 
ATOM   544  C  CD1 . LEU A 1 71  ? -11.132 10.605  1.832   1.00 51.84 ? 71  LEU A CD1 1 
ATOM   545  C  CD2 . LEU A 1 71  ? -9.573  9.720   0.080   1.00 53.13 ? 71  LEU A CD2 1 
ATOM   546  N  N   . GLY A 1 72  ? -5.968  12.519  3.076   1.00 53.25 ? 72  GLY A N   1 
ATOM   547  C  CA  . GLY A 1 72  ? -5.021  13.590  3.395   1.00 52.95 ? 72  GLY A CA  1 
ATOM   548  C  C   . GLY A 1 72  ? -3.730  13.583  2.583   1.00 52.81 ? 72  GLY A C   1 
ATOM   549  O  O   . GLY A 1 72  ? -3.203  14.643  2.226   1.00 52.07 ? 72  GLY A O   1 
ATOM   550  N  N   . LEU A 1 73  ? -3.232  12.392  2.277   1.00 52.37 ? 73  LEU A N   1 
ATOM   551  C  CA  . LEU A 1 73  ? -1.975  12.243  1.539   1.00 52.24 ? 73  LEU A CA  1 
ATOM   552  C  C   . LEU A 1 73  ? -2.098  12.347  0.017   1.00 52.01 ? 73  LEU A C   1 
ATOM   553  O  O   . LEU A 1 73  ? -1.131  12.692  -0.647  1.00 51.98 ? 73  LEU A O   1 
ATOM   554  C  CB  . LEU A 1 73  ? -1.305  10.908  1.904   1.00 51.80 ? 73  LEU A CB  1 
ATOM   555  C  CG  . LEU A 1 73  ? -0.870  10.818  3.356   1.00 51.40 ? 73  LEU A CG  1 
ATOM   556  C  CD1 . LEU A 1 73  ? -0.204  9.473   3.630   1.00 49.70 ? 73  LEU A CD1 1 
ATOM   557  C  CD2 . LEU A 1 73  ? 0.064   11.979  3.714   1.00 50.11 ? 73  LEU A CD2 1 
ATOM   558  N  N   . LEU A 1 74  ? -3.254  12.017  -0.546  1.00 51.96 ? 74  LEU A N   1 
ATOM   559  C  CA  . LEU A 1 74  ? -3.410  12.045  -2.000  1.00 51.62 ? 74  LEU A CA  1 
ATOM   560  C  C   . LEU A 1 74  ? -3.705  13.461  -2.488  1.00 51.88 ? 74  LEU A C   1 
ATOM   561  O  O   . LEU A 1 74  ? -4.181  14.287  -1.712  1.00 52.41 ? 74  LEU A O   1 
ATOM   562  C  CB  . LEU A 1 74  ? -4.539  11.111  -2.424  1.00 51.53 ? 74  LEU A CB  1 
ATOM   563  C  CG  . LEU A 1 74  ? -4.323  9.631   -2.134  1.00 50.48 ? 74  LEU A CG  1 
ATOM   564  C  CD1 . LEU A 1 74  ? -5.562  8.862   -2.540  1.00 49.75 ? 74  LEU A CD1 1 
ATOM   565  C  CD2 . LEU A 1 74  ? -3.090  9.116   -2.860  1.00 49.50 ? 74  LEU A CD2 1 
ATOM   566  N  N   . PRO A 1 75  ? -3.431  13.746  -3.778  1.00 51.56 ? 75  PRO A N   1 
ATOM   567  C  CA  . PRO A 1 75  ? -3.747  15.042  -4.352  1.00 51.36 ? 75  PRO A CA  1 
ATOM   568  C  C   . PRO A 1 75  ? -5.205  15.118  -4.811  1.00 51.32 ? 75  PRO A C   1 
ATOM   569  O  O   . PRO A 1 75  ? -5.868  14.082  -4.931  1.00 51.43 ? 75  PRO A O   1 
ATOM   570  C  CB  . PRO A 1 75  ? -2.795  15.128  -5.545  1.00 51.42 ? 75  PRO A CB  1 
ATOM   571  C  CG  . PRO A 1 75  ? -2.586  13.719  -5.959  1.00 51.95 ? 75  PRO A CG  1 
ATOM   572  C  CD  . PRO A 1 75  ? -2.794  12.853  -4.764  1.00 51.52 ? 75  PRO A CD  1 
ATOM   573  N  N   . ASP A 1 76  ? -5.682  16.330  -5.102  1.00 51.08 ? 76  ASP A N   1 
ATOM   574  C  CA  . ASP A 1 76  ? -7.112  16.567  -5.249  1.00 50.55 ? 76  ASP A CA  1 
ATOM   575  C  C   . ASP A 1 76  ? -7.704  15.823  -6.451  1.00 50.37 ? 76  ASP A C   1 
ATOM   576  O  O   . ASP A 1 76  ? -8.835  15.327  -6.389  1.00 50.51 ? 76  ASP A O   1 
ATOM   577  C  CB  . ASP A 1 76  ? -7.417  18.078  -5.252  1.00 50.51 ? 76  ASP A CB  1 
ATOM   578  C  CG  . ASP A 1 76  ? -7.158  18.747  -6.603  1.00 50.78 ? 76  ASP A CG  1 
ATOM   579  O  OD1 . ASP A 1 76  ? -6.351  18.183  -7.373  1.00 52.62 ? 76  ASP A OD1 1 
ATOM   580  O  OD2 . ASP A 1 76  ? -7.739  19.841  -6.882  1.00 45.90 ? 76  ASP A OD2 1 
ATOM   581  N  N   . GLN A 1 77  ? -6.933  15.722  -7.530  1.00 50.13 ? 77  GLN A N   1 
ATOM   582  C  CA  . GLN A 1 77  ? -7.395  15.030  -8.735  1.00 50.32 ? 77  GLN A CA  1 
ATOM   583  C  C   . GLN A 1 77  ? -7.757  13.552  -8.478  1.00 50.49 ? 77  GLN A C   1 
ATOM   584  O  O   . GLN A 1 77  ? -8.682  13.019  -9.103  1.00 50.06 ? 77  GLN A O   1 
ATOM   585  C  CB  . GLN A 1 77  ? -6.361  15.162  -9.859  1.00 50.17 ? 77  GLN A CB  1 
ATOM   586  C  CG  . GLN A 1 77  ? -5.008  14.522  -9.548  1.00 50.28 ? 77  GLN A CG  1 
ATOM   587  C  CD  . GLN A 1 77  ? -3.920  14.935  -10.515 0.90 50.53 ? 77  GLN A CD  1 
ATOM   588  O  OE1 . GLN A 1 77  ? -4.168  15.660  -11.490 0.90 50.81 ? 77  GLN A OE1 1 
ATOM   589  N  NE2 . GLN A 1 77  ? -2.700  14.479  -10.251 0.90 49.60 ? 77  GLN A NE2 1 
ATOM   590  N  N   . LEU A 1 78  ? -7.045  12.903  -7.552  1.00 50.57 ? 78  LEU A N   1 
ATOM   591  C  CA  . LEU A 1 78  ? -7.367  11.535  -7.153  1.00 50.95 ? 78  LEU A CA  1 
ATOM   592  C  C   . LEU A 1 78  ? -8.328  11.435  -5.957  1.00 50.95 ? 78  LEU A C   1 
ATOM   593  O  O   . LEU A 1 78  ? -8.777  10.346  -5.626  1.00 51.13 ? 78  LEU A O   1 
ATOM   594  C  CB  . LEU A 1 78  ? -6.082  10.775  -6.799  1.00 51.35 ? 78  LEU A CB  1 
ATOM   595  C  CG  . LEU A 1 78  ? -5.262  10.127  -7.917  1.00 52.01 ? 78  LEU A CG  1 
ATOM   596  C  CD1 . LEU A 1 78  ? -4.033  9.462   -7.298  1.00 51.32 ? 78  LEU A CD1 1 
ATOM   597  C  CD2 . LEU A 1 78  ? -6.082  9.110   -8.709  1.00 52.62 ? 78  LEU A CD2 1 
ATOM   598  N  N   . GLN A 1 79  ? -8.648  12.551  -5.315  1.00 51.29 ? 79  GLN A N   1 
ATOM   599  C  CA  . GLN A 1 79  ? -9.359  12.509  -4.029  1.00 51.56 ? 79  GLN A CA  1 
ATOM   600  C  C   . GLN A 1 79  ? -10.751 11.842  -4.012  1.00 51.78 ? 79  GLN A C   1 
ATOM   601  O  O   . GLN A 1 79  ? -11.093 11.217  -3.013  1.00 51.22 ? 79  GLN A O   1 
ATOM   602  C  CB  A GLN A 1 79  ? -9.377  13.883  -3.333  0.50 51.71 ? 79  GLN A CB  1 
ATOM   603  C  CB  B GLN A 1 79  ? -9.475  13.920  -3.427  0.50 51.77 ? 79  GLN A CB  1 
ATOM   604  C  CG  A GLN A 1 79  ? -8.105  14.147  -2.497  0.50 52.08 ? 79  GLN A CG  1 
ATOM   605  C  CG  B GLN A 1 79  ? -8.403  14.265  -2.400  0.50 52.29 ? 79  GLN A CG  1 
ATOM   606  C  CD  A GLN A 1 79  ? -8.249  15.291  -1.500  0.50 51.92 ? 79  GLN A CD  1 
ATOM   607  C  CD  B GLN A 1 79  ? -8.803  13.932  -0.966  0.50 52.62 ? 79  GLN A CD  1 
ATOM   608  O  OE1 A GLN A 1 79  ? -7.442  15.425  -0.574  0.50 52.20 ? 79  GLN A OE1 1 
ATOM   609  O  OE1 B GLN A 1 79  ? -9.951  13.588  -0.677  0.50 52.63 ? 79  GLN A OE1 1 
ATOM   610  N  NE2 A GLN A 1 79  ? -9.274  16.115  -1.681  0.50 52.41 ? 79  GLN A NE2 1 
ATOM   611  N  NE2 B GLN A 1 79  ? -7.853  14.063  -0.059  0.50 52.20 ? 79  GLN A NE2 1 
ATOM   612  N  N   . GLU A 1 80  ? -11.576 11.917  -5.062  1.00 52.15 ? 80  GLU A N   1 
ATOM   613  C  CA  . GLU A 1 80  ? -12.752 11.020  -4.991  1.00 52.38 ? 80  GLU A CA  1 
ATOM   614  C  C   . GLU A 1 80  ? -12.803 9.777   -5.890  1.00 52.94 ? 80  GLU A C   1 
ATOM   615  O  O   . GLU A 1 80  ? -13.622 8.883   -5.665  1.00 53.15 ? 80  GLU A O   1 
ATOM   616  C  CB  . GLU A 1 80  ? -14.075 11.747  -4.862  1.00 52.64 ? 80  GLU A CB  1 
ATOM   617  C  CG  . GLU A 1 80  ? -14.524 12.637  -5.980  0.80 51.52 ? 80  GLU A CG  1 
ATOM   618  C  CD  . GLU A 1 80  ? -15.891 13.159  -5.659  0.80 52.18 ? 80  GLU A CD  1 
ATOM   619  O  OE1 . GLU A 1 80  ? -16.217 13.197  -4.448  0.80 50.37 ? 80  GLU A OE1 1 
ATOM   620  O  OE2 . GLU A 1 80  ? -16.642 13.519  -6.603  0.80 51.89 ? 80  GLU A OE2 1 
ATOM   621  N  N   . ARG A 1 81  ? -11.880 9.663   -6.837  1.00 52.99 ? 81  ARG A N   1 
ATOM   622  C  CA  . ARG A 1 81  ? -11.575 8.345   -7.362  1.00 52.71 ? 81  ARG A CA  1 
ATOM   623  C  C   . ARG A 1 81  ? -11.180 7.440   -6.194  1.00 52.49 ? 81  ARG A C   1 
ATOM   624  O  O   . ARG A 1 81  ? -11.644 6.308   -6.098  1.00 52.06 ? 81  ARG A O   1 
ATOM   625  C  CB  . ARG A 1 81  ? -10.445 8.397   -8.376  1.00 52.80 ? 81  ARG A CB  1 
ATOM   626  C  CG  . ARG A 1 81  ? -10.190 7.062   -9.032  1.00 53.08 ? 81  ARG A CG  1 
ATOM   627  C  CD  . ARG A 1 81  ? -9.386  7.228   -10.293 1.00 53.59 ? 81  ARG A CD  1 
ATOM   628  N  NE  . ARG A 1 81  ? -9.330  5.980   -11.042 1.00 54.45 ? 81  ARG A NE  1 
ATOM   629  C  CZ  . ARG A 1 81  ? -8.649  5.815   -12.169 0.80 55.88 ? 81  ARG A CZ  1 
ATOM   630  N  NH1 . ARG A 1 81  ? -7.952  6.825   -12.688 0.80 56.74 ? 81  ARG A NH1 1 
ATOM   631  N  NH2 . ARG A 1 81  ? -8.666  4.632   -12.779 0.80 55.90 ? 81  ARG A NH2 1 
ATOM   632  N  N   . ALA A 1 82  ? -10.340 7.955   -5.298  1.00 52.41 ? 82  ALA A N   1 
ATOM   633  C  CA  . ALA A 1 82  ? -9.901  7.195   -4.128  1.00 52.30 ? 82  ALA A CA  1 
ATOM   634  C  C   . ALA A 1 82  ? -11.063 6.835   -3.191  1.00 52.28 ? 82  ALA A C   1 
ATOM   635  O  O   . ALA A 1 82  ? -11.137 5.696   -2.700  1.00 52.30 ? 82  ALA A O   1 
ATOM   636  C  CB  . ALA A 1 82  ? -8.805  7.947   -3.376  1.00 52.21 ? 82  ALA A CB  1 
ATOM   637  N  N   . GLN A 1 83  ? -11.964 7.788   -2.952  1.00 52.30 ? 83  GLN A N   1 
ATOM   638  C  CA  . GLN A 1 83  ? -13.163 7.543   -2.134  1.00 52.32 ? 83  GLN A CA  1 
ATOM   639  C  C   . GLN A 1 83  ? -14.025 6.467   -2.778  1.00 52.10 ? 83  GLN A C   1 
ATOM   640  O  O   . GLN A 1 83  ? -14.656 5.677   -2.087  1.00 51.94 ? 83  GLN A O   1 
ATOM   641  C  CB  . GLN A 1 83  ? -13.992 8.815   -1.948  1.00 52.31 ? 83  GLN A CB  1 
ATOM   642  C  CG  . GLN A 1 83  ? -13.440 9.796   -0.933  1.00 52.64 ? 83  GLN A CG  1 
ATOM   643  C  CD  . GLN A 1 83  ? -14.231 11.090  -0.885  1.00 53.36 ? 83  GLN A CD  1 
ATOM   644  O  OE1 . GLN A 1 83  ? -15.461 11.071  -0.873  1.00 56.38 ? 83  GLN A OE1 1 
ATOM   645  N  NE2 . GLN A 1 83  ? -13.532 12.224  -0.862  1.00 53.98 ? 83  GLN A NE2 1 
ATOM   646  N  N   . SER A 1 84  ? -14.051 6.460   -4.107  1.00 52.47 ? 84  SER A N   1 
ATOM   647  C  CA  . SER A 1 84  ? -14.787 5.455   -4.872  1.00 52.32 ? 84  SER A CA  1 
ATOM   648  C  C   . SER A 1 84  ? -14.110 4.098   -4.753  1.00 51.86 ? 84  SER A C   1 
ATOM   649  O  O   . SER A 1 84  ? -14.787 3.083   -4.612  1.00 51.47 ? 84  SER A O   1 
ATOM   650  C  CB  . SER A 1 84  ? -14.889 5.850   -6.347  1.00 52.26 ? 84  SER A CB  1 
ATOM   651  O  OG  . SER A 1 84  ? -15.633 4.884   -7.112  1.00 52.49 ? 84  SER A OG  1 
ATOM   652  N  N   . VAL A 1 85  ? -12.782 4.086   -4.817  1.00 52.18 ? 85  VAL A N   1 
ATOM   653  C  CA  . VAL A 1 85  ? -12.039 2.839   -4.686  1.00 52.39 ? 85  VAL A CA  1 
ATOM   654  C  C   . VAL A 1 85  ? -12.123 2.296   -3.249  1.00 52.57 ? 85  VAL A C   1 
ATOM   655  O  O   . VAL A 1 85  ? -12.237 1.090   -3.043  1.00 53.06 ? 85  VAL A O   1 
ATOM   656  C  CB  . VAL A 1 85  ? -10.565 3.019   -5.133  1.00 52.79 ? 85  VAL A CB  1 
ATOM   657  C  CG1 . VAL A 1 85  ? -9.770  1.741   -4.924  1.00 51.66 ? 85  VAL A CG1 1 
ATOM   658  C  CG2 . VAL A 1 85  ? -10.520 3.434   -6.604  1.00 51.61 ? 85  VAL A CG2 1 
ATOM   659  N  N   . MET A 1 86  ? -12.068 3.184   -2.262  1.00 52.74 ? 86  MET A N   1 
ATOM   660  C  CA  . MET A 1 86  ? -12.201 2.787   -0.854  1.00 52.62 ? 86  MET A CA  1 
ATOM   661  C  C   . MET A 1 86  ? -13.596 2.253   -0.524  1.00 52.80 ? 86  MET A C   1 
ATOM   662  O  O   . MET A 1 86  ? -13.732 1.397   0.341   1.00 53.07 ? 86  MET A O   1 
ATOM   663  C  CB  A MET A 1 86  ? -11.768 3.918   0.099   0.50 52.56 ? 86  MET A CB  1 
ATOM   664  C  CB  B MET A 1 86  ? -11.970 3.992   0.063   0.50 52.76 ? 86  MET A CB  1 
ATOM   665  C  CG  A MET A 1 86  ? -10.234 4.088   0.178   0.50 52.70 ? 86  MET A CG  1 
ATOM   666  C  CG  B MET A 1 86  ? -10.536 4.390   0.331   0.50 53.04 ? 86  MET A CG  1 
ATOM   667  S  SD  A MET A 1 86  ? -9.578  4.941   1.639   0.50 51.50 ? 86  MET A SD  1 
ATOM   668  S  SD  B MET A 1 86  ? -10.419 6.029   1.108   0.50 53.72 ? 86  MET A SD  1 
ATOM   669  C  CE  A MET A 1 86  ? -8.106  5.687   0.951   0.50 52.26 ? 86  MET A CE  1 
ATOM   670  C  CE  B MET A 1 86  ? -12.068 6.239   1.807   0.50 51.48 ? 86  MET A CE  1 
ATOM   671  N  N   . GLY A 1 87  ? -14.626 2.771   -1.187  1.00 52.74 ? 87  GLY A N   1 
ATOM   672  C  CA  . GLY A 1 87  ? -15.992 2.257   -1.020  1.00 52.96 ? 87  GLY A CA  1 
ATOM   673  C  C   . GLY A 1 87  ? -16.110 0.790   -1.404  1.00 53.29 ? 87  GLY A C   1 
ATOM   674  O  O   . GLY A 1 87  ? -16.687 -0.012  -0.667  1.00 53.50 ? 87  GLY A O   1 
ATOM   675  N  N   . LYS A 1 88  ? -15.536 0.445   -2.555  1.00 53.37 ? 88  LYS A N   1 
ATOM   676  C  CA  . LYS A 1 88  ? -15.432 -0.939  -3.016  1.00 52.92 ? 88  LYS A CA  1 
ATOM   677  C  C   . LYS A 1 88  ? -14.574 -1.794  -2.093  1.00 52.87 ? 88  LYS A C   1 
ATOM   678  O  O   . LYS A 1 88  ? -15.015 -2.835  -1.612  1.00 53.22 ? 88  LYS A O   1 
ATOM   679  C  CB  . LYS A 1 88  ? -14.801 -0.963  -4.415  1.00 53.39 ? 88  LYS A CB  1 
ATOM   680  C  CG  . LYS A 1 88  ? -15.056 -2.227  -5.237  1.00 53.63 ? 88  LYS A CG  1 
ATOM   681  C  CD  . LYS A 1 88  ? -14.121 -2.254  -6.417  0.50 53.35 ? 88  LYS A CD  1 
ATOM   682  C  CE  . LYS A 1 88  ? -14.324 -3.455  -7.307  0.50 53.58 ? 88  LYS A CE  1 
ATOM   683  N  NZ  . LYS A 1 88  ? -13.149 -3.613  -8.218  0.50 54.21 ? 88  LYS A NZ  1 
ATOM   684  N  N   . CYS A 1 89  ? -13.357 -1.331  -1.844  1.00 52.04 ? 89  CYS A N   1 
ATOM   685  C  CA  . CYS A 1 89  ? -12.273 -2.188  -1.360  1.00 51.59 ? 89  CYS A CA  1 
ATOM   686  C  C   . CYS A 1 89  ? -12.100 -2.255  0.151   1.00 50.75 ? 89  CYS A C   1 
ATOM   687  O  O   . CYS A 1 89  ? -11.379 -3.108  0.635   1.00 50.61 ? 89  CYS A O   1 
ATOM   688  C  CB  . CYS A 1 89  ? -10.948 -1.751  -1.990  1.00 51.81 ? 89  CYS A CB  1 
ATOM   689  S  SG  . CYS A 1 89  ? -10.900 -1.954  -3.811  1.00 53.06 ? 89  CYS A SG  1 
ATOM   690  N  N   . LEU A 1 90  ? -12.726 -1.343  0.883   1.00 50.31 ? 90  LEU A N   1 
ATOM   691  C  CA  . LEU A 1 90  ? -12.765 -1.392  2.342   1.00 50.15 ? 90  LEU A CA  1 
ATOM   692  C  C   . LEU A 1 90  ? -14.152 -1.857  2.775   1.00 49.94 ? 90  LEU A C   1 
ATOM   693  O  O   . LEU A 1 90  ? -15.116 -1.552  2.112   1.00 49.00 ? 90  LEU A O   1 
ATOM   694  C  CB  . LEU A 1 90  ? -12.453 -0.010  2.947   1.00 50.10 ? 90  LEU A CB  1 
ATOM   695  C  CG  . LEU A 1 90  ? -11.107 0.594   2.534   1.00 48.59 ? 90  LEU A CG  1 
ATOM   696  C  CD1 . LEU A 1 90  ? -10.916 1.970   3.105   1.00 48.68 ? 90  LEU A CD1 1 
ATOM   697  C  CD2 . LEU A 1 90  ? -9.976  -0.302  2.956   1.00 48.35 ? 90  LEU A CD2 1 
ATOM   698  N  N   . PRO A 1 91  ? -14.259 -2.563  3.914   1.00 49.73 ? 91  PRO A N   1 
ATOM   699  C  CA  . PRO A 1 91  ? -13.178 -2.912  4.828   1.00 49.72 ? 91  PRO A CA  1 
ATOM   700  C  C   . PRO A 1 91  ? -12.235 -3.996  4.323   1.00 49.62 ? 91  PRO A C   1 
ATOM   701  O  O   . PRO A 1 91  ? -12.603 -4.802  3.481   1.00 48.30 ? 91  PRO A O   1 
ATOM   702  C  CB  . PRO A 1 91  ? -13.920 -3.395  6.075   1.00 49.53 ? 91  PRO A CB  1 
ATOM   703  C  CG  . PRO A 1 91  ? -15.198 -3.882  5.571   1.00 50.15 ? 91  PRO A CG  1 
ATOM   704  C  CD  . PRO A 1 91  ? -15.569 -2.991  4.427   1.00 49.72 ? 91  PRO A CD  1 
ATOM   705  N  N   . THR A 1 92  ? -11.010 -4.007  4.847   1.00 50.53 ? 92  THR A N   1 
ATOM   706  C  CA  . THR A 1 92  ? -10.074 -5.047  4.515   1.00 50.83 ? 92  THR A CA  1 
ATOM   707  C  C   . THR A 1 92  ? -10.526 -6.367  5.143   1.00 51.74 ? 92  THR A C   1 
ATOM   708  O  O   . THR A 1 92  ? -11.185 -6.368  6.173   1.00 51.47 ? 92  THR A O   1 
ATOM   709  C  CB  . THR A 1 92  ? -8.647  -4.706  5.004   1.00 52.11 ? 92  THR A CB  1 
ATOM   710  O  OG1 . THR A 1 92  ? -8.636  -4.575  6.430   1.00 52.08 ? 92  THR A OG1 1 
ATOM   711  C  CG2 . THR A 1 92  ? -8.164  -3.387  4.359   1.00 49.68 ? 92  THR A CG2 1 
ATOM   712  N  N   . SER A 1 93  ? -10.164 -7.479  4.495   1.00 52.20 ? 93  SER A N   1 
ATOM   713  C  CA  . SER A 1 93  ? -10.435 -8.821  4.996   1.00 51.86 ? 93  SER A CA  1 
ATOM   714  C  C   . SER A 1 93  ? -9.278  -9.740  4.582   1.00 51.58 ? 93  SER A C   1 
ATOM   715  O  O   . SER A 1 93  ? -8.674  -9.552  3.519   1.00 51.55 ? 93  SER A O   1 
ATOM   716  C  CB  . SER A 1 93  ? -11.743 -9.322  4.408   1.00 52.50 ? 93  SER A CB  1 
ATOM   717  O  OG  . SER A 1 93  ? -11.678 -9.290  2.985   1.00 55.46 ? 93  SER A OG  1 
ATOM   718  N  N   . GLY A 1 94  ? -8.968  -10.717 5.418   1.00 50.83 ? 94  GLY A N   1 
ATOM   719  C  CA  . GLY A 1 94  ? -7.835  -11.601 5.171   1.00 51.91 ? 94  GLY A CA  1 
ATOM   720  C  C   . GLY A 1 94  ? -7.513  -12.394 6.415   1.00 51.66 ? 94  GLY A C   1 
ATOM   721  O  O   . GLY A 1 94  ? -8.172  -12.213 7.443   1.00 53.58 ? 94  GLY A O   1 
ATOM   722  N  N   . SER A 1 95  ? -6.526  -13.284 6.313   1.00 51.31 ? 95  SER A N   1 
ATOM   723  C  CA  . SER A 1 95  ? -6.207  -14.261 7.358   1.00 51.00 ? 95  SER A CA  1 
ATOM   724  C  C   . SER A 1 95  ? -5.267  -13.671 8.412   1.00 50.91 ? 95  SER A C   1 
ATOM   725  O  O   . SER A 1 95  ? -5.037  -14.284 9.452   1.00 50.23 ? 95  SER A O   1 
ATOM   726  C  CB  . SER A 1 95  ? -5.528  -15.491 6.729   1.00 51.15 ? 95  SER A CB  1 
ATOM   727  O  OG  . SER A 1 95  ? -4.410  -15.098 5.907   1.00 52.45 ? 95  SER A OG  1 
ATOM   728  N  N   . ASP A 1 96  ? -4.676  -12.518 8.100   1.00 49.88 ? 96  ASP A N   1 
ATOM   729  C  CA  . ASP A 1 96  ? -3.706  -11.850 8.952   1.00 49.58 ? 96  ASP A CA  1 
ATOM   730  C  C   . ASP A 1 96  ? -3.421  -10.493 8.314   1.00 49.51 ? 96  ASP A C   1 
ATOM   731  O  O   . ASP A 1 96  ? -3.941  -10.214 7.228   1.00 50.62 ? 96  ASP A O   1 
ATOM   732  C  CB  . ASP A 1 96  ? -2.439  -12.687 9.137   1.00 49.52 ? 96  ASP A CB  1 
ATOM   733  C  CG  . ASP A 1 96  ? -1.649  -12.915 7.828   0.70 48.50 ? 96  ASP A CG  1 
ATOM   734  O  OD1 . ASP A 1 96  ? -1.745  -12.140 6.873   0.50 45.15 ? 96  ASP A OD1 1 
ATOM   735  O  OD2 . ASP A 1 96  ? -0.891  -13.890 7.792   0.50 49.98 ? 96  ASP A OD2 1 
ATOM   736  N  N   . ASN A 1 97  ? -2.611  -9.652  8.956   1.00 48.79 ? 97  ASN A N   1 
ATOM   737  C  CA  . ASN A 1 97  ? -2.389  -8.289  8.483   1.00 48.98 ? 97  ASN A CA  1 
ATOM   738  C  C   . ASN A 1 97  ? -1.796  -8.210  7.087   1.00 49.37 ? 97  ASN A C   1 
ATOM   739  O  O   . ASN A 1 97  ? -2.221  -7.390  6.273   1.00 51.16 ? 97  ASN A O   1 
ATOM   740  C  CB  . ASN A 1 97  ? -1.511  -7.502  9.466   1.00 48.17 ? 97  ASN A CB  1 
ATOM   741  C  CG  . ASN A 1 97  ? -2.246  -7.117  10.726  1.00 47.57 ? 97  ASN A CG  1 
ATOM   742  O  OD1 . ASN A 1 97  ? -3.480  -7.172  10.806  1.00 45.09 ? 97  ASN A OD1 1 
ATOM   743  N  ND2 . ASN A 1 97  ? -1.493  -6.739  11.728  1.00 45.45 ? 97  ASN A ND2 1 
ATOM   744  N  N   . CYS A 1 98  ? -0.861  -9.093  6.791   1.00 48.88 ? 98  CYS A N   1 
ATOM   745  C  CA  . CYS A 1 98  ? -0.187  -9.135  5.485   1.00 49.21 ? 98  CYS A CA  1 
ATOM   746  C  C   . CYS A 1 98  ? -1.157  -9.546  4.390   1.00 49.36 ? 98  CYS A C   1 
ATOM   747  O  O   . CYS A 1 98  ? -1.252  -8.924  3.317   1.00 48.99 ? 98  CYS A O   1 
ATOM   748  C  CB  . CYS A 1 98  ? 1.009   -10.091 5.588   1.00 49.99 ? 98  CYS A CB  1 
ATOM   749  S  SG  . CYS A 1 98  ? 2.201   -9.532  6.865   1.00 55.77 ? 98  CYS A SG  1 
ATOM   750  N  N   . ASN A 1 99  ? -1.970  -10.534 4.700   1.00 49.61 ? 99  ASN A N   1 
ATOM   751  C  CA  . ASN A 1 99  ? -2.947  -11.033 3.723   1.00 49.51 ? 99  ASN A CA  1 
ATOM   752  C  C   . ASN A 1 99  ? -4.094  -10.076 3.463   1.00 49.50 ? 99  ASN A C   1 
ATOM   753  O  O   . ASN A 1 99  ? -4.626  -9.996  2.348   1.00 48.95 ? 99  ASN A O   1 
ATOM   754  C  CB  . ASN A 1 99  ? -3.434  -12.419 4.139   1.00 49.59 ? 99  ASN A CB  1 
ATOM   755  C  CG  . ASN A 1 99  ? -4.344  -13.035 3.105   1.00 50.89 ? 99  ASN A CG  1 
ATOM   756  O  OD1 . ASN A 1 99  ? -3.959  -13.272 1.937   1.00 51.54 ? 99  ASN A OD1 1 
ATOM   757  N  ND2 . ASN A 1 99  ? -5.563  -13.271 3.517   1.00 45.75 ? 99  ASN A ND2 1 
ATOM   758  N  N   . LYS A 1 100 ? -4.480  -9.334  4.492   1.00 50.05 ? 100 LYS A N   1 
ATOM   759  C  CA  . LYS A 1 100 ? -5.454  -8.286  4.336   1.00 49.44 ? 100 LYS A CA  1 
ATOM   760  C  C   . LYS A 1 100 ? -4.947  -7.248  3.351   1.00 49.98 ? 100 LYS A C   1 
ATOM   761  O  O   . LYS A 1 100 ? -5.717  -6.741  2.522   1.00 49.52 ? 100 LYS A O   1 
ATOM   762  C  CB  . LYS A 1 100 ? -5.744  -7.626  5.689   1.00 50.14 ? 100 LYS A CB  1 
ATOM   763  C  CG  . LYS A 1 100 ? -6.597  -8.479  6.578   1.00 50.45 ? 100 LYS A CG  1 
ATOM   764  C  CD  . LYS A 1 100 ? -6.963  -7.828  7.869   1.00 51.47 ? 100 LYS A CD  1 
ATOM   765  C  CE  . LYS A 1 100 ? -7.805  -8.830  8.734   1.00 53.02 ? 100 LYS A CE  1 
ATOM   766  N  NZ  . LYS A 1 100 ? -8.015  -8.239  10.081  1.00 53.35 ? 100 LYS A NZ  1 
ATOM   767  N  N   . ILE A 1 101 ? -3.665  -6.889  3.457   1.00 48.72 ? 101 ILE A N   1 
ATOM   768  C  CA  . ILE A 1 101 ? -3.099  -5.879  2.584   1.00 49.08 ? 101 ILE A CA  1 
ATOM   769  C  C   . ILE A 1 101 ? -2.918  -6.407  1.164   1.00 49.77 ? 101 ILE A C   1 
ATOM   770  O  O   . ILE A 1 101 ? -3.182  -5.674  0.203   1.00 50.56 ? 101 ILE A O   1 
ATOM   771  C  CB  . ILE A 1 101 ? -1.782  -5.267  3.122   1.00 48.55 ? 101 ILE A CB  1 
ATOM   772  C  CG1 . ILE A 1 101 ? -2.024  -4.568  4.453   1.00 49.10 ? 101 ILE A CG1 1 
ATOM   773  C  CG2 . ILE A 1 101 ? -1.164  -4.232  2.130   1.00 47.61 ? 101 ILE A CG2 1 
ATOM   774  C  CD1 . ILE A 1 101 ? -3.126  -3.504  4.490   1.00 46.75 ? 101 ILE A CD1 1 
ATOM   775  N  N   . TYR A 1 102 ? -2.510  -7.671  1.021   1.00 49.54 ? 102 TYR A N   1 
ATOM   776  C  CA  . TYR A 1 102 ? -2.594  -8.348  -0.283  1.00 49.10 ? 102 TYR A CA  1 
ATOM   777  C  C   . TYR A 1 102 ? -3.962  -8.209  -0.956  1.00 49.26 ? 102 TYR A C   1 
ATOM   778  O  O   . TYR A 1 102 ? -4.039  -7.830  -2.134  1.00 48.06 ? 102 TYR A O   1 
ATOM   779  C  CB  . TYR A 1 102 ? -2.299  -9.829  -0.132  1.00 49.10 ? 102 TYR A CB  1 
ATOM   780  C  CG  . TYR A 1 102 ? -2.435  -10.607 -1.411  1.00 49.39 ? 102 TYR A CG  1 
ATOM   781  C  CD1 . TYR A 1 102 ? -1.561  -10.396 -2.476  1.00 49.37 ? 102 TYR A CD1 1 
ATOM   782  C  CD2 . TYR A 1 102 ? -3.412  -11.572 -1.542  1.00 51.01 ? 102 TYR A CD2 1 
ATOM   783  C  CE1 . TYR A 1 102 ? -1.680  -11.114 -3.643  1.00 50.17 ? 102 TYR A CE1 1 
ATOM   784  C  CE2 . TYR A 1 102 ? -3.554  -12.305 -2.714  1.00 50.06 ? 102 TYR A CE2 1 
ATOM   785  C  CZ  . TYR A 1 102 ? -2.675  -12.077 -3.755  1.00 50.56 ? 102 TYR A CZ  1 
ATOM   786  O  OH  . TYR A 1 102 ? -2.827  -12.810 -4.903  1.00 51.54 ? 102 TYR A OH  1 
ATOM   787  N  N   . ASN A 1 103 ? -5.030  -8.575  -0.241  1.00 49.10 ? 103 ASN A N   1 
ATOM   788  C  CA  . ASN A 1 103 ? -6.392  -8.527  -0.829  1.00 49.48 ? 103 ASN A CA  1 
ATOM   789  C  C   . ASN A 1 103 ? -6.778  -7.087  -1.175  1.00 49.16 ? 103 ASN A C   1 
ATOM   790  O  O   . ASN A 1 103 ? -7.433  -6.843  -2.171  1.00 48.41 ? 103 ASN A O   1 
ATOM   791  C  CB  . ASN A 1 103 ? -7.461  -9.150  0.100   1.00 49.97 ? 103 ASN A CB  1 
ATOM   792  C  CG  . ASN A 1 103 ? -7.294  -10.661 0.303   1.00 52.20 ? 103 ASN A CG  1 
ATOM   793  O  OD1 . ASN A 1 103 ? -7.641  -11.198 1.369   1.00 54.73 ? 103 ASN A OD1 1 
ATOM   794  N  ND2 . ASN A 1 103 ? -6.789  -11.353 -0.719  1.00 50.26 ? 103 ASN A ND2 1 
ATOM   795  N  N   . LEU A 1 104 ? -6.360  -6.129  -0.344  1.00 49.32 ? 104 LEU A N   1 
ATOM   796  C  CA  . LEU A 1 104 ? -6.605  -4.706  -0.595  1.00 49.12 ? 104 LEU A CA  1 
ATOM   797  C  C   . LEU A 1 104 ? -5.841  -4.243  -1.842  1.00 49.45 ? 104 LEU A C   1 
ATOM   798  O  O   . LEU A 1 104 ? -6.434  -3.627  -2.736  1.00 49.39 ? 104 LEU A O   1 
ATOM   799  C  CB  . LEU A 1 104 ? -6.208  -3.870  0.617   1.00 49.05 ? 104 LEU A CB  1 
ATOM   800  C  CG  . LEU A 1 104 ? -6.243  -2.366  0.479   1.00 49.64 ? 104 LEU A CG  1 
ATOM   801  C  CD1 . LEU A 1 104 ? -7.637  -1.920  0.174   1.00 49.25 ? 104 LEU A CD1 1 
ATOM   802  C  CD2 . LEU A 1 104 ? -5.661  -1.645  1.744   1.00 48.62 ? 104 LEU A CD2 1 
ATOM   803  N  N   . ALA A 1 105 ? -4.545  -4.557  -1.901  1.00 48.79 ? 105 ALA A N   1 
ATOM   804  C  CA  . ALA A 1 105 ? -3.740  -4.331  -3.096  1.00 49.64 ? 105 ALA A CA  1 
ATOM   805  C  C   . ALA A 1 105 ? -4.379  -4.912  -4.362  1.00 50.04 ? 105 ALA A C   1 
ATOM   806  O  O   . ALA A 1 105 ? -4.473  -4.218  -5.386  1.00 50.51 ? 105 ALA A O   1 
ATOM   807  C  CB  . ALA A 1 105 ? -2.354  -4.883  -2.912  1.00 48.67 ? 105 ALA A CB  1 
ATOM   808  N  N   . LYS A 1 106 ? -4.819  -6.168  -4.297  1.00 50.76 ? 106 LYS A N   1 
ATOM   809  C  CA  . LYS A 1 106 ? -5.502  -6.808  -5.437  1.00 51.30 ? 106 LYS A CA  1 
ATOM   810  C  C   . LYS A 1 106 ? -6.711  -5.989  -5.880  1.00 51.73 ? 106 LYS A C   1 
ATOM   811  O  O   . LYS A 1 106 ? -6.936  -5.750  -7.079  1.00 52.03 ? 106 LYS A O   1 
ATOM   812  C  CB  A LYS A 1 106 ? -5.863  -8.260  -5.113  0.50 51.85 ? 106 LYS A CB  1 
ATOM   813  C  CB  B LYS A 1 106 ? -6.049  -8.184  -5.028  0.50 51.81 ? 106 LYS A CB  1 
ATOM   814  C  CG  A LYS A 1 106 ? -4.697  -9.249  -5.342  0.50 51.65 ? 106 LYS A CG  1 
ATOM   815  C  CG  B LYS A 1 106 ? -5.113  -9.394  -5.101  0.50 51.79 ? 106 LYS A CG  1 
ATOM   816  C  CD  A LYS A 1 106 ? -4.559  -9.626  -6.826  0.50 52.59 ? 106 LYS A CD  1 
ATOM   817  C  CD  B LYS A 1 106 ? -5.868  -10.665 -4.595  0.50 51.73 ? 106 LYS A CD  1 
ATOM   818  C  CE  A LYS A 1 106 ? -3.531  -10.729 -7.058  0.50 52.12 ? 106 LYS A CE  1 
ATOM   819  C  CE  B LYS A 1 106 ? -5.912  -11.777 -5.645  0.50 52.77 ? 106 LYS A CE  1 
ATOM   820  N  NZ  A LYS A 1 106 ? -3.128  -10.846 -8.486  0.50 51.79 ? 106 LYS A NZ  1 
ATOM   821  N  NZ  B LYS A 1 106 ? -6.212  -13.132 -5.068  0.50 52.61 ? 106 LYS A NZ  1 
ATOM   822  N  N   . CYS A 1 107 ? -7.507  -5.582  -4.897  1.00 52.28 ? 107 CYS A N   1 
ATOM   823  C  CA  . CYS A 1 107 ? -8.717  -4.796  -5.133  1.00 51.61 ? 107 CYS A CA  1 
ATOM   824  C  C   . CYS A 1 107 ? -8.439  -3.413  -5.731  1.00 51.41 ? 107 CYS A C   1 
ATOM   825  O  O   . CYS A 1 107 ? -9.075  -3.017  -6.726  1.00 51.26 ? 107 CYS A O   1 
ATOM   826  C  CB  . CYS A 1 107 ? -9.516  -4.642  -3.839  1.00 51.35 ? 107 CYS A CB  1 
ATOM   827  S  SG  . CYS A 1 107 ? -11.139 -3.967  -4.120  1.00 53.73 ? 107 CYS A SG  1 
ATOM   828  N  N   . VAL A 1 108 ? -7.527  -2.671  -5.119  1.00 50.76 ? 108 VAL A N   1 
ATOM   829  C  CA  . VAL A 1 108 ? -7.228  -1.324  -5.582  1.00 51.13 ? 108 VAL A CA  1 
ATOM   830  C  C   . VAL A 1 108 ? -6.616  -1.318  -6.984  1.00 51.62 ? 108 VAL A C   1 
ATOM   831  O  O   . VAL A 1 108 ? -7.039  -0.522  -7.850  1.00 51.57 ? 108 VAL A O   1 
ATOM   832  C  CB  . VAL A 1 108 ? -6.321  -0.550  -4.596  1.00 50.62 ? 108 VAL A CB  1 
ATOM   833  C  CG1 . VAL A 1 108 ? -5.925  0.802   -5.180  1.00 50.83 ? 108 VAL A CG1 1 
ATOM   834  C  CG2 . VAL A 1 108 ? -7.036  -0.360  -3.278  1.00 49.09 ? 108 VAL A CG2 1 
ATOM   835  N  N   . GLN A 1 109 ? -5.650  -2.202  -7.237  1.00 51.65 ? 109 GLN A N   1 
ATOM   836  C  CA  . GLN A 1 109 ? -4.958  -2.204  -8.542  1.00 52.10 ? 109 GLN A CA  1 
ATOM   837  C  C   . GLN A 1 109 ? -5.909  -2.621  -9.673  1.00 52.38 ? 109 GLN A C   1 
ATOM   838  O  O   . GLN A 1 109 ? -5.825  -2.098  -10.793 1.00 53.00 ? 109 GLN A O   1 
ATOM   839  C  CB  . GLN A 1 109 ? -3.652  -3.045  -8.500  1.00 52.20 ? 109 GLN A CB  1 
ATOM   840  C  CG  . GLN A 1 109 ? -3.772  -4.497  -8.891  0.50 52.31 ? 109 GLN A CG  1 
ATOM   841  C  CD  . GLN A 1 109 ? -3.901  -4.715  -10.378 0.50 52.03 ? 109 GLN A CD  1 
ATOM   842  O  OE1 . GLN A 1 109 ? -4.685  -5.546  -10.806 0.50 52.89 ? 109 GLN A OE1 1 
ATOM   843  N  NE2 . GLN A 1 109 ? -3.140  -3.973  -11.174 0.50 54.16 ? 109 GLN A NE2 1 
ATOM   844  N  N   . GLU A 1 110 ? -6.821  -3.545  -9.372  1.00 52.55 ? 110 GLU A N   1 
ATOM   845  C  CA  . GLU A 1 110 ? -7.876  -3.948  -10.306 1.00 52.31 ? 110 GLU A CA  1 
ATOM   846  C  C   . GLU A 1 110 ? -8.847  -2.793  -10.516 1.00 52.41 ? 110 GLU A C   1 
ATOM   847  O  O   . GLU A 1 110 ? -9.255  -2.510  -11.644 1.00 52.37 ? 110 GLU A O   1 
ATOM   848  C  CB  . GLU A 1 110 ? -8.601  -5.197  -9.781  1.00 52.27 ? 110 GLU A CB  1 
ATOM   849  C  CG  . GLU A 1 110 ? -9.919  -5.562  -10.473 0.50 52.66 ? 110 GLU A CG  1 
ATOM   850  C  CD  . GLU A 1 110 ? -11.148 -5.033  -9.736  0.50 53.55 ? 110 GLU A CD  1 
ATOM   851  O  OE1 . GLU A 1 110 ? -11.228 -5.186  -8.490  0.50 55.24 ? 110 GLU A OE1 1 
ATOM   852  O  OE2 . GLU A 1 110 ? -12.033 -4.466  -10.404 0.50 53.17 ? 110 GLU A OE2 1 
ATOM   853  N  N   . SER A 1 111 ? -9.211  -2.121  -9.430  1.00 52.53 ? 111 SER A N   1 
ATOM   854  C  CA  . SER A 1 111 ? -10.130 -0.985  -9.517  1.00 52.78 ? 111 SER A CA  1 
ATOM   855  C  C   . SER A 1 111 ? -9.530  0.260   -10.157 1.00 52.82 ? 111 SER A C   1 
ATOM   856  O  O   . SER A 1 111 ? -10.271 1.070   -10.693 1.00 52.17 ? 111 SER A O   1 
ATOM   857  C  CB  . SER A 1 111 ? -10.656 -0.605  -8.138  1.00 52.88 ? 111 SER A CB  1 
ATOM   858  O  OG  . SER A 1 111 ? -11.354 -1.685  -7.550  1.00 54.15 ? 111 SER A OG  1 
ATOM   859  N  N   . ALA A 1 112 ? -8.210  0.440   -10.094 1.00 52.87 ? 112 ALA A N   1 
ATOM   860  C  CA  . ALA A 1 112 ? -7.591  1.659   -10.648 1.00 53.36 ? 112 ALA A CA  1 
ATOM   861  C  C   . ALA A 1 112 ? -6.137  1.445   -11.061 1.00 53.51 ? 112 ALA A C   1 
ATOM   862  O  O   . ALA A 1 112 ? -5.230  1.889   -10.361 1.00 54.11 ? 112 ALA A O   1 
ATOM   863  C  CB  . ALA A 1 112 ? -7.694  2.807   -9.642  1.00 53.22 ? 112 ALA A CB  1 
ATOM   864  N  N   . PRO A 1 113 ? -5.911  0.754   -12.196 1.00 53.65 ? 113 PRO A N   1 
ATOM   865  C  CA  . PRO A 1 113 ? -4.555  0.369   -12.615 1.00 53.87 ? 113 PRO A CA  1 
ATOM   866  C  C   . PRO A 1 113 ? -3.605  1.508   -13.068 1.00 54.09 ? 113 PRO A C   1 
ATOM   867  O  O   . PRO A 1 113 ? -2.392  1.411   -12.853 1.00 54.74 ? 113 PRO A O   1 
ATOM   868  C  CB  . PRO A 1 113 ? -4.808  -0.630  -13.754 1.00 53.90 ? 113 PRO A CB  1 
ATOM   869  C  CG  . PRO A 1 113 ? -6.154  -0.289  -14.281 1.00 53.80 ? 113 PRO A CG  1 
ATOM   870  C  CD  . PRO A 1 113 ? -6.941  0.258   -13.129 1.00 53.85 ? 113 PRO A CD  1 
ATOM   871  N  N   . ASP A 1 114 ? -4.122  2.564   -13.685 1.00 53.97 ? 114 ASP A N   1 
ATOM   872  C  CA  . ASP A 1 114 ? -3.237  3.614   -14.206 1.00 54.11 ? 114 ASP A CA  1 
ATOM   873  C  C   . ASP A 1 114 ? -2.722  4.555   -13.110 1.00 54.16 ? 114 ASP A C   1 
ATOM   874  O  O   . ASP A 1 114 ? -1.822  5.361   -13.357 1.00 54.59 ? 114 ASP A O   1 
ATOM   875  C  CB  . ASP A 1 114 ? -3.906  4.409   -15.348 1.00 53.98 ? 114 ASP A CB  1 
ATOM   876  C  CG  . ASP A 1 114 ? -4.987  5.366   -14.863 1.00 53.87 ? 114 ASP A CG  1 
ATOM   877  O  OD1 . ASP A 1 114 ? -5.734  5.009   -13.926 1.00 53.32 ? 114 ASP A OD1 1 
ATOM   878  O  OD2 . ASP A 1 114 ? -5.099  6.473   -15.442 1.00 56.02 ? 114 ASP A OD2 1 
ATOM   879  N  N   . VAL A 1 115 ? -3.292  4.443   -11.914 1.00 54.18 ? 115 VAL A N   1 
ATOM   880  C  CA  . VAL A 1 115 ? -2.843  5.236   -10.775 1.00 54.21 ? 115 VAL A CA  1 
ATOM   881  C  C   . VAL A 1 115 ? -2.066  4.382   -9.779  1.00 54.34 ? 115 VAL A C   1 
ATOM   882  O  O   . VAL A 1 115 ? -1.302  4.902   -8.965  1.00 54.57 ? 115 VAL A O   1 
ATOM   883  C  CB  . VAL A 1 115 ? -4.027  5.903   -10.051 1.00 54.40 ? 115 VAL A CB  1 
ATOM   884  C  CG1 . VAL A 1 115 ? -4.996  4.851   -9.537  1.00 54.34 ? 115 VAL A CG1 1 
ATOM   885  C  CG2 . VAL A 1 115 ? -3.527  6.779   -8.912  1.00 55.41 ? 115 VAL A CG2 1 
ATOM   886  N  N   . TRP A 1 116 ? -2.266  3.070   -9.850  1.00 54.16 ? 116 TRP A N   1 
ATOM   887  C  CA  . TRP A 1 116 ? -1.657  2.146   -8.895  1.00 54.25 ? 116 TRP A CA  1 
ATOM   888  C  C   . TRP A 1 116 ? -0.129  2.263   -8.846  1.00 54.20 ? 116 TRP A C   1 
ATOM   889  O  O   . TRP A 1 116 ? 0.521   2.323   -9.880  1.00 54.32 ? 116 TRP A O   1 
ATOM   890  C  CB  . TRP A 1 116 ? -2.050  0.714   -9.263  1.00 53.97 ? 116 TRP A CB  1 
ATOM   891  C  CG  . TRP A 1 116 ? -1.323  -0.328  -8.494  1.00 53.73 ? 116 TRP A CG  1 
ATOM   892  C  CD1 . TRP A 1 116 ? -0.359  -1.165  -8.964  1.00 52.99 ? 116 TRP A CD1 1 
ATOM   893  C  CD2 . TRP A 1 116 ? -1.495  -0.641  -7.113  1.00 53.04 ? 116 TRP A CD2 1 
ATOM   894  N  NE1 . TRP A 1 116 ? 0.076   -1.988  -7.961  1.00 52.82 ? 116 TRP A NE1 1 
ATOM   895  C  CE2 . TRP A 1 116 ? -0.612  -1.697  -6.815  1.00 53.72 ? 116 TRP A CE2 1 
ATOM   896  C  CE3 . TRP A 1 116 ? -2.321  -0.146  -6.101  1.00 53.15 ? 116 TRP A CE3 1 
ATOM   897  C  CZ2 . TRP A 1 116 ? -0.519  -2.260  -5.536  1.00 53.42 ? 116 TRP A CZ2 1 
ATOM   898  C  CZ3 . TRP A 1 116 ? -2.233  -0.707  -4.844  1.00 53.63 ? 116 TRP A CZ3 1 
ATOM   899  C  CH2 . TRP A 1 116 ? -1.325  -1.747  -4.567  1.00 53.29 ? 116 TRP A CH2 1 
ATOM   900  N  N   . PHE A 1 117 ? 0.431   2.316   -7.638  1.00 54.64 ? 117 PHE A N   1 
ATOM   901  C  CA  . PHE A 1 117 ? 1.877   2.153   -7.441  1.00 54.67 ? 117 PHE A CA  1 
ATOM   902  C  C   . PHE A 1 117 ? 2.205   1.819   -5.979  1.00 54.65 ? 117 PHE A C   1 
ATOM   903  O  O   . PHE A 1 117 ? 1.363   1.987   -5.106  1.00 54.66 ? 117 PHE A O   1 
ATOM   904  C  CB  . PHE A 1 117 ? 2.639   3.390   -7.927  1.00 55.69 ? 117 PHE A CB  1 
ATOM   905  C  CG  . PHE A 1 117 ? 3.093   4.316   -6.835  1.00 55.82 ? 117 PHE A CG  1 
ATOM   906  C  CD1 . PHE A 1 117 ? 2.215   4.744   -5.844  1.00 58.12 ? 117 PHE A CD1 1 
ATOM   907  C  CD2 . PHE A 1 117 ? 4.402   4.787   -6.824  1.00 56.50 ? 117 PHE A CD2 1 
ATOM   908  C  CE1 . PHE A 1 117 ? 2.639   5.616   -4.842  1.00 58.00 ? 117 PHE A CE1 1 
ATOM   909  C  CE2 . PHE A 1 117 ? 4.841   5.659   -5.845  1.00 57.14 ? 117 PHE A CE2 1 
ATOM   910  C  CZ  . PHE A 1 117 ? 3.958   6.078   -4.846  1.00 58.14 ? 117 PHE A CZ  1 
ATOM   911  N  N   . VAL A 1 118 ? 3.428   1.340   -5.743  1.00 54.27 ? 118 VAL A N   1 
ATOM   912  C  CA  . VAL A 1 118 ? 3.937   0.988   -4.411  1.00 53.82 ? 118 VAL A CA  1 
ATOM   913  C  C   . VAL A 1 118 ? 5.409   1.441   -4.312  1.00 53.64 ? 118 VAL A C   1 
ATOM   914  O  O   . VAL A 1 118 ? 6.190   1.209   -5.240  1.00 53.75 ? 118 VAL A O   1 
ATOM   915  C  CB  . VAL A 1 118 ? 3.822   -0.557  -4.166  1.00 54.20 ? 118 VAL A CB  1 
ATOM   916  C  CG1 . VAL A 1 118 ? 4.441   -0.963  -2.822  1.00 52.88 ? 118 VAL A CG1 1 
ATOM   917  C  CG2 . VAL A 1 118 ? 2.372   -1.008  -4.208  1.00 54.41 ? 118 VAL A CG2 1 
ATOM   918  N  N   . ILE A 1 119 ? 5.794   2.125   -3.233  1.00 53.34 ? 119 ILE A N   1 
ATOM   919  C  CA  . ILE A 1 119 ? 7.196   2.554   -3.081  1.00 52.93 ? 119 ILE A CA  1 
ATOM   920  C  C   . ILE A 1 119 ? 8.035   1.527   -2.330  1.00 52.72 ? 119 ILE A C   1 
ATOM   921  O  O   . ILE A 1 119 ? 7.609   0.956   -1.319  1.00 51.80 ? 119 ILE A O   1 
ATOM   922  C  CB  . ILE A 1 119 ? 7.349   3.905   -2.347  1.00 52.78 ? 119 ILE A CB  1 
ATOM   923  C  CG1 . ILE A 1 119 ? 6.425   4.961   -2.951  1.00 53.36 ? 119 ILE A CG1 1 
ATOM   924  C  CG2 . ILE A 1 119 ? 8.787   4.389   -2.449  1.00 53.68 ? 119 ILE A CG2 1 
ATOM   925  C  CD1 . ILE A 1 119 ? 6.971   6.375   -2.894  1.00 52.56 ? 119 ILE A CD1 1 
ATOM   926  O  OXT . ILE A 1 119 ? 9.179   1.281   -2.711  1.00 52.89 ? 119 ILE A OXT 1 
HETATM 927  CL CL  . CL  B 2 .   ? -10.467 -1.342  6.525   1.00 59.81 ? 120 CL  A CL  1 
HETATM 928  C  C1  . PLM C 3 .   ? 4.171   10.872  3.290   1.00 75.43 ? 121 PLM A C1  1 
HETATM 929  O  O1  . PLM C 3 .   ? 3.988   11.847  2.499   1.00 77.11 ? 121 PLM A O1  1 
HETATM 930  O  O2  . PLM C 3 .   ? 5.024   10.880  4.204   1.00 77.56 ? 121 PLM A O2  1 
HETATM 931  C  C2  . PLM C 3 .   ? 3.344   9.611   3.160   1.00 73.06 ? 121 PLM A C2  1 
HETATM 932  C  C3  . PLM C 3 .   ? 4.246   8.480   2.691   1.00 71.15 ? 121 PLM A C3  1 
HETATM 933  C  C4  . PLM C 3 .   ? 3.616   7.113   2.903   1.00 70.42 ? 121 PLM A C4  1 
HETATM 934  C  C5  . PLM C 3 .   ? 3.520   6.315   1.612   1.00 69.72 ? 121 PLM A C5  1 
HETATM 935  C  C6  . PLM C 3 .   ? 3.472   4.816   1.876   1.00 69.06 ? 121 PLM A C6  1 
HETATM 936  C  C7  . PLM C 3 .   ? 2.937   4.061   0.660   1.00 69.25 ? 121 PLM A C7  1 
HETATM 937  C  C8  . PLM C 3 .   ? 2.731   2.583   1.001   1.00 68.81 ? 121 PLM A C8  1 
HETATM 938  C  C9  . PLM C 3 .   ? 2.864   1.629   -0.195  1.00 67.66 ? 121 PLM A C9  1 
HETATM 939  C  CA  . PLM C 3 .   ? 2.343   0.228   0.168   1.00 66.65 ? 121 PLM A CA  1 
HETATM 940  C  CB  . PLM C 3 .   ? 1.402   -0.350  -0.885  1.00 66.24 ? 121 PLM A CB  1 
HETATM 941  C  CC  . PLM C 3 .   ? -0.081  -0.028  -0.676  1.00 66.57 ? 121 PLM A CC  1 
HETATM 942  C  CD  . PLM C 3 .   ? -0.966  -1.279  -0.548  1.00 66.50 ? 121 PLM A CD  1 
HETATM 943  C  CE  . PLM C 3 .   ? -2.355  -1.076  -1.131  1.00 66.02 ? 121 PLM A CE  1 
HETATM 944  C  CF  . PLM C 3 .   ? -3.175  0.020   -0.452  1.00 67.02 ? 121 PLM A CF  1 
HETATM 945  C  CG  . PLM C 3 .   ? -3.378  1.212   -1.349  1.00 66.87 ? 121 PLM A CG  1 
HETATM 946  O  O   . HOH D 4 .   ? 11.908  -12.275 -3.992  0.50 42.46 ? 122 HOH A O   1 
HETATM 947  O  O   . HOH D 4 .   ? 12.067  -12.214 -1.029  0.50 41.62 ? 123 HOH A O   1 
HETATM 948  O  O   . HOH D 4 .   ? 15.749  -7.881  2.241   1.00 40.10 ? 124 HOH A O   1 
HETATM 949  O  O   . HOH D 4 .   ? 8.817   -12.354 5.207   1.00 40.58 ? 125 HOH A O   1 
HETATM 950  O  O   . HOH D 4 .   ? 16.194  -9.070  4.877   1.00 35.84 ? 126 HOH A O   1 
HETATM 951  O  O   . HOH D 4 .   ? 0.286   -12.486 2.741   1.00 43.16 ? 127 HOH A O   1 
HETATM 952  O  O   . HOH D 4 .   ? 18.431  -8.328  5.833   1.00 49.72 ? 128 HOH A O   1 
HETATM 953  O  O   . HOH D 4 .   ? -5.613  -8.798  11.195  1.00 45.81 ? 129 HOH A O   1 
HETATM 954  O  O   . HOH D 4 .   ? 11.102  6.923   6.537   1.00 45.72 ? 130 HOH A O   1 
HETATM 955  O  O   . HOH D 4 .   ? 15.559  3.199   1.591   1.00 49.91 ? 131 HOH A O   1 
HETATM 956  O  O   . HOH D 4 .   ? 7.579   -11.080 7.292   1.00 46.17 ? 132 HOH A O   1 
HETATM 957  O  O   . HOH D 4 .   ? -1.574  -10.322 11.700  1.00 49.19 ? 133 HOH A O   1 
HETATM 958  O  O   . HOH D 4 .   ? 1.885   -8.638  -3.907  1.00 48.50 ? 134 HOH A O   1 
HETATM 959  O  O   . HOH D 4 .   ? 17.342  -5.542  2.800   1.00 50.40 ? 135 HOH A O   1 
HETATM 960  O  O   . HOH D 4 .   ? -0.576  -15.599 -4.758  1.00 55.62 ? 136 HOH A O   1 
HETATM 961  O  O   . HOH D 4 .   ? 16.880  -2.930  3.652   1.00 46.47 ? 137 HOH A O   1 
HETATM 962  O  O   . HOH D 4 .   ? 16.754  -5.191  -3.227  1.00 51.48 ? 138 HOH A O   1 
HETATM 963  O  O   . HOH D 4 .   ? -6.641  2.932   10.779  1.00 49.84 ? 139 HOH A O   1 
HETATM 964  O  O   . HOH D 4 .   ? -5.855  -14.185 -0.112  1.00 57.11 ? 140 HOH A O   1 
HETATM 965  O  O   . HOH D 4 .   ? 3.538   -8.187  9.971   1.00 59.06 ? 141 HOH A O   1 
HETATM 966  O  O   . HOH D 4 .   ? 16.195  -6.939  -6.233  1.00 49.18 ? 142 HOH A O   1 
HETATM 967  O  O   . HOH D 4 .   ? 4.627   -6.324  8.452   1.00 45.69 ? 143 HOH A O   1 
HETATM 968  O  O   . HOH D 4 .   ? -4.398  4.332   11.826  1.00 63.36 ? 144 HOH A O   1 
HETATM 969  O  O   . HOH D 4 .   ? -11.165 5.608   8.395   1.00 65.22 ? 145 HOH A O   1 
HETATM 970  O  O   . HOH D 4 .   ? -2.082  -16.048 3.334   1.00 54.66 ? 146 HOH A O   1 
HETATM 971  O  O   . HOH D 4 .   ? 6.029   -8.904  -5.888  1.00 46.89 ? 147 HOH A O   1 
HETATM 972  O  O   . HOH D 4 .   ? 16.881  -5.853  -0.399  1.00 59.54 ? 148 HOH A O   1 
HETATM 973  O  O   . HOH D 4 .   ? 0.036   -14.242 4.846   1.00 56.75 ? 149 HOH A O   1 
HETATM 974  O  O   . HOH D 4 .   ? 13.480  -3.490  12.548  1.00 49.90 ? 150 HOH A O   1 
HETATM 975  O  O   . HOH D 4 .   ? 12.454  3.148   10.336  1.00 56.33 ? 151 HOH A O   1 
HETATM 976  O  O   . HOH D 4 .   ? 1.429   -7.287  11.766  1.00 62.19 ? 152 HOH A O   1 
HETATM 977  O  O   . HOH D 4 .   ? -0.864  -1.040  -12.422 1.00 68.14 ? 153 HOH A O   1 
HETATM 978  O  O   . HOH D 4 .   ? -0.460  -2.328  -15.190 1.00 68.90 ? 154 HOH A O   1 
HETATM 979  O  O   . HOH D 4 .   ? 7.624   -10.609 -7.180  1.00 56.22 ? 155 HOH A O   1 
HETATM 980  O  O   . HOH D 4 .   ? 11.643  -11.028 -8.125  1.00 55.56 ? 156 HOH A O   1 
HETATM 981  O  O   . HOH D 4 .   ? -10.524 -10.645 10.589  0.50 46.97 ? 157 HOH A O   1 
HETATM 982  O  O   . HOH D 4 .   ? -3.538  -16.529 -2.994  1.00 71.21 ? 158 HOH A O   1 
HETATM 983  O  O   . HOH D 4 .   ? -1.709  -18.152 -0.914  1.00 58.85 ? 159 HOH A O   1 
HETATM 984  O  O   . HOH D 4 .   ? 15.324  -3.976  10.691  1.00 62.95 ? 160 HOH A O   1 
HETATM 985  O  O   . HOH D 4 .   ? -8.072  2.311   13.130  1.00 49.99 ? 161 HOH A O   1 
HETATM 986  O  O   . HOH D 4 .   ? -8.474  -6.532  2.186   1.00 46.68 ? 162 HOH A O   1 
HETATM 987  O  O   . HOH D 4 .   ? -9.158  -6.052  9.759   1.00 55.36 ? 163 HOH A O   1 
HETATM 988  O  O   . HOH D 4 .   ? 16.316  2.111   8.215   1.00 49.98 ? 164 HOH A O   1 
HETATM 989  O  O   . HOH D 4 .   ? 16.893  -5.422  -8.236  1.00 65.18 ? 165 HOH A O   1 
HETATM 990  O  O   . HOH D 4 .   ? 17.483  -0.414  7.919   1.00 60.16 ? 166 HOH A O   1 
HETATM 991  O  O   . HOH D 4 .   ? 12.902  5.764   -0.767  1.00 57.64 ? 167 HOH A O   1 
HETATM 992  O  O   . HOH D 4 .   ? 13.546  8.750   5.446   1.00 57.21 ? 168 HOH A O   1 
HETATM 993  O  O   . HOH D 4 .   ? 15.904  0.684   0.577   1.00 54.61 ? 169 HOH A O   1 
HETATM 994  O  O   . HOH D 4 .   ? 15.117  4.590   -0.614  1.00 56.75 ? 170 HOH A O   1 
HETATM 995  O  O   . HOH D 4 .   ? 1.270   10.224  7.789   1.00 57.54 ? 171 HOH A O   1 
HETATM 996  O  O   . HOH D 4 .   ? 15.704  -0.645  -2.640  1.00 54.15 ? 172 HOH A O   1 
HETATM 997  O  O   . HOH D 4 .   ? 1.244   -4.080  13.651  0.50 48.64 ? 173 HOH A O   1 
HETATM 998  O  O   . HOH D 4 .   ? 15.747  -6.350  10.065  1.00 58.20 ? 174 HOH A O   1 
HETATM 999  O  O   . HOH D 4 .   ? 16.738  -1.653  9.778   1.00 61.82 ? 175 HOH A O   1 
HETATM 1000 O  O   . HOH D 4 .   ? -9.970  -5.202  0.044   1.00 48.96 ? 176 HOH A O   1 
HETATM 1001 O  O   . HOH D 4 .   ? -11.887 -6.446  0.895   1.00 70.43 ? 177 HOH A O   1 
HETATM 1002 O  O   . HOH D 4 .   ? 9.477   -10.232 -8.341  1.00 68.80 ? 178 HOH A O   1 
HETATM 1003 O  O   . HOH D 4 .   ? -4.339  -14.799 -4.782  1.00 71.63 ? 179 HOH A O   1 
HETATM 1004 O  O   . HOH D 4 .   ? 17.143  -1.432  1.388   1.00 54.74 ? 180 HOH A O   1 
HETATM 1005 O  O   . HOH D 4 .   ? 6.973   -11.719 -4.516  1.00 43.24 ? 181 HOH A O   1 
HETATM 1006 O  O   . HOH D 4 .   ? 10.231  -13.680 -5.524  1.00 42.21 ? 182 HOH A O   1 
HETATM 1007 O  O   . HOH D 4 .   ? 6.607   -15.302 -6.040  1.00 55.02 ? 183 HOH A O   1 
HETATM 1008 O  O   . HOH D 4 .   ? 7.890   -13.447 -5.861  1.00 57.38 ? 184 HOH A O   1 
HETATM 1009 O  O   . HOH D 4 .   ? 2.406   6.339   -10.877 1.00 76.24 ? 185 HOH A O   1 
HETATM 1010 O  O   . HOH D 4 .   ? 17.711  -3.356  -0.565  1.00 62.01 ? 186 HOH A O   1 
HETATM 1011 O  O   . HOH D 4 .   ? 17.367  -2.271  -2.741  1.00 63.81 ? 187 HOH A O   1 
HETATM 1012 O  O   . HOH D 4 .   ? -3.418  0.214   16.814  1.00 37.50 ? 188 HOH A O   1 
HETATM 1013 O  O   . HOH D 4 .   ? 17.944  5.178   4.569   1.00 69.83 ? 189 HOH A O   1 
HETATM 1014 O  O   . HOH D 4 .   ? 18.072  4.017   7.028   1.00 66.97 ? 190 HOH A O   1 
HETATM 1015 O  O   . HOH D 4 .   ? 12.555  -9.246  11.153  1.00 61.54 ? 191 HOH A O   1 
HETATM 1016 O  O   . HOH D 4 .   ? 14.510  -11.158 7.758   1.00 55.03 ? 192 HOH A O   1 
HETATM 1017 O  O   . HOH D 4 .   ? 12.507  -12.044 7.036   0.50 45.80 ? 193 HOH A O   1 
HETATM 1018 O  O   . HOH D 4 .   ? 8.571   -13.939 -9.668  1.00 63.44 ? 194 HOH A O   1 
HETATM 1019 O  O   . HOH D 4 .   ? 3.978   -9.830  -16.308 1.00 78.74 ? 195 HOH A O   1 
HETATM 1020 O  O   . HOH D 4 .   ? -7.181  2.845   -0.587  1.00 73.92 ? 196 HOH A O   1 
HETATM 1021 O  O   . HOH D 4 .   ? -5.254  4.909   -6.438  1.00 72.92 ? 197 HOH A O   1 
HETATM 1022 O  O   . HOH D 4 .   ? 15.421  -9.216  9.371   1.00 65.97 ? 198 HOH A O   1 
HETATM 1023 O  O   . HOH D 4 .   ? 16.091  0.129   11.877  1.00 68.77 ? 199 HOH A O   1 
HETATM 1024 O  O   . HOH D 4 .   ? 10.457  2.123   -5.288  1.00 64.49 ? 200 HOH A O   1 
HETATM 1025 O  O   . HOH D 4 .   ? 8.799   -11.932 -11.279 1.00 68.22 ? 201 HOH A O   1 
HETATM 1026 O  O   . HOH D 4 .   ? 7.765   -14.493 0.957   1.00 31.79 ? 202 HOH A O   1 
HETATM 1027 O  O   . HOH D 4 .   ? -10.981 -10.449 -1.066  1.00 67.76 ? 203 HOH A O   1 
# 
